data_9IFN
#
_entry.id   9IFN
#
_cell.length_a   102.752
_cell.length_b   64.007
_cell.length_c   170.892
_cell.angle_alpha   90.000
_cell.angle_beta   97.505
_cell.angle_gamma   90.000
#
_symmetry.space_group_name_H-M   'P 1 21 1'
#
loop_
_entity.id
_entity.type
_entity.pdbx_description
1 polymer 'Trypanothione reductase'
2 non-polymer 'FLAVIN-ADENINE DINUCLEOTIDE'
3 non-polymer IMIDAZOLE
4 non-polymer DI(HYDROXYETHYL)ETHER
5 non-polymer 1-[(2~{S},3~{a}~{R},6~{a}~{R})-2-methyl-3,3~{a},4,5,6,6~{a}-hexahydro-2~{H}-pyrrolo[3,4-b]pyrrol-1-yl]-2,2-dimethyl-propan-1-one
6 non-polymer 'BROMIDE ION'
7 non-polymer 'SODIUM ION'
8 water water
#
_entity_poly.entity_id   1
_entity_poly.type   'polypeptide(L)'
_entity_poly.pdbx_seq_one_letter_code
;GSHMSKAFDLVVIGAGSGGLEAGWNAATLYGKRVAVVDVQTSHGPPFYAALGGTCVNVGCVPKKLMVTGAQYMDHLRESA
GFGWEFDGSSVKANWKKLIAAKNEAVLDINKSYEGMFNDTEGLDFFLGWGSLESKNVVVVRETADPKSAVKERLQADHIL
LATGSWPQMPAIPGIEHCISSNEAFYLPEPPRRVLTVGGGFISVEFAGIFNAYKPPGGKVTLCYRNNLILRGFDETIREE
VTKQLTANGIEIMTNENPAKVSLNTDGSKHVTFESGKTLDVDVVMMAIGRIPRTNDLQLGNVGVKLTPKGGVQVDEFSRT
NVPNIYAIGDITDRLMLTPVAINEGAALVDTVFGNKPRKTDHTRVASAVFSIPPIGTCGLIEEVAAKEFEKVAVYMSSFT
PLMHNISGSKYKKFVAKIVTNHSDGTVLGVHLLGDGAPEIIQAVGVCLRLNAKISDFYNTIGVHPTSAEELCSMRTPSYY
YVKGEKMEKLPDSNL
;
_entity_poly.pdbx_strand_id   A,B,C,D
#
# COMPACT_ATOMS: atom_id res chain seq x y z
N HIS A 3 -16.81 -42.99 -14.63
CA HIS A 3 -16.86 -42.65 -13.20
C HIS A 3 -18.04 -41.71 -12.87
N MET A 4 -18.81 -42.03 -11.82
CA MET A 4 -20.06 -41.34 -11.49
C MET A 4 -19.88 -40.41 -10.31
N SER A 5 -20.66 -39.32 -10.32
CA SER A 5 -20.75 -38.49 -9.13
C SER A 5 -21.46 -39.25 -8.01
N LYS A 6 -21.24 -38.79 -6.79
CA LYS A 6 -21.79 -39.42 -5.60
C LYS A 6 -22.77 -38.47 -4.95
N ALA A 7 -23.85 -39.02 -4.38
CA ALA A 7 -24.95 -38.22 -3.83
C ALA A 7 -24.96 -38.27 -2.30
N PHE A 8 -25.30 -37.14 -1.68
CA PHE A 8 -25.26 -37.03 -0.23
C PHE A 8 -26.40 -36.16 0.29
N ASP A 9 -26.73 -36.35 1.56
CA ASP A 9 -27.66 -35.47 2.25
C ASP A 9 -26.99 -34.13 2.58
N LEU A 10 -25.78 -34.18 3.11
CA LEU A 10 -25.02 -32.99 3.46
C LEU A 10 -23.61 -33.14 2.94
N VAL A 11 -23.11 -32.14 2.24
CA VAL A 11 -21.70 -32.02 1.93
C VAL A 11 -21.16 -30.90 2.80
N VAL A 12 -20.04 -31.16 3.46
CA VAL A 12 -19.34 -30.19 4.31
C VAL A 12 -18.03 -29.84 3.63
N ILE A 13 -17.78 -28.54 3.45
CA ILE A 13 -16.50 -28.09 2.91
C ILE A 13 -15.65 -27.60 4.07
N GLY A 14 -14.60 -28.35 4.40
CA GLY A 14 -13.77 -28.04 5.54
C GLY A 14 -13.97 -29.00 6.70
N ALA A 15 -13.00 -29.88 6.93
CA ALA A 15 -13.06 -30.90 7.97
C ALA A 15 -12.43 -30.39 9.26
N GLY A 16 -12.89 -29.23 9.74
CA GLY A 16 -12.33 -28.56 10.89
C GLY A 16 -13.19 -28.73 12.12
N SER A 17 -13.10 -27.76 13.04
CA SER A 17 -13.79 -27.90 14.31
C SER A 17 -15.30 -27.98 14.11
N GLY A 18 -15.86 -27.07 13.33
CA GLY A 18 -17.29 -27.03 13.13
C GLY A 18 -17.78 -28.09 12.18
N GLY A 19 -17.07 -28.23 11.06
CA GLY A 19 -17.52 -29.13 10.02
C GLY A 19 -17.48 -30.58 10.44
N LEU A 20 -16.51 -30.95 11.27
CA LEU A 20 -16.47 -32.34 11.75
C LEU A 20 -17.61 -32.59 12.74
N GLU A 21 -17.89 -31.63 13.61
CA GLU A 21 -18.99 -31.78 14.55
C GLU A 21 -20.32 -31.98 13.82
N ALA A 22 -20.58 -31.13 12.83
CA ALA A 22 -21.80 -31.23 12.04
C ALA A 22 -21.86 -32.55 11.28
N GLY A 23 -20.74 -32.99 10.74
CA GLY A 23 -20.75 -34.20 9.93
C GLY A 23 -20.95 -35.46 10.76
N TRP A 24 -20.13 -35.63 11.79
CA TRP A 24 -20.29 -36.76 12.72
C TRP A 24 -21.72 -36.87 13.24
N ASN A 25 -22.28 -35.75 13.71
CA ASN A 25 -23.61 -35.76 14.31
C ASN A 25 -24.70 -36.11 13.29
N ALA A 26 -24.64 -35.54 12.09
CA ALA A 26 -25.66 -35.83 11.09
C ALA A 26 -25.67 -37.31 10.75
N ALA A 27 -24.49 -37.93 10.63
CA ALA A 27 -24.39 -39.32 10.22
C ALA A 27 -24.75 -40.27 11.37
N THR A 28 -24.18 -40.05 12.55
CA THR A 28 -24.32 -41.01 13.63
C THR A 28 -25.57 -40.81 14.48
N LEU A 29 -26.01 -39.57 14.67
CA LEU A 29 -27.22 -39.34 15.43
C LEU A 29 -28.49 -39.47 14.59
N TYR A 30 -28.45 -39.11 13.30
CA TYR A 30 -29.67 -39.01 12.51
C TYR A 30 -29.64 -39.82 11.22
N GLY A 31 -28.61 -40.62 11.00
CA GLY A 31 -28.62 -41.53 9.87
C GLY A 31 -28.46 -40.90 8.50
N LYS A 32 -27.95 -39.67 8.40
CA LYS A 32 -27.78 -39.09 7.09
C LYS A 32 -26.48 -39.56 6.44
N ARG A 33 -26.41 -39.36 5.13
CA ARG A 33 -25.21 -39.63 4.36
C ARG A 33 -24.47 -38.32 4.17
N VAL A 34 -23.21 -38.29 4.58
CA VAL A 34 -22.45 -37.05 4.71
C VAL A 34 -21.13 -37.20 3.95
N ALA A 35 -20.75 -36.16 3.23
CA ALA A 35 -19.43 -36.05 2.63
C ALA A 35 -18.70 -34.86 3.25
N VAL A 36 -17.43 -35.04 3.59
CA VAL A 36 -16.61 -33.96 4.14
C VAL A 36 -15.36 -33.83 3.27
N VAL A 37 -15.02 -32.58 2.89
CA VAL A 37 -13.89 -32.26 2.03
C VAL A 37 -12.82 -31.53 2.83
N ASP A 38 -11.54 -31.93 2.63
CA ASP A 38 -10.42 -31.12 3.11
C ASP A 38 -9.23 -31.29 2.18
N VAL A 39 -8.31 -30.33 2.25
CA VAL A 39 -7.18 -30.24 1.31
C VAL A 39 -5.98 -31.12 1.65
N GLN A 40 -5.94 -31.71 2.83
CA GLN A 40 -4.72 -32.35 3.31
C GLN A 40 -5.07 -33.27 4.46
N THR A 41 -4.40 -34.43 4.53
CA THR A 41 -4.80 -35.42 5.52
C THR A 41 -4.08 -35.24 6.86
N SER A 42 -2.93 -34.58 6.90
CA SER A 42 -2.20 -34.39 8.14
C SER A 42 -1.53 -33.02 8.16
N HIS A 43 -1.04 -32.64 9.34
CA HIS A 43 -0.62 -31.27 9.63
C HIS A 43 0.60 -30.84 8.82
N GLY A 44 0.72 -29.51 8.64
CA GLY A 44 1.95 -28.89 8.22
C GLY A 44 2.00 -28.42 6.77
N PRO A 45 3.17 -28.00 6.31
CA PRO A 45 3.29 -27.53 4.94
C PRO A 45 2.93 -28.63 3.97
N PRO A 46 2.42 -28.25 2.78
CA PRO A 46 2.21 -26.89 2.26
C PRO A 46 0.99 -26.15 2.79
N PHE A 47 -0.08 -26.81 3.22
CA PHE A 47 -1.32 -26.10 3.45
C PHE A 47 -1.62 -25.84 4.91
N TYR A 48 -0.78 -26.37 5.82
CA TYR A 48 -0.78 -26.12 7.27
C TYR A 48 -1.99 -26.69 8.00
N ALA A 49 -3.18 -26.15 7.76
CA ALA A 49 -4.38 -26.78 8.25
C ALA A 49 -4.72 -27.99 7.40
N ALA A 50 -5.43 -28.93 8.00
CA ALA A 50 -5.69 -30.21 7.37
C ALA A 50 -6.87 -30.85 8.09
N LEU A 51 -7.13 -32.11 7.78
CA LEU A 51 -8.08 -32.94 8.51
C LEU A 51 -7.97 -32.68 10.01
N GLY A 52 -9.09 -32.24 10.61
CA GLY A 52 -9.15 -31.87 12.00
C GLY A 52 -9.24 -30.38 12.23
N GLY A 53 -8.71 -29.59 11.31
CA GLY A 53 -8.92 -28.16 11.32
C GLY A 53 -7.72 -27.38 11.79
N THR A 54 -7.94 -26.07 11.89
CA THR A 54 -6.89 -25.15 12.31
C THR A 54 -6.50 -25.37 13.76
N CYS A 55 -7.48 -25.62 14.62
CA CYS A 55 -7.21 -25.82 16.04
C CYS A 55 -6.28 -27.02 16.25
N VAL A 56 -6.66 -28.16 15.67
CA VAL A 56 -5.88 -29.39 15.82
C VAL A 56 -4.49 -29.25 15.18
N ASN A 57 -4.41 -28.61 14.01
CA ASN A 57 -3.13 -28.69 13.28
C ASN A 57 -2.18 -27.52 13.52
N VAL A 58 -2.66 -26.28 13.52
CA VAL A 58 -1.78 -25.14 13.71
C VAL A 58 -2.47 -24.10 14.59
N GLY A 59 -3.07 -24.53 15.68
CA GLY A 59 -3.90 -23.65 16.49
C GLY A 59 -3.90 -24.01 17.96
N CYS A 60 -5.08 -24.18 18.55
CA CYS A 60 -5.18 -24.34 20.00
C CYS A 60 -4.32 -25.49 20.52
N VAL A 61 -4.33 -26.63 19.82
CA VAL A 61 -3.75 -27.84 20.43
C VAL A 61 -2.21 -27.74 20.42
N PRO A 62 -1.55 -27.56 19.27
CA PRO A 62 -0.09 -27.39 19.34
C PRO A 62 0.35 -26.19 20.16
N LYS A 63 -0.39 -25.07 20.11
CA LYS A 63 0.10 -23.90 20.82
C LYS A 63 0.02 -24.08 22.33
N LYS A 64 -0.97 -24.86 22.81
CA LYS A 64 -1.09 -25.09 24.25
C LYS A 64 0.00 -26.03 24.76
N LEU A 65 0.45 -26.96 23.92
CA LEU A 65 1.60 -27.79 24.25
C LEU A 65 2.86 -26.95 24.36
N MET A 66 3.03 -25.99 23.45
CA MET A 66 4.25 -25.20 23.45
C MET A 66 4.25 -24.14 24.55
N VAL A 67 3.08 -23.59 24.90
CA VAL A 67 3.00 -22.72 26.07
C VAL A 67 3.35 -23.50 27.33
N THR A 68 2.85 -24.74 27.44
CA THR A 68 3.18 -25.59 28.57
C THR A 68 4.69 -25.82 28.66
N GLY A 69 5.33 -26.11 27.53
CA GLY A 69 6.77 -26.28 27.54
C GLY A 69 7.47 -24.99 27.94
N ALA A 70 6.93 -23.85 27.51
CA ALA A 70 7.51 -22.56 27.87
C ALA A 70 7.36 -22.25 29.35
N GLN A 71 6.28 -22.73 30.00
CA GLN A 71 6.09 -22.45 31.42
C GLN A 71 7.22 -23.00 32.27
N TYR A 72 7.90 -24.06 31.80
CA TYR A 72 8.97 -24.65 32.59
C TYR A 72 10.12 -23.69 32.84
N MET A 73 10.36 -22.73 31.94
CA MET A 73 11.33 -21.70 32.30
C MET A 73 10.99 -21.07 33.64
N ASP A 74 9.71 -20.85 33.91
CA ASP A 74 9.30 -20.28 35.18
C ASP A 74 9.40 -21.31 36.30
N HIS A 75 8.99 -22.55 36.06
CA HIS A 75 9.07 -23.55 37.11
C HIS A 75 10.51 -23.77 37.55
N LEU A 76 11.42 -24.04 36.60
CA LEU A 76 12.82 -24.27 36.94
C LEU A 76 13.38 -23.16 37.80
N ARG A 77 13.12 -21.91 37.44
CA ARG A 77 13.64 -20.82 38.25
C ARG A 77 12.94 -20.74 39.60
N GLU A 78 11.62 -20.92 39.61
CA GLU A 78 10.86 -20.71 40.82
C GLU A 78 11.05 -21.82 41.85
N SER A 79 11.50 -23.00 41.43
CA SER A 79 11.69 -24.11 42.36
C SER A 79 12.71 -23.79 43.44
N ALA A 80 13.65 -22.88 43.16
CA ALA A 80 14.75 -22.64 44.10
C ALA A 80 14.26 -21.99 45.38
N GLY A 81 13.21 -21.18 45.30
CA GLY A 81 12.62 -20.63 46.51
C GLY A 81 12.08 -21.69 47.45
N PHE A 82 11.81 -22.88 46.94
CA PHE A 82 11.26 -23.97 47.73
C PHE A 82 12.33 -24.99 48.10
N GLY A 83 13.59 -24.68 47.86
CA GLY A 83 14.67 -25.54 48.30
C GLY A 83 15.34 -26.33 47.20
N TRP A 84 14.81 -26.31 45.98
CA TRP A 84 15.40 -27.10 44.92
C TRP A 84 16.72 -26.48 44.45
N GLU A 85 17.72 -27.33 44.29
CA GLU A 85 19.06 -26.94 43.88
C GLU A 85 19.47 -27.82 42.72
N PHE A 86 20.03 -27.21 41.67
CA PHE A 86 20.59 -27.96 40.56
C PHE A 86 21.54 -27.04 39.80
N ASP A 87 22.37 -27.62 38.96
CA ASP A 87 23.29 -26.87 38.14
C ASP A 87 22.53 -25.94 37.18
N GLY A 88 22.35 -24.67 37.57
CA GLY A 88 21.66 -23.73 36.71
C GLY A 88 22.35 -23.54 35.37
N SER A 89 23.69 -23.59 35.36
CA SER A 89 24.46 -23.36 34.15
C SER A 89 24.24 -24.44 33.10
N SER A 90 23.77 -25.63 33.50
CA SER A 90 23.57 -26.74 32.58
C SER A 90 22.21 -26.73 31.89
N VAL A 91 21.40 -25.69 32.08
CA VAL A 91 20.00 -25.70 31.66
C VAL A 91 19.92 -25.26 30.20
N LYS A 92 19.27 -26.08 29.37
CA LYS A 92 19.10 -25.83 27.96
C LYS A 92 17.66 -26.09 27.57
N ALA A 93 17.10 -25.20 26.76
CA ALA A 93 15.78 -25.37 26.18
C ALA A 93 15.96 -25.89 24.76
N ASN A 94 15.57 -27.14 24.53
CA ASN A 94 15.74 -27.79 23.22
C ASN A 94 14.46 -27.65 22.41
N TRP A 95 14.45 -26.66 21.52
CA TRP A 95 13.28 -26.37 20.68
C TRP A 95 12.97 -27.50 19.71
N LYS A 96 14.02 -28.12 19.14
CA LYS A 96 13.81 -29.24 18.23
C LYS A 96 13.04 -30.38 18.90
N LYS A 97 13.32 -30.66 20.18
CA LYS A 97 12.60 -31.73 20.84
C LYS A 97 11.15 -31.34 21.10
N LEU A 98 10.90 -30.07 21.41
CA LEU A 98 9.53 -29.62 21.61
C LEU A 98 8.73 -29.79 20.34
N ILE A 99 9.29 -29.30 19.23
CA ILE A 99 8.57 -29.33 17.97
C ILE A 99 8.36 -30.77 17.50
N ALA A 100 9.36 -31.63 17.69
CA ALA A 100 9.18 -33.04 17.33
C ALA A 100 8.10 -33.69 18.18
N ALA A 101 8.04 -33.38 19.47
CA ALA A 101 7.00 -33.98 20.31
C ALA A 101 5.62 -33.45 19.92
N LYS A 102 5.52 -32.15 19.65
CA LYS A 102 4.25 -31.59 19.19
C LYS A 102 3.81 -32.21 17.87
N ASN A 103 4.73 -32.35 16.91
CA ASN A 103 4.35 -32.93 15.62
C ASN A 103 3.77 -34.30 15.79
N GLU A 104 4.35 -35.11 16.69
CA GLU A 104 3.91 -36.48 16.89
C GLU A 104 2.51 -36.53 17.49
N ALA A 105 2.26 -35.72 18.52
CA ALA A 105 0.92 -35.67 19.11
C ALA A 105 -0.11 -35.24 18.06
N VAL A 106 0.23 -34.24 17.23
CA VAL A 106 -0.73 -33.75 16.25
C VAL A 106 -1.00 -34.81 15.19
N LEU A 107 0.06 -35.46 14.70
CA LEU A 107 -0.12 -36.53 13.71
C LEU A 107 -0.98 -37.66 14.26
N ASP A 108 -0.90 -37.96 15.56
CA ASP A 108 -1.75 -39.01 16.12
C ASP A 108 -3.23 -38.65 16.01
N ILE A 109 -3.57 -37.37 16.23
CA ILE A 109 -4.96 -36.96 16.07
C ILE A 109 -5.35 -37.03 14.60
N ASN A 110 -4.43 -36.67 13.70
CA ASN A 110 -4.72 -36.80 12.27
C ASN A 110 -5.12 -38.21 11.92
N LYS A 111 -4.33 -39.19 12.38
CA LYS A 111 -4.60 -40.58 12.01
C LYS A 111 -5.90 -41.08 12.62
N SER A 112 -6.19 -40.67 13.85
CA SER A 112 -7.45 -41.06 14.47
C SER A 112 -8.65 -40.51 13.70
N TYR A 113 -8.52 -39.31 13.13
CA TYR A 113 -9.62 -38.76 12.32
C TYR A 113 -9.76 -39.54 11.03
N GLU A 114 -8.63 -39.82 10.39
CA GLU A 114 -8.63 -40.62 9.17
C GLU A 114 -9.25 -41.99 9.42
N GLY A 115 -9.00 -42.57 10.59
CA GLY A 115 -9.57 -43.87 10.90
C GLY A 115 -11.08 -43.82 11.07
N MET A 116 -11.57 -42.77 11.73
CA MET A 116 -13.02 -42.59 11.88
C MET A 116 -13.74 -42.61 10.53
N PHE A 117 -13.19 -41.92 9.52
CA PHE A 117 -13.82 -41.86 8.21
C PHE A 117 -13.78 -43.21 7.52
N ASN A 118 -12.64 -43.88 7.54
CA ASN A 118 -12.53 -45.21 6.96
C ASN A 118 -13.50 -46.20 7.60
N ASP A 119 -14.06 -45.86 8.76
CA ASP A 119 -14.83 -46.77 9.59
C ASP A 119 -16.33 -46.50 9.62
N THR A 120 -16.77 -45.24 9.54
CA THR A 120 -18.10 -44.83 10.00
C THR A 120 -19.13 -44.86 8.87
N GLU A 121 -20.26 -45.52 9.13
CA GLU A 121 -21.29 -45.63 8.10
C GLU A 121 -21.84 -44.26 7.74
N GLY A 122 -21.89 -43.97 6.44
CA GLY A 122 -22.47 -42.72 5.97
C GLY A 122 -21.69 -41.46 6.28
N LEU A 123 -20.39 -41.57 6.60
CA LEU A 123 -19.53 -40.41 6.85
C LEU A 123 -18.25 -40.60 6.03
N ASP A 124 -18.17 -39.91 4.89
CA ASP A 124 -17.12 -40.13 3.90
C ASP A 124 -16.23 -38.91 3.77
N PHE A 125 -14.94 -39.13 3.59
CA PHE A 125 -13.96 -38.06 3.43
C PHE A 125 -13.46 -38.01 1.99
N PHE A 126 -13.26 -36.79 1.49
CA PHE A 126 -12.71 -36.58 0.15
C PHE A 126 -11.59 -35.56 0.20
N LEU A 127 -10.48 -35.89 -0.48
CA LEU A 127 -9.28 -35.06 -0.48
C LEU A 127 -9.28 -34.10 -1.66
N GLY A 128 -9.27 -32.80 -1.38
CA GLY A 128 -9.10 -31.80 -2.41
C GLY A 128 -9.72 -30.47 -1.99
N TRP A 129 -9.91 -29.60 -2.99
CA TRP A 129 -10.40 -28.24 -2.81
C TRP A 129 -11.87 -28.15 -3.21
N GLY A 130 -12.75 -27.95 -2.21
CA GLY A 130 -14.17 -27.88 -2.49
C GLY A 130 -14.57 -26.48 -2.96
N SER A 131 -15.46 -26.43 -3.95
CA SER A 131 -16.07 -25.18 -4.35
C SER A 131 -17.50 -25.42 -4.78
N LEU A 132 -18.26 -24.33 -4.86
CA LEU A 132 -19.69 -24.38 -5.19
C LEU A 132 -19.85 -24.22 -6.69
N GLU A 133 -20.28 -25.29 -7.37
CA GLU A 133 -20.64 -25.22 -8.77
C GLU A 133 -22.07 -24.76 -8.96
N SER A 134 -23.00 -25.42 -8.28
CA SER A 134 -24.40 -25.02 -8.32
C SER A 134 -25.00 -25.26 -6.96
N LYS A 135 -26.28 -24.90 -6.84
CA LYS A 135 -27.01 -24.97 -5.58
C LYS A 135 -26.89 -26.34 -4.91
N ASN A 136 -26.79 -27.42 -5.71
CA ASN A 136 -26.79 -28.78 -5.18
C ASN A 136 -25.60 -29.61 -5.66
N VAL A 137 -24.51 -28.99 -6.09
CA VAL A 137 -23.33 -29.74 -6.53
C VAL A 137 -22.10 -29.04 -5.96
N VAL A 138 -21.34 -29.76 -5.13
CA VAL A 138 -19.99 -29.34 -4.75
C VAL A 138 -19.00 -30.04 -5.67
N VAL A 139 -18.00 -29.31 -6.15
CA VAL A 139 -16.92 -29.86 -6.96
C VAL A 139 -15.65 -29.90 -6.13
N VAL A 140 -14.90 -30.99 -6.26
CA VAL A 140 -13.62 -31.16 -5.60
C VAL A 140 -12.55 -31.15 -6.68
N ARG A 141 -11.58 -30.25 -6.56
CA ARG A 141 -10.53 -30.06 -7.54
C ARG A 141 -9.17 -30.35 -6.91
N GLU A 142 -8.15 -30.46 -7.77
CA GLU A 142 -6.81 -30.79 -7.29
C GLU A 142 -6.16 -29.61 -6.58
N THR A 143 -6.42 -28.37 -7.01
CA THR A 143 -5.87 -27.20 -6.32
C THR A 143 -6.97 -26.16 -6.13
N ALA A 144 -6.57 -25.03 -5.53
CA ALA A 144 -7.47 -23.91 -5.27
C ALA A 144 -7.85 -23.15 -6.53
N ASP A 145 -7.04 -23.26 -7.57
CA ASP A 145 -7.37 -22.71 -8.88
C ASP A 145 -8.60 -23.42 -9.44
N PRO A 146 -9.64 -22.68 -9.85
CA PRO A 146 -10.84 -23.34 -10.40
C PRO A 146 -10.64 -23.91 -11.79
N LYS A 147 -9.46 -23.77 -12.37
CA LYS A 147 -9.12 -24.44 -13.63
C LYS A 147 -8.37 -25.75 -13.43
N SER A 148 -8.01 -26.10 -12.18
CA SER A 148 -7.36 -27.38 -11.93
C SER A 148 -8.36 -28.52 -12.14
N ALA A 149 -7.84 -29.75 -12.12
CA ALA A 149 -8.60 -30.92 -12.54
C ALA A 149 -9.68 -31.29 -11.53
N VAL A 150 -10.81 -31.78 -12.04
CA VAL A 150 -11.92 -32.20 -11.19
C VAL A 150 -11.64 -33.60 -10.67
N LYS A 151 -11.66 -33.76 -9.34
CA LYS A 151 -11.51 -35.07 -8.73
C LYS A 151 -12.85 -35.75 -8.53
N GLU A 152 -13.85 -35.01 -8.02
CA GLU A 152 -15.19 -35.55 -7.78
C GLU A 152 -16.21 -34.44 -7.99
N ARG A 153 -17.44 -34.85 -8.24
CA ARG A 153 -18.60 -33.97 -8.05
C ARG A 153 -19.49 -34.61 -7.00
N LEU A 154 -19.85 -33.83 -6.00
CA LEU A 154 -20.66 -34.30 -4.88
C LEU A 154 -22.02 -33.62 -4.94
N GLN A 155 -23.07 -34.39 -5.22
CA GLN A 155 -24.44 -33.86 -5.14
C GLN A 155 -24.86 -33.78 -3.68
N ALA A 156 -25.57 -32.72 -3.33
CA ALA A 156 -25.90 -32.46 -1.94
C ALA A 156 -27.24 -31.77 -1.83
N ASP A 157 -28.14 -32.33 -1.03
CA ASP A 157 -29.37 -31.61 -0.69
C ASP A 157 -29.07 -30.38 0.15
N HIS A 158 -28.09 -30.47 1.07
CA HIS A 158 -27.67 -29.37 1.94
C HIS A 158 -26.16 -29.23 1.89
N ILE A 159 -25.67 -27.99 1.98
CA ILE A 159 -24.23 -27.72 1.87
C ILE A 159 -23.79 -26.85 3.03
N LEU A 160 -22.72 -27.25 3.71
CA LEU A 160 -22.20 -26.48 4.84
C LEU A 160 -20.83 -25.92 4.49
N LEU A 161 -20.70 -24.61 4.62
CA LEU A 161 -19.45 -23.88 4.45
C LEU A 161 -18.77 -23.74 5.81
N ALA A 162 -17.57 -24.29 5.95
CA ALA A 162 -16.83 -24.29 7.22
C ALA A 162 -15.33 -24.30 6.96
N THR A 163 -14.89 -23.44 6.04
CA THR A 163 -13.50 -23.39 5.60
C THR A 163 -12.59 -22.58 6.52
N GLY A 164 -13.11 -21.97 7.59
CA GLY A 164 -12.23 -21.36 8.58
C GLY A 164 -11.66 -20.02 8.16
N SER A 165 -10.44 -19.70 8.62
CA SER A 165 -9.81 -18.40 8.35
C SER A 165 -8.33 -18.61 8.02
N TRP A 166 -7.60 -17.48 7.85
CA TRP A 166 -6.23 -17.48 7.32
C TRP A 166 -5.50 -16.24 7.82
N PRO A 167 -4.19 -16.32 8.09
CA PRO A 167 -3.49 -15.12 8.58
C PRO A 167 -3.52 -14.02 7.55
N GLN A 168 -3.76 -12.79 8.03
CA GLN A 168 -3.71 -11.59 7.22
C GLN A 168 -2.29 -11.04 7.24
N MET A 169 -1.77 -10.68 6.06
CA MET A 169 -0.45 -10.10 5.94
C MET A 169 -0.59 -8.67 5.40
N PRO A 170 0.08 -7.69 6.01
CA PRO A 170 -0.02 -6.31 5.50
C PRO A 170 0.86 -6.10 4.27
N ALA A 171 0.45 -5.13 3.46
CA ALA A 171 1.13 -4.83 2.20
C ALA A 171 2.24 -3.82 2.48
N ILE A 172 3.40 -4.32 2.89
CA ILE A 172 4.56 -3.48 3.15
C ILE A 172 5.71 -3.97 2.30
N PRO A 173 6.60 -3.08 1.86
CA PRO A 173 7.84 -3.54 1.22
C PRO A 173 8.57 -4.52 2.12
N GLY A 174 8.93 -5.66 1.57
CA GLY A 174 9.63 -6.68 2.33
C GLY A 174 8.75 -7.65 3.09
N ILE A 175 7.45 -7.70 2.77
CA ILE A 175 6.57 -8.63 3.47
C ILE A 175 6.97 -10.08 3.19
N GLU A 176 7.64 -10.32 2.06
CA GLU A 176 8.14 -11.64 1.72
C GLU A 176 9.15 -12.16 2.75
N HIS A 177 9.74 -11.29 3.54
CA HIS A 177 10.71 -11.68 4.55
C HIS A 177 10.08 -12.09 5.87
N CYS A 178 8.77 -11.92 6.03
CA CYS A 178 8.07 -12.21 7.27
C CYS A 178 7.30 -13.53 7.15
N ILE A 179 6.90 -14.05 8.31
CA ILE A 179 6.10 -15.28 8.39
C ILE A 179 4.82 -15.01 9.16
N SER A 180 4.00 -16.03 9.31
CA SER A 180 2.81 -15.97 10.14
C SER A 180 2.91 -17.06 11.20
N SER A 181 1.84 -17.24 11.98
CA SER A 181 1.86 -18.30 12.98
C SER A 181 1.98 -19.68 12.32
N ASN A 182 1.55 -19.83 11.05
CA ASN A 182 1.65 -21.13 10.37
C ASN A 182 3.10 -21.60 10.32
N GLU A 183 4.01 -20.73 9.87
CA GLU A 183 5.41 -21.10 9.77
C GLU A 183 6.05 -21.20 11.15
N ALA A 184 5.62 -20.36 12.09
CA ALA A 184 6.20 -20.38 13.44
C ALA A 184 6.17 -21.79 14.03
N PHE A 185 5.11 -22.55 13.78
CA PHE A 185 5.00 -23.92 14.29
C PHE A 185 6.07 -24.86 13.72
N TYR A 186 6.80 -24.46 12.68
CA TYR A 186 7.74 -25.39 12.05
C TYR A 186 9.16 -24.85 11.91
N LEU A 187 9.50 -23.75 12.56
CA LEU A 187 10.85 -23.21 12.51
C LEU A 187 11.89 -24.25 12.91
N PRO A 188 12.96 -24.42 12.14
CA PRO A 188 13.94 -25.47 12.49
C PRO A 188 14.66 -25.21 13.79
N GLU A 189 14.98 -23.95 14.09
CA GLU A 189 15.69 -23.57 15.30
C GLU A 189 14.96 -22.42 15.95
N PRO A 190 15.07 -22.26 17.27
CA PRO A 190 14.40 -21.12 17.94
C PRO A 190 15.13 -19.83 17.61
N PRO A 191 14.41 -18.75 17.30
CA PRO A 191 15.08 -17.53 16.87
C PRO A 191 15.78 -16.83 18.01
N ARG A 192 16.99 -16.31 17.73
CA ARG A 192 17.70 -15.55 18.76
C ARG A 192 17.00 -14.23 19.04
N ARG A 193 16.63 -13.49 17.98
CA ARG A 193 15.85 -12.26 18.08
C ARG A 193 14.61 -12.41 17.21
N VAL A 194 13.44 -12.19 17.79
CA VAL A 194 12.16 -12.27 17.07
C VAL A 194 11.31 -11.06 17.39
N LEU A 195 10.64 -10.53 16.38
CA LEU A 195 9.63 -9.51 16.55
C LEU A 195 8.28 -10.14 16.23
N THR A 196 7.37 -10.15 17.20
CA THR A 196 5.96 -10.47 16.94
C THR A 196 5.16 -9.18 16.78
N VAL A 197 4.43 -9.07 15.68
CA VAL A 197 3.69 -7.88 15.31
C VAL A 197 2.20 -8.10 15.56
N GLY A 198 1.63 -7.35 16.48
CA GLY A 198 0.21 -7.38 16.75
C GLY A 198 -0.01 -7.37 18.25
N GLY A 199 -1.19 -6.90 18.65
CA GLY A 199 -1.57 -6.87 20.05
C GLY A 199 -2.57 -7.91 20.50
N GLY A 200 -2.95 -8.87 19.63
CA GLY A 200 -3.95 -9.87 19.97
C GLY A 200 -3.34 -11.13 20.59
N PHE A 201 -4.22 -12.09 20.87
CA PHE A 201 -3.84 -13.23 21.71
C PHE A 201 -2.76 -14.08 21.07
N ILE A 202 -2.73 -14.14 19.72
CA ILE A 202 -1.74 -14.98 19.02
C ILE A 202 -0.35 -14.38 19.13
N SER A 203 -0.23 -13.07 18.89
CA SER A 203 1.04 -12.38 19.08
C SER A 203 1.53 -12.52 20.52
N VAL A 204 0.64 -12.35 21.50
CA VAL A 204 1.05 -12.39 22.90
C VAL A 204 1.48 -13.80 23.28
N GLU A 205 0.64 -14.79 22.97
CA GLU A 205 0.99 -16.18 23.29
C GLU A 205 2.33 -16.58 22.70
N PHE A 206 2.59 -16.19 21.44
CA PHE A 206 3.82 -16.62 20.78
C PHE A 206 5.04 -15.93 21.35
N ALA A 207 4.90 -14.66 21.77
CA ALA A 207 5.97 -13.96 22.44
C ALA A 207 6.43 -14.70 23.69
N GLY A 208 5.48 -15.26 24.44
CA GLY A 208 5.86 -16.02 25.61
C GLY A 208 6.55 -17.32 25.27
N ILE A 209 6.19 -17.94 24.15
CA ILE A 209 6.82 -19.20 23.75
C ILE A 209 8.28 -18.95 23.37
N PHE A 210 8.49 -18.06 22.39
CA PHE A 210 9.83 -17.68 21.99
C PHE A 210 10.70 -17.21 23.15
N ASN A 211 10.10 -16.55 24.14
CA ASN A 211 10.90 -16.00 25.22
C ASN A 211 11.51 -17.10 26.08
N ALA A 212 10.80 -18.22 26.22
CA ALA A 212 11.33 -19.31 27.02
C ALA A 212 12.35 -20.16 26.28
N TYR A 213 12.27 -20.27 24.94
CA TYR A 213 13.16 -21.14 24.18
C TYR A 213 14.26 -20.39 23.45
N LYS A 214 14.37 -19.09 23.62
CA LYS A 214 15.39 -18.34 22.90
C LYS A 214 16.77 -18.83 23.31
N PRO A 215 17.74 -18.84 22.41
CA PRO A 215 19.10 -19.26 22.77
C PRO A 215 19.76 -18.23 23.66
N PRO A 216 20.91 -18.53 24.24
CA PRO A 216 21.62 -17.54 25.08
C PRO A 216 21.82 -16.23 24.34
N GLY A 217 21.56 -15.12 25.06
CA GLY A 217 21.64 -13.80 24.47
C GLY A 217 20.47 -13.37 23.61
N GLY A 218 19.36 -14.10 23.67
CA GLY A 218 18.22 -13.79 22.84
C GLY A 218 17.36 -12.66 23.40
N LYS A 219 16.39 -12.25 22.58
CA LYS A 219 15.51 -11.15 22.95
C LYS A 219 14.23 -11.23 22.11
N VAL A 220 13.08 -11.17 22.77
CA VAL A 220 11.77 -11.15 22.13
C VAL A 220 11.21 -9.74 22.23
N THR A 221 10.73 -9.22 21.11
CA THR A 221 10.09 -7.90 21.05
C THR A 221 8.68 -8.08 20.49
N LEU A 222 7.69 -7.52 21.16
CA LEU A 222 6.34 -7.44 20.61
C LEU A 222 6.06 -5.99 20.27
N CYS A 223 5.53 -5.72 19.06
CA CYS A 223 5.13 -4.37 18.72
C CYS A 223 3.64 -4.33 18.42
N TYR A 224 3.02 -3.19 18.72
CA TYR A 224 1.59 -3.00 18.51
C TYR A 224 1.37 -1.56 18.12
N ARG A 225 0.48 -1.33 17.14
CA ARG A 225 0.39 -0.02 16.55
C ARG A 225 -0.39 0.97 17.43
N ASN A 226 -1.19 0.49 18.38
CA ASN A 226 -1.91 1.37 19.27
C ASN A 226 -1.26 1.37 20.67
N ASN A 227 -1.95 2.00 21.63
CA ASN A 227 -1.32 2.29 22.92
C ASN A 227 -1.26 1.08 23.83
N LEU A 228 -2.25 0.19 23.77
CA LEU A 228 -2.38 -0.87 24.77
C LEU A 228 -2.78 -2.19 24.13
N ILE A 229 -2.03 -3.26 24.43
CA ILE A 229 -2.33 -4.56 23.81
C ILE A 229 -3.66 -5.13 24.30
N LEU A 230 -4.13 -6.13 23.54
CA LEU A 230 -5.27 -6.98 23.89
C LEU A 230 -6.58 -6.20 23.99
N ARG A 231 -6.83 -5.38 22.96
CA ARG A 231 -8.15 -4.76 22.78
C ARG A 231 -9.24 -5.81 22.92
N GLY A 232 -10.31 -5.42 23.60
CA GLY A 232 -11.43 -6.31 23.84
C GLY A 232 -11.45 -6.91 25.23
N PHE A 233 -10.28 -7.07 25.86
CA PHE A 233 -10.19 -7.61 27.21
C PHE A 233 -10.26 -6.50 28.26
N ASP A 234 -10.42 -6.93 29.51
CA ASP A 234 -10.51 -6.00 30.63
C ASP A 234 -9.29 -5.09 30.68
N GLU A 235 -9.54 -3.79 30.87
CA GLU A 235 -8.45 -2.83 30.78
C GLU A 235 -7.42 -3.03 31.91
N THR A 236 -7.89 -3.28 33.14
CA THR A 236 -6.95 -3.57 34.22
C THR A 236 -6.08 -4.78 33.87
N ILE A 237 -6.68 -5.82 33.29
CA ILE A 237 -5.91 -6.99 32.90
C ILE A 237 -4.99 -6.66 31.72
N ARG A 238 -5.47 -5.84 30.78
CA ARG A 238 -4.57 -5.42 29.70
C ARG A 238 -3.32 -4.73 30.25
N GLU A 239 -3.47 -3.90 31.28
CA GLU A 239 -2.31 -3.19 31.80
C GLU A 239 -1.42 -4.11 32.63
N GLU A 240 -2.01 -4.99 33.43
CA GLU A 240 -1.19 -5.86 34.29
C GLU A 240 -0.48 -6.92 33.47
N VAL A 241 -1.12 -7.45 32.42
CA VAL A 241 -0.44 -8.46 31.61
C VAL A 241 0.78 -7.85 30.92
N THR A 242 0.71 -6.56 30.57
CA THR A 242 1.89 -5.90 30.00
C THR A 242 3.03 -5.83 31.00
N LYS A 243 2.75 -5.39 32.24
CA LYS A 243 3.81 -5.30 33.25
C LYS A 243 4.46 -6.65 33.48
N GLN A 244 3.67 -7.72 33.50
CA GLN A 244 4.20 -9.01 33.84
C GLN A 244 4.95 -9.62 32.67
N LEU A 245 4.51 -9.35 31.45
CA LEU A 245 5.30 -9.74 30.29
C LEU A 245 6.64 -9.02 30.29
N THR A 246 6.62 -7.71 30.57
CA THR A 246 7.85 -6.95 30.68
C THR A 246 8.75 -7.51 31.79
N ALA A 247 8.16 -7.84 32.93
CA ALA A 247 8.95 -8.39 34.03
C ALA A 247 9.58 -9.72 33.69
N ASN A 248 9.10 -10.42 32.66
CA ASN A 248 9.73 -11.67 32.23
C ASN A 248 10.70 -11.48 31.07
N GLY A 249 11.04 -10.23 30.72
CA GLY A 249 12.09 -9.97 29.76
C GLY A 249 11.67 -9.71 28.34
N ILE A 250 10.38 -9.44 28.10
CA ILE A 250 9.84 -9.17 26.77
C ILE A 250 9.70 -7.66 26.60
N GLU A 251 10.25 -7.12 25.53
CA GLU A 251 10.08 -5.70 25.22
C GLU A 251 8.77 -5.49 24.48
N ILE A 252 7.95 -4.56 24.95
CA ILE A 252 6.63 -4.31 24.37
C ILE A 252 6.61 -2.89 23.82
N MET A 253 6.78 -2.79 22.50
CA MET A 253 6.80 -1.52 21.77
C MET A 253 5.38 -1.16 21.38
N THR A 254 4.75 -0.25 22.12
CA THR A 254 3.44 0.23 21.74
C THR A 254 3.55 1.52 20.93
N ASN A 255 2.50 1.78 20.14
CA ASN A 255 2.43 2.89 19.20
C ASN A 255 3.50 2.79 18.12
N GLU A 256 3.82 1.55 17.70
CA GLU A 256 4.84 1.31 16.70
C GLU A 256 4.33 0.29 15.68
N ASN A 257 4.68 0.52 14.41
CA ASN A 257 4.16 -0.30 13.33
C ASN A 257 5.17 -0.36 12.21
N PRO A 258 5.51 -1.54 11.69
CA PRO A 258 6.53 -1.64 10.65
C PRO A 258 6.09 -0.94 9.36
N ALA A 259 7.04 -0.21 8.76
CA ALA A 259 6.87 0.38 7.45
C ALA A 259 7.45 -0.50 6.35
N LYS A 260 8.56 -1.18 6.63
CA LYS A 260 9.22 -1.97 5.62
C LYS A 260 10.20 -2.90 6.34
N VAL A 261 10.61 -3.94 5.62
CA VAL A 261 11.59 -4.92 6.10
C VAL A 261 12.59 -5.17 4.99
N SER A 262 13.86 -5.19 5.33
CA SER A 262 14.89 -5.52 4.36
C SER A 262 15.85 -6.53 4.98
N LEU A 263 16.69 -7.10 4.13
CA LEU A 263 17.68 -8.07 4.56
C LEU A 263 19.01 -7.36 4.72
N ASN A 264 19.62 -7.54 5.89
CA ASN A 264 20.99 -7.10 6.08
C ASN A 264 21.93 -7.99 5.29
N THR A 265 23.18 -7.54 5.17
CA THR A 265 24.16 -8.32 4.42
C THR A 265 24.35 -9.71 5.02
N ASP A 266 24.25 -9.82 6.35
CA ASP A 266 24.35 -11.13 6.97
C ASP A 266 23.05 -11.92 6.93
N GLY A 267 21.98 -11.39 6.34
CA GLY A 267 20.74 -12.11 6.18
C GLY A 267 19.72 -11.94 7.28
N SER A 268 20.08 -11.30 8.39
CA SER A 268 19.08 -10.92 9.37
C SER A 268 18.10 -9.91 8.77
N LYS A 269 16.96 -9.75 9.43
CA LYS A 269 15.94 -8.82 8.97
C LYS A 269 16.13 -7.47 9.64
N HIS A 270 16.07 -6.42 8.85
CA HIS A 270 16.20 -5.05 9.32
C HIS A 270 14.84 -4.39 9.20
N VAL A 271 14.18 -4.18 10.33
CA VAL A 271 12.81 -3.67 10.36
C VAL A 271 12.86 -2.17 10.62
N THR A 272 12.18 -1.40 9.77
CA THR A 272 12.07 0.04 9.92
C THR A 272 10.61 0.40 10.20
N PHE A 273 10.38 1.10 11.31
CA PHE A 273 9.05 1.47 11.74
C PHE A 273 8.62 2.80 11.13
N GLU A 274 7.30 3.01 11.10
CA GLU A 274 6.76 4.31 10.72
C GLU A 274 7.36 5.45 11.53
N SER A 275 7.67 5.20 12.80
CA SER A 275 8.32 6.22 13.63
C SER A 275 9.74 6.52 13.18
N GLY A 276 10.35 5.68 12.34
CA GLY A 276 11.74 5.82 11.98
C GLY A 276 12.70 5.01 12.83
N LYS A 277 12.26 4.52 14.00
CA LYS A 277 13.02 3.54 14.77
C LYS A 277 13.35 2.33 13.90
N THR A 278 14.45 1.64 14.23
CA THR A 278 14.82 0.42 13.53
C THR A 278 15.10 -0.70 14.51
N LEU A 279 14.96 -1.94 14.04
CA LEU A 279 15.24 -3.10 14.88
C LEU A 279 15.75 -4.25 14.02
N ASP A 280 16.85 -4.86 14.43
CA ASP A 280 17.40 -6.03 13.76
C ASP A 280 16.94 -7.30 14.47
N VAL A 281 16.39 -8.25 13.71
CA VAL A 281 15.85 -9.49 14.24
C VAL A 281 16.13 -10.62 13.27
N ASP A 282 15.96 -11.85 13.76
CA ASP A 282 16.14 -13.01 12.90
C ASP A 282 14.83 -13.53 12.33
N VAL A 283 13.70 -13.18 12.94
CA VAL A 283 12.37 -13.58 12.50
C VAL A 283 11.40 -12.42 12.74
N VAL A 284 10.53 -12.17 11.76
CA VAL A 284 9.40 -11.27 11.94
C VAL A 284 8.16 -12.12 11.74
N MET A 285 7.38 -12.30 12.81
CA MET A 285 6.12 -13.04 12.73
C MET A 285 4.96 -12.05 12.75
N MET A 286 4.20 -12.01 11.67
CA MET A 286 2.99 -11.21 11.56
C MET A 286 1.82 -11.94 12.23
N ALA A 287 1.14 -11.25 13.15
CA ALA A 287 -0.06 -11.75 13.81
C ALA A 287 -1.04 -10.60 14.01
N ILE A 288 -1.37 -9.92 12.91
CA ILE A 288 -2.18 -8.71 12.99
C ILE A 288 -3.66 -8.97 12.73
N GLY A 289 -4.06 -10.21 12.51
CA GLY A 289 -5.45 -10.53 12.28
C GLY A 289 -5.61 -11.72 11.37
N ARG A 290 -6.84 -12.23 11.31
CA ARG A 290 -7.19 -13.40 10.51
C ARG A 290 -8.48 -13.14 9.76
N ILE A 291 -8.50 -13.53 8.49
CA ILE A 291 -9.63 -13.19 7.61
C ILE A 291 -10.33 -14.47 7.15
N PRO A 292 -11.64 -14.43 6.91
CA PRO A 292 -12.35 -15.67 6.52
C PRO A 292 -11.94 -16.18 5.14
N ARG A 293 -11.87 -17.50 5.00
CA ARG A 293 -11.46 -18.13 3.73
C ARG A 293 -12.67 -18.28 2.83
N THR A 294 -12.94 -17.25 2.02
CA THR A 294 -14.07 -17.32 1.10
C THR A 294 -13.66 -17.43 -0.36
N ASN A 295 -12.51 -16.86 -0.75
CA ASN A 295 -12.22 -16.65 -2.17
C ASN A 295 -12.21 -17.95 -2.97
N ASP A 296 -11.85 -19.08 -2.36
CA ASP A 296 -11.74 -20.31 -3.14
C ASP A 296 -13.06 -21.06 -3.29
N LEU A 297 -14.12 -20.63 -2.62
CA LEU A 297 -15.37 -21.36 -2.71
C LEU A 297 -16.20 -21.02 -3.96
N GLN A 298 -15.78 -20.04 -4.75
CA GLN A 298 -16.53 -19.56 -5.91
C GLN A 298 -18.00 -19.33 -5.53
N LEU A 299 -18.20 -18.50 -4.50
CA LEU A 299 -19.55 -18.27 -4.02
C LEU A 299 -20.39 -17.49 -5.02
N GLY A 300 -19.74 -16.81 -5.98
CA GLY A 300 -20.48 -16.11 -7.02
C GLY A 300 -21.31 -17.03 -7.90
N ASN A 301 -20.89 -18.30 -8.02
CA ASN A 301 -21.60 -19.23 -8.89
C ASN A 301 -23.04 -19.45 -8.46
N VAL A 302 -23.33 -19.36 -7.17
CA VAL A 302 -24.69 -19.52 -6.67
C VAL A 302 -25.23 -18.28 -5.97
N GLY A 303 -24.41 -17.28 -5.69
CA GLY A 303 -24.91 -16.04 -5.14
C GLY A 303 -24.96 -15.93 -3.62
N VAL A 304 -24.03 -16.58 -2.90
CA VAL A 304 -23.99 -16.46 -1.45
C VAL A 304 -23.46 -15.09 -1.05
N LYS A 305 -24.22 -14.37 -0.22
CA LYS A 305 -23.82 -13.02 0.13
C LYS A 305 -22.75 -13.01 1.21
N LEU A 306 -21.76 -12.16 1.01
CA LEU A 306 -20.77 -11.85 2.03
C LEU A 306 -21.14 -10.51 2.68
N THR A 307 -20.75 -10.36 3.93
CA THR A 307 -20.92 -9.09 4.64
C THR A 307 -19.90 -8.08 4.14
N PRO A 308 -20.15 -6.79 4.38
CA PRO A 308 -19.12 -5.79 4.07
C PRO A 308 -17.74 -6.15 4.59
N LYS A 309 -17.68 -6.67 5.83
CA LYS A 309 -16.41 -7.03 6.44
C LYS A 309 -15.73 -8.18 5.70
N GLY A 310 -16.50 -9.09 5.10
CA GLY A 310 -15.91 -10.14 4.29
C GLY A 310 -16.33 -11.57 4.58
N GLY A 311 -17.04 -11.78 5.69
CA GLY A 311 -17.49 -13.10 6.05
C GLY A 311 -18.78 -13.47 5.37
N VAL A 312 -19.10 -14.77 5.36
CA VAL A 312 -20.40 -15.20 4.86
C VAL A 312 -21.48 -14.69 5.78
N GLN A 313 -22.46 -14.00 5.21
CA GLN A 313 -23.58 -13.52 5.99
C GLN A 313 -24.48 -14.68 6.37
N VAL A 314 -24.86 -14.75 7.64
CA VAL A 314 -25.77 -15.79 8.12
C VAL A 314 -26.79 -15.19 9.07
N ASP A 315 -27.90 -15.90 9.21
CA ASP A 315 -28.90 -15.54 10.20
C ASP A 315 -28.59 -16.29 11.51
N GLU A 316 -29.49 -16.18 12.48
CA GLU A 316 -29.30 -16.83 13.77
C GLU A 316 -29.24 -18.35 13.68
N PHE A 317 -29.71 -18.94 12.58
CA PHE A 317 -29.63 -20.38 12.38
C PHE A 317 -28.57 -20.78 11.37
N SER A 318 -27.63 -19.89 11.08
CA SER A 318 -26.49 -20.16 10.22
C SER A 318 -26.88 -20.32 8.75
N ARG A 319 -28.08 -19.90 8.35
CA ARG A 319 -28.48 -19.97 6.95
C ARG A 319 -27.93 -18.77 6.18
N THR A 320 -27.44 -19.05 4.96
CA THR A 320 -27.08 -17.98 4.02
C THR A 320 -28.35 -17.48 3.36
N ASN A 321 -28.20 -16.64 2.33
CA ASN A 321 -29.36 -16.21 1.56
C ASN A 321 -29.81 -17.27 0.57
N VAL A 322 -29.00 -18.30 0.34
CA VAL A 322 -29.40 -19.43 -0.49
C VAL A 322 -29.98 -20.50 0.43
N PRO A 323 -31.25 -20.92 0.22
CA PRO A 323 -31.98 -21.75 1.21
C PRO A 323 -31.22 -22.88 1.89
N ASN A 324 -30.59 -23.75 1.11
CA ASN A 324 -30.02 -25.00 1.61
C ASN A 324 -28.51 -24.94 1.85
N ILE A 325 -27.92 -23.74 1.84
CA ILE A 325 -26.49 -23.55 2.05
C ILE A 325 -26.29 -22.81 3.37
N TYR A 326 -25.41 -23.35 4.22
CA TYR A 326 -25.23 -22.82 5.56
C TYR A 326 -23.75 -22.49 5.78
N ALA A 327 -23.50 -21.65 6.79
CA ALA A 327 -22.13 -21.33 7.18
C ALA A 327 -21.99 -21.23 8.71
N ILE A 328 -20.90 -21.81 9.24
CA ILE A 328 -20.55 -21.75 10.66
C ILE A 328 -19.05 -21.49 10.80
N GLY A 329 -18.65 -21.13 12.02
CA GLY A 329 -17.24 -21.03 12.36
C GLY A 329 -16.62 -19.73 11.91
N ASP A 330 -15.29 -19.76 11.76
CA ASP A 330 -14.50 -18.57 11.44
C ASP A 330 -14.89 -17.94 10.10
N ILE A 331 -15.51 -18.70 9.19
CA ILE A 331 -15.91 -18.11 7.92
C ILE A 331 -16.99 -17.04 8.10
N THR A 332 -17.71 -17.07 9.22
CA THR A 332 -18.72 -16.04 9.49
C THR A 332 -18.13 -14.79 10.10
N ASP A 333 -16.81 -14.74 10.29
CA ASP A 333 -16.07 -13.56 10.75
C ASP A 333 -16.75 -12.88 11.94
N ARG A 334 -16.98 -13.66 12.98
CA ARG A 334 -17.56 -13.19 14.23
C ARG A 334 -16.65 -13.61 15.40
N LEU A 335 -17.08 -14.56 16.23
CA LEU A 335 -16.24 -15.07 17.31
C LEU A 335 -15.44 -16.25 16.79
N MET A 336 -14.11 -16.10 16.78
CA MET A 336 -13.23 -17.11 16.19
C MET A 336 -12.68 -18.03 17.28
N LEU A 337 -13.56 -18.90 17.76
CA LEU A 337 -13.21 -19.87 18.78
C LEU A 337 -13.68 -21.26 18.34
N THR A 338 -12.89 -22.29 18.69
CA THR A 338 -13.28 -23.65 18.36
C THR A 338 -14.60 -24.05 19.01
N PRO A 339 -14.83 -23.86 20.30
CA PRO A 339 -16.09 -24.36 20.88
C PRO A 339 -17.32 -23.63 20.36
N VAL A 340 -17.18 -22.40 19.88
CA VAL A 340 -18.33 -21.75 19.24
C VAL A 340 -18.66 -22.46 17.92
N ALA A 341 -17.64 -22.74 17.10
CA ALA A 341 -17.87 -23.45 15.83
C ALA A 341 -18.52 -24.80 16.07
N ILE A 342 -18.02 -25.57 17.04
CA ILE A 342 -18.58 -26.87 17.39
C ILE A 342 -20.05 -26.73 17.79
N ASN A 343 -20.36 -25.72 18.62
CA ASN A 343 -21.72 -25.50 19.06
C ASN A 343 -22.63 -25.13 17.90
N GLU A 344 -22.17 -24.26 17.00
CA GLU A 344 -22.96 -23.91 15.81
C GLU A 344 -23.20 -25.14 14.95
N GLY A 345 -22.18 -25.99 14.80
CA GLY A 345 -22.34 -27.19 14.01
C GLY A 345 -23.38 -28.13 14.60
N ALA A 346 -23.38 -28.28 15.92
CA ALA A 346 -24.34 -29.15 16.56
C ALA A 346 -25.74 -28.57 16.51
N ALA A 347 -25.86 -27.27 16.71
CA ALA A 347 -27.18 -26.62 16.63
C ALA A 347 -27.77 -26.72 15.23
N LEU A 348 -26.93 -26.53 14.20
CA LEU A 348 -27.44 -26.57 12.83
C LEU A 348 -27.98 -27.96 12.50
N VAL A 349 -27.30 -29.02 12.95
CA VAL A 349 -27.72 -30.36 12.59
C VAL A 349 -28.99 -30.73 13.33
N ASP A 350 -29.09 -30.35 14.61
CA ASP A 350 -30.33 -30.59 15.36
C ASP A 350 -31.52 -29.89 14.70
N THR A 351 -31.31 -28.68 14.20
CA THR A 351 -32.39 -27.92 13.56
C THR A 351 -32.79 -28.56 12.23
N VAL A 352 -31.80 -28.90 11.40
CA VAL A 352 -32.09 -29.25 10.01
C VAL A 352 -32.54 -30.70 9.89
N PHE A 353 -31.89 -31.61 10.63
CA PHE A 353 -32.15 -33.03 10.54
C PHE A 353 -32.78 -33.61 11.80
N GLY A 354 -32.83 -32.88 12.90
CA GLY A 354 -33.34 -33.46 14.14
C GLY A 354 -34.72 -32.98 14.51
N ASN A 355 -35.26 -32.07 13.70
CA ASN A 355 -36.49 -31.32 13.98
C ASN A 355 -36.63 -30.96 15.46
N LYS A 356 -35.51 -30.58 16.08
CA LYS A 356 -35.52 -29.84 17.34
C LYS A 356 -34.69 -28.58 17.12
N PRO A 357 -35.32 -27.45 16.82
CA PRO A 357 -34.56 -26.28 16.40
C PRO A 357 -33.81 -25.66 17.55
N ARG A 358 -32.73 -24.97 17.22
CA ARG A 358 -31.81 -24.45 18.22
C ARG A 358 -30.80 -23.53 17.58
N LYS A 359 -30.52 -22.41 18.25
CA LYS A 359 -29.56 -21.43 17.78
C LYS A 359 -28.52 -21.18 18.86
N THR A 360 -27.29 -20.92 18.41
CA THR A 360 -26.16 -20.68 19.29
C THR A 360 -26.28 -19.34 20.01
N ASP A 361 -26.10 -19.38 21.34
CA ASP A 361 -26.01 -18.18 22.16
C ASP A 361 -24.60 -17.61 22.06
N HIS A 362 -24.44 -16.48 21.36
CA HIS A 362 -23.13 -15.88 21.21
C HIS A 362 -22.75 -14.94 22.36
N THR A 363 -23.60 -14.80 23.37
CA THR A 363 -23.28 -14.02 24.55
C THR A 363 -22.70 -14.91 25.66
N ARG A 364 -21.93 -14.28 26.54
CA ARG A 364 -21.43 -14.93 27.75
C ARG A 364 -20.62 -16.18 27.42
N VAL A 365 -19.80 -16.08 26.37
CA VAL A 365 -18.90 -17.16 25.99
C VAL A 365 -17.62 -17.02 26.82
N ALA A 366 -17.29 -18.08 27.55
CA ALA A 366 -16.01 -18.15 28.24
C ALA A 366 -14.87 -18.39 27.26
N SER A 367 -13.72 -17.78 27.53
CA SER A 367 -12.55 -17.96 26.68
C SER A 367 -11.30 -17.64 27.48
N ALA A 368 -10.13 -18.00 26.91
CA ALA A 368 -8.86 -17.84 27.61
C ALA A 368 -7.79 -17.30 26.67
N VAL A 369 -6.77 -16.67 27.28
CA VAL A 369 -5.51 -16.35 26.62
C VAL A 369 -4.41 -17.10 27.35
N PHE A 370 -3.64 -17.90 26.62
CA PHE A 370 -2.59 -18.69 27.25
C PHE A 370 -1.25 -17.98 27.21
N SER A 371 -1.31 -16.70 27.56
CA SER A 371 -0.13 -15.93 27.85
C SER A 371 0.47 -16.39 29.18
N ILE A 372 1.69 -15.94 29.45
CA ILE A 372 2.31 -16.29 30.72
C ILE A 372 2.46 -14.99 31.52
N PRO A 373 1.57 -14.72 32.49
CA PRO A 373 0.48 -15.58 33.01
C PRO A 373 -0.83 -15.50 32.20
N PRO A 374 -1.74 -16.46 32.35
CA PRO A 374 -2.91 -16.54 31.47
C PRO A 374 -4.10 -15.70 31.93
N ILE A 375 -5.05 -15.53 31.00
CA ILE A 375 -6.27 -14.78 31.20
C ILE A 375 -7.46 -15.71 31.05
N GLY A 376 -8.46 -15.56 31.91
CA GLY A 376 -9.76 -16.17 31.69
C GLY A 376 -10.86 -15.14 31.76
N THR A 377 -11.84 -15.25 30.87
CA THR A 377 -12.89 -14.24 30.82
C THR A 377 -14.20 -14.82 30.30
N CYS A 378 -15.31 -14.32 30.84
CA CYS A 378 -16.66 -14.62 30.36
C CYS A 378 -17.49 -13.35 30.46
N GLY A 379 -18.11 -12.93 29.36
CA GLY A 379 -19.06 -11.84 29.41
C GLY A 379 -18.45 -10.48 29.16
N LEU A 380 -19.13 -9.44 29.66
CA LEU A 380 -18.87 -8.06 29.27
C LEU A 380 -17.76 -7.41 30.07
N ILE A 381 -16.98 -6.55 29.39
CA ILE A 381 -16.08 -5.64 30.08
C ILE A 381 -16.87 -4.41 30.54
N GLU A 382 -16.36 -3.75 31.59
CA GLU A 382 -17.13 -2.72 32.27
C GLU A 382 -17.48 -1.55 31.35
N GLU A 383 -16.55 -1.12 30.48
CA GLU A 383 -16.87 0.04 29.65
C GLU A 383 -17.99 -0.27 28.67
N VAL A 384 -18.12 -1.53 28.25
CA VAL A 384 -19.23 -1.93 27.40
C VAL A 384 -20.52 -1.98 28.21
N ALA A 385 -20.49 -2.62 29.38
CA ALA A 385 -21.67 -2.68 30.24
C ALA A 385 -22.17 -1.28 30.59
N ALA A 386 -21.24 -0.34 30.81
CA ALA A 386 -21.64 1.02 31.20
C ALA A 386 -22.43 1.72 30.11
N LYS A 387 -22.26 1.31 28.84
CA LYS A 387 -23.08 1.85 27.77
C LYS A 387 -24.51 1.30 27.81
N GLU A 388 -24.70 0.09 28.32
CA GLU A 388 -26.01 -0.57 28.26
C GLU A 388 -26.82 -0.45 29.54
N PHE A 389 -26.20 -0.21 30.68
CA PHE A 389 -26.93 -0.22 31.93
C PHE A 389 -26.71 1.08 32.68
N GLU A 390 -27.78 1.55 33.33
CA GLU A 390 -27.73 2.80 34.07
C GLU A 390 -26.64 2.78 35.13
N LYS A 391 -26.58 1.70 35.90
CA LYS A 391 -25.68 1.61 37.05
C LYS A 391 -24.96 0.28 36.99
N VAL A 392 -23.63 0.33 36.87
CA VAL A 392 -22.79 -0.86 36.81
C VAL A 392 -21.90 -0.85 38.03
N ALA A 393 -21.83 -1.97 38.75
CA ALA A 393 -20.85 -2.11 39.81
C ALA A 393 -19.68 -2.97 39.32
N VAL A 394 -18.49 -2.66 39.82
CA VAL A 394 -17.28 -3.42 39.54
C VAL A 394 -16.67 -3.86 40.88
N TYR A 395 -16.54 -5.16 41.07
CA TYR A 395 -15.87 -5.73 42.23
C TYR A 395 -14.49 -6.21 41.79
N MET A 396 -13.46 -5.88 42.55
CA MET A 396 -12.10 -6.08 42.11
C MET A 396 -11.24 -6.52 43.28
N SER A 397 -10.48 -7.59 43.07
CA SER A 397 -9.53 -8.07 44.06
C SER A 397 -8.22 -8.34 43.33
N SER A 398 -7.14 -7.73 43.82
CA SER A 398 -5.82 -7.88 43.21
C SER A 398 -4.81 -8.17 44.31
N PHE A 399 -4.25 -9.38 44.32
CA PHE A 399 -3.46 -9.90 45.43
C PHE A 399 -2.32 -10.73 44.86
N THR A 400 -1.17 -10.73 45.56
CA THR A 400 -0.10 -11.65 45.20
C THR A 400 -0.33 -12.97 45.91
N PRO A 401 -0.45 -14.09 45.19
CA PRO A 401 -0.64 -15.38 45.86
C PRO A 401 0.57 -15.70 46.73
N LEU A 402 0.36 -16.56 47.72
CA LEU A 402 1.41 -16.72 48.71
C LEU A 402 2.59 -17.52 48.19
N MET A 403 2.36 -18.46 47.26
CA MET A 403 3.48 -19.21 46.72
C MET A 403 4.48 -18.29 46.02
N HIS A 404 4.04 -17.12 45.56
CA HIS A 404 4.93 -16.17 44.90
C HIS A 404 5.58 -15.20 45.90
N ASN A 405 5.23 -15.29 47.18
CA ASN A 405 6.06 -14.70 48.23
C ASN A 405 7.38 -15.45 48.37
N ILE A 406 7.41 -16.71 47.96
CA ILE A 406 8.58 -17.56 48.11
C ILE A 406 9.27 -17.79 46.77
N SER A 407 8.49 -17.84 45.68
CA SER A 407 9.03 -18.25 44.39
C SER A 407 10.03 -17.26 43.83
N GLY A 408 9.97 -16.00 44.24
CA GLY A 408 10.77 -14.99 43.60
C GLY A 408 9.92 -14.06 42.78
N SER A 409 9.00 -14.64 42.01
CA SER A 409 8.15 -13.90 41.06
C SER A 409 7.03 -13.13 41.75
N LYS A 410 7.42 -12.22 42.66
CA LYS A 410 6.45 -11.38 43.35
C LYS A 410 5.63 -10.53 42.38
N TYR A 411 6.12 -10.30 41.16
CA TYR A 411 5.34 -9.56 40.17
C TYR A 411 4.11 -10.30 39.67
N LYS A 412 3.88 -11.55 40.09
CA LYS A 412 2.77 -12.34 39.53
C LYS A 412 1.50 -12.13 40.37
N LYS A 413 0.96 -10.91 40.26
CA LYS A 413 -0.34 -10.61 40.85
C LYS A 413 -1.45 -11.40 40.16
N PHE A 414 -2.41 -11.88 40.94
CA PHE A 414 -3.65 -12.44 40.44
C PHE A 414 -4.71 -11.35 40.51
N VAL A 415 -5.48 -11.17 39.43
CA VAL A 415 -6.56 -10.17 39.43
C VAL A 415 -7.88 -10.88 39.16
N ALA A 416 -8.88 -10.57 39.98
CA ALA A 416 -10.25 -11.05 39.79
C ALA A 416 -11.19 -9.85 39.78
N LYS A 417 -12.02 -9.75 38.75
CA LYS A 417 -12.99 -8.66 38.61
C LYS A 417 -14.35 -9.23 38.22
N ILE A 418 -15.39 -8.76 38.90
CA ILE A 418 -16.78 -9.09 38.57
C ILE A 418 -17.52 -7.80 38.26
N VAL A 419 -18.18 -7.76 37.11
CA VAL A 419 -18.97 -6.61 36.67
C VAL A 419 -20.45 -6.98 36.80
N THR A 420 -21.25 -6.09 37.40
CA THR A 420 -22.66 -6.38 37.60
C THR A 420 -23.56 -5.25 37.10
N ASN A 421 -24.82 -5.62 36.86
CA ASN A 421 -25.94 -4.68 36.80
C ASN A 421 -26.29 -4.32 38.23
N HIS A 422 -25.91 -3.13 38.68
CA HIS A 422 -26.16 -2.82 40.09
C HIS A 422 -27.64 -2.71 40.42
N SER A 423 -28.52 -2.63 39.42
CA SER A 423 -29.95 -2.56 39.69
C SER A 423 -30.44 -3.82 40.41
N ASP A 424 -30.02 -5.01 39.92
CA ASP A 424 -30.48 -6.26 40.51
C ASP A 424 -29.34 -7.23 40.86
N GLY A 425 -28.08 -6.82 40.71
CA GLY A 425 -26.95 -7.66 41.07
C GLY A 425 -26.54 -8.71 40.04
N THR A 426 -27.22 -8.78 38.89
CA THR A 426 -26.88 -9.76 37.86
C THR A 426 -25.43 -9.60 37.40
N VAL A 427 -24.71 -10.72 37.31
CA VAL A 427 -23.31 -10.69 36.88
C VAL A 427 -23.25 -10.55 35.36
N LEU A 428 -22.61 -9.49 34.89
CA LEU A 428 -22.45 -9.22 33.47
C LEU A 428 -21.15 -9.79 32.91
N GLY A 429 -20.12 -9.91 33.75
CA GLY A 429 -18.84 -10.40 33.29
C GLY A 429 -17.89 -10.73 34.43
N VAL A 430 -17.03 -11.72 34.21
CA VAL A 430 -15.96 -12.07 35.12
C VAL A 430 -14.67 -12.10 34.31
N HIS A 431 -13.62 -11.47 34.84
CA HIS A 431 -12.34 -11.35 34.17
C HIS A 431 -11.22 -11.68 35.15
N LEU A 432 -10.33 -12.58 34.77
CA LEU A 432 -9.30 -13.11 35.66
C LEU A 432 -7.96 -13.09 34.95
N LEU A 433 -6.90 -12.83 35.71
CA LEU A 433 -5.53 -12.90 35.22
C LEU A 433 -4.69 -13.61 36.26
N GLY A 434 -3.92 -14.60 35.84
CA GLY A 434 -3.08 -15.35 36.76
C GLY A 434 -3.18 -16.86 36.54
N ASP A 435 -2.20 -17.60 37.07
CA ASP A 435 -2.14 -19.03 36.84
C ASP A 435 -3.43 -19.70 37.31
N GLY A 436 -4.03 -20.48 36.43
CA GLY A 436 -5.30 -21.12 36.73
C GLY A 436 -6.50 -20.43 36.15
N ALA A 437 -6.36 -19.18 35.70
CA ALA A 437 -7.51 -18.43 35.22
C ALA A 437 -8.30 -19.14 34.11
N PRO A 438 -7.67 -19.80 33.12
CA PRO A 438 -8.48 -20.53 32.12
C PRO A 438 -9.30 -21.67 32.72
N GLU A 439 -8.77 -22.39 33.71
CA GLU A 439 -9.54 -23.49 34.29
C GLU A 439 -10.66 -23.00 35.18
N ILE A 440 -10.43 -21.89 35.93
CA ILE A 440 -11.43 -21.34 36.86
C ILE A 440 -12.66 -20.85 36.11
N ILE A 441 -12.46 -20.17 34.97
CA ILE A 441 -13.54 -19.45 34.31
C ILE A 441 -14.62 -20.38 33.75
N GLN A 442 -14.30 -21.66 33.52
CA GLN A 442 -15.22 -22.51 32.76
C GLN A 442 -16.54 -22.67 33.49
N ALA A 443 -16.51 -22.98 34.78
CA ALA A 443 -17.77 -23.07 35.50
C ALA A 443 -18.39 -21.68 35.75
N VAL A 444 -17.61 -20.60 35.67
CA VAL A 444 -18.22 -19.28 35.66
C VAL A 444 -19.17 -19.16 34.47
N GLY A 445 -18.83 -19.77 33.34
CA GLY A 445 -19.71 -19.73 32.18
C GLY A 445 -21.08 -20.35 32.44
N VAL A 446 -21.12 -21.46 33.18
CA VAL A 446 -22.41 -22.05 33.57
C VAL A 446 -23.20 -21.10 34.46
N CYS A 447 -22.52 -20.47 35.43
CA CYS A 447 -23.14 -19.48 36.30
C CYS A 447 -23.82 -18.36 35.50
N LEU A 448 -23.12 -17.83 34.49
CA LEU A 448 -23.71 -16.70 33.76
C LEU A 448 -24.89 -17.17 32.91
N ARG A 449 -24.79 -18.37 32.33
CA ARG A 449 -25.94 -18.95 31.66
C ARG A 449 -27.11 -19.17 32.61
N LEU A 450 -26.85 -19.30 33.92
CA LEU A 450 -27.92 -19.39 34.91
C LEU A 450 -28.26 -18.05 35.55
N ASN A 451 -27.76 -16.93 35.00
CA ASN A 451 -28.09 -15.59 35.48
C ASN A 451 -27.71 -15.39 36.94
N ALA A 452 -26.53 -15.87 37.31
CA ALA A 452 -26.03 -15.65 38.67
C ALA A 452 -25.97 -14.17 39.01
N LYS A 453 -26.29 -13.85 40.26
CA LYS A 453 -26.09 -12.52 40.79
C LYS A 453 -24.86 -12.52 41.68
N ILE A 454 -24.41 -11.32 42.05
CA ILE A 454 -23.18 -11.22 42.85
C ILE A 454 -23.36 -11.93 44.18
N SER A 455 -24.59 -11.89 44.72
CA SER A 455 -24.90 -12.55 45.99
C SER A 455 -24.88 -14.07 45.88
N ASP A 456 -25.08 -14.63 44.69
CA ASP A 456 -24.89 -16.07 44.57
C ASP A 456 -23.41 -16.43 44.67
N PHE A 457 -22.54 -15.57 44.11
CA PHE A 457 -21.11 -15.75 44.31
C PHE A 457 -20.72 -15.54 45.77
N TYR A 458 -21.24 -14.47 46.40
CA TYR A 458 -20.82 -14.18 47.77
C TYR A 458 -21.37 -15.21 48.77
N ASN A 459 -22.57 -15.74 48.55
CA ASN A 459 -23.10 -16.73 49.48
C ASN A 459 -22.34 -18.04 49.41
N THR A 460 -21.56 -18.27 48.36
CA THR A 460 -20.88 -19.55 48.20
C THR A 460 -19.62 -19.59 49.06
N ILE A 461 -19.49 -20.66 49.83
CA ILE A 461 -18.33 -20.85 50.69
C ILE A 461 -17.09 -21.18 49.86
N GLY A 462 -16.00 -20.49 50.17
CA GLY A 462 -14.78 -20.67 49.39
C GLY A 462 -14.07 -21.99 49.65
N VAL A 463 -13.27 -22.39 48.67
CA VAL A 463 -12.28 -23.46 48.79
C VAL A 463 -10.95 -22.80 49.15
N HIS A 464 -10.34 -23.22 50.25
CA HIS A 464 -9.21 -22.48 50.78
C HIS A 464 -8.04 -23.43 50.98
N PRO A 465 -6.83 -23.04 50.57
CA PRO A 465 -6.43 -21.81 49.88
C PRO A 465 -6.44 -21.92 48.36
N THR A 466 -7.16 -21.05 47.65
CA THR A 466 -7.13 -21.02 46.20
C THR A 466 -7.11 -19.57 45.72
N SER A 467 -6.69 -19.37 44.47
CA SER A 467 -6.91 -18.07 43.85
C SER A 467 -8.40 -17.83 43.66
N ALA A 468 -9.14 -18.85 43.21
CA ALA A 468 -10.53 -18.70 42.80
C ALA A 468 -11.46 -18.35 43.96
N GLU A 469 -11.08 -18.63 45.20
CA GLU A 469 -11.96 -18.31 46.32
C GLU A 469 -12.18 -16.81 46.46
N GLU A 470 -11.30 -15.97 45.89
CA GLU A 470 -11.50 -14.52 45.90
C GLU A 470 -12.72 -14.08 45.10
N LEU A 471 -13.27 -14.94 44.22
CA LEU A 471 -14.51 -14.61 43.52
C LEU A 471 -15.73 -14.65 44.43
N CYS A 472 -15.62 -15.33 45.57
CA CYS A 472 -16.73 -15.62 46.46
C CYS A 472 -16.63 -14.87 47.78
N SER A 473 -15.77 -13.87 47.86
CA SER A 473 -15.60 -13.10 49.08
C SER A 473 -15.64 -11.60 48.79
N MET A 474 -16.22 -11.21 47.67
CA MET A 474 -16.33 -9.82 47.29
C MET A 474 -17.79 -9.40 47.38
N ARG A 475 -18.05 -8.33 48.11
CA ARG A 475 -19.43 -7.93 48.35
C ARG A 475 -19.62 -6.43 48.43
N THR A 476 -18.56 -5.66 48.52
CA THR A 476 -18.66 -4.23 48.33
C THR A 476 -18.04 -3.85 47.01
N PRO A 477 -18.72 -3.05 46.17
CA PRO A 477 -18.09 -2.62 44.92
C PRO A 477 -16.86 -1.77 45.20
N SER A 478 -15.87 -1.92 44.33
CA SER A 478 -14.71 -1.03 44.32
C SER A 478 -15.04 0.34 43.72
N TYR A 479 -15.94 0.39 42.74
CA TYR A 479 -16.39 1.63 42.11
C TYR A 479 -17.60 1.30 41.26
N TYR A 480 -18.12 2.31 40.58
CA TYR A 480 -19.38 2.22 39.86
C TYR A 480 -19.26 2.91 38.52
N TYR A 481 -20.27 2.68 37.69
CA TYR A 481 -20.56 3.52 36.54
C TYR A 481 -22.01 3.93 36.66
N VAL A 482 -22.27 5.24 36.63
CA VAL A 482 -23.61 5.80 36.74
C VAL A 482 -23.83 6.64 35.50
N LYS A 483 -24.77 6.23 34.66
CA LYS A 483 -24.97 6.82 33.34
C LYS A 483 -23.64 6.96 32.62
N GLY A 484 -22.80 5.94 32.74
CA GLY A 484 -21.55 5.90 32.01
C GLY A 484 -20.39 6.61 32.65
N GLU A 485 -20.55 7.17 33.84
CA GLU A 485 -19.49 7.95 34.48
C GLU A 485 -18.88 7.17 35.63
N LYS A 486 -17.58 6.90 35.55
CA LYS A 486 -16.90 6.14 36.58
C LYS A 486 -16.80 6.95 37.87
N MET A 487 -17.02 6.29 39.01
CA MET A 487 -16.97 6.98 40.30
C MET A 487 -16.82 5.97 41.43
N GLU A 488 -16.06 6.36 42.45
CA GLU A 488 -15.82 5.48 43.58
C GLU A 488 -17.07 5.24 44.39
N LYS A 489 -18.03 6.17 44.38
CA LYS A 489 -19.22 6.06 45.23
C LYS A 489 -20.46 6.47 44.45
N LEU A 490 -21.59 5.89 44.84
CA LEU A 490 -22.88 6.33 44.32
C LEU A 490 -23.24 7.69 44.89
N PRO A 491 -23.88 8.57 44.10
CA PRO A 491 -24.28 9.91 44.62
C PRO A 491 -25.31 9.82 45.73
N SER B 5 -10.47 -5.82 86.28
CA SER B 5 -11.62 -6.39 85.60
C SER B 5 -12.12 -5.44 84.49
N LYS B 6 -12.52 -6.01 83.34
CA LYS B 6 -12.84 -5.23 82.16
C LYS B 6 -14.11 -5.77 81.50
N ALA B 7 -14.88 -4.87 80.87
CA ALA B 7 -16.20 -5.18 80.34
C ALA B 7 -16.18 -5.20 78.81
N PHE B 8 -16.95 -6.12 78.22
CA PHE B 8 -16.93 -6.36 76.78
C PHE B 8 -18.30 -6.83 76.28
N ASP B 9 -18.59 -6.48 75.02
CA ASP B 9 -19.78 -7.02 74.36
C ASP B 9 -19.60 -8.48 73.98
N LEU B 10 -18.43 -8.81 73.45
CA LEU B 10 -18.15 -10.16 72.99
C LEU B 10 -16.74 -10.53 73.44
N VAL B 11 -16.60 -11.70 74.06
CA VAL B 11 -15.29 -12.28 74.31
C VAL B 11 -15.17 -13.54 73.48
N VAL B 12 -14.13 -13.61 72.67
CA VAL B 12 -13.84 -14.72 71.78
C VAL B 12 -12.65 -15.46 72.37
N ILE B 13 -12.84 -16.73 72.71
CA ILE B 13 -11.74 -17.58 73.14
C ILE B 13 -11.19 -18.30 71.90
N GLY B 14 -9.99 -17.93 71.48
CA GLY B 14 -9.37 -18.52 70.30
C GLY B 14 -9.31 -17.58 69.12
N ALA B 15 -8.13 -17.05 68.81
CA ALA B 15 -7.95 -16.09 67.73
C ALA B 15 -7.75 -16.75 66.36
N GLY B 16 -8.58 -17.74 66.04
CA GLY B 16 -8.43 -18.54 64.84
C GLY B 16 -9.31 -18.08 63.70
N SER B 17 -9.62 -19.01 62.79
CA SER B 17 -10.35 -18.67 61.58
C SER B 17 -11.74 -18.13 61.89
N GLY B 18 -12.53 -18.91 62.62
CA GLY B 18 -13.87 -18.45 62.96
C GLY B 18 -13.86 -17.35 64.00
N GLY B 19 -12.96 -17.45 64.99
CA GLY B 19 -12.92 -16.48 66.07
C GLY B 19 -12.47 -15.10 65.63
N LEU B 20 -11.64 -15.01 64.58
CA LEU B 20 -11.19 -13.73 64.09
C LEU B 20 -12.18 -13.09 63.12
N GLU B 21 -12.89 -13.88 62.31
CA GLU B 21 -13.99 -13.33 61.53
C GLU B 21 -15.04 -12.71 62.45
N ALA B 22 -15.44 -13.44 63.50
CA ALA B 22 -16.49 -12.95 64.39
C ALA B 22 -16.03 -11.74 65.18
N GLY B 23 -14.81 -11.76 65.68
CA GLY B 23 -14.30 -10.61 66.39
C GLY B 23 -14.29 -9.33 65.56
N TRP B 24 -13.62 -9.38 64.40
CA TRP B 24 -13.49 -8.18 63.58
C TRP B 24 -14.84 -7.71 63.05
N ASN B 25 -15.73 -8.63 62.68
CA ASN B 25 -17.05 -8.22 62.19
C ASN B 25 -17.86 -7.54 63.30
N ALA B 26 -17.80 -8.08 64.52
CA ALA B 26 -18.51 -7.48 65.64
C ALA B 26 -18.02 -6.06 65.91
N ALA B 27 -16.72 -5.84 65.80
CA ALA B 27 -16.13 -4.56 66.14
C ALA B 27 -16.37 -3.51 65.06
N THR B 28 -16.01 -3.82 63.81
CA THR B 28 -16.03 -2.82 62.74
C THR B 28 -17.37 -2.72 62.03
N LEU B 29 -18.22 -3.74 62.10
CA LEU B 29 -19.51 -3.68 61.44
C LEU B 29 -20.65 -3.31 62.39
N TYR B 30 -20.48 -3.48 63.70
CA TYR B 30 -21.54 -3.14 64.62
C TYR B 30 -21.04 -2.34 65.83
N GLY B 31 -19.81 -1.83 65.79
CA GLY B 31 -19.30 -0.95 66.82
C GLY B 31 -19.30 -1.51 68.22
N LYS B 32 -19.09 -2.82 68.37
CA LYS B 32 -19.10 -3.45 69.67
C LYS B 32 -17.69 -3.48 70.27
N ARG B 33 -17.63 -3.74 71.57
CA ARG B 33 -16.38 -3.90 72.30
C ARG B 33 -16.06 -5.39 72.37
N VAL B 34 -14.85 -5.76 71.94
CA VAL B 34 -14.52 -7.15 71.65
C VAL B 34 -13.13 -7.45 72.23
N ALA B 35 -13.02 -8.58 72.93
CA ALA B 35 -11.74 -9.12 73.37
C ALA B 35 -11.57 -10.53 72.82
N VAL B 36 -10.36 -10.79 72.30
CA VAL B 36 -10.00 -12.07 71.70
C VAL B 36 -8.76 -12.61 72.41
N VAL B 37 -8.84 -13.85 72.89
CA VAL B 37 -7.79 -14.50 73.67
C VAL B 37 -7.12 -15.59 72.85
N ASP B 38 -5.80 -15.62 72.82
CA ASP B 38 -5.07 -16.77 72.29
C ASP B 38 -3.81 -17.03 73.11
N VAL B 39 -3.32 -18.27 73.05
CA VAL B 39 -2.19 -18.71 73.87
C VAL B 39 -0.83 -18.22 73.37
N GLN B 40 -0.74 -17.75 72.13
CA GLN B 40 0.54 -17.47 71.51
C GLN B 40 0.33 -16.42 70.42
N THR B 41 1.36 -15.59 70.21
CA THR B 41 1.29 -14.51 69.24
C THR B 41 1.92 -14.84 67.89
N SER B 42 2.72 -15.91 67.79
CA SER B 42 3.20 -16.37 66.49
C SER B 42 3.31 -17.89 66.51
N HIS B 43 3.60 -18.46 65.32
CA HIS B 43 3.52 -19.90 65.08
C HIS B 43 4.64 -20.66 65.79
N GLY B 44 4.43 -21.97 65.92
CA GLY B 44 5.52 -22.87 66.25
C GLY B 44 5.45 -23.38 67.67
N PRO B 45 6.43 -24.20 68.05
CA PRO B 45 6.50 -24.67 69.44
C PRO B 45 6.55 -23.49 70.39
N PRO B 46 6.03 -23.64 71.60
CA PRO B 46 5.44 -24.87 72.17
C PRO B 46 3.97 -25.14 71.85
N PHE B 47 3.14 -24.16 71.45
CA PHE B 47 1.71 -24.42 71.37
C PHE B 47 1.18 -24.56 69.96
N TYR B 48 2.02 -24.33 68.94
CA TYR B 48 1.78 -24.58 67.52
C TYR B 48 0.74 -23.65 66.92
N ALA B 49 -0.55 -23.89 67.19
CA ALA B 49 -1.57 -22.90 66.87
C ALA B 49 -1.31 -21.60 67.65
N ALA B 50 -1.77 -20.49 67.10
CA ALA B 50 -1.47 -19.20 67.67
C ALA B 50 -2.43 -18.19 67.08
N LEU B 51 -2.16 -16.91 67.34
CA LEU B 51 -2.86 -15.84 66.68
C LEU B 51 -2.92 -16.10 65.17
N GLY B 52 -4.15 -16.17 64.65
CA GLY B 52 -4.41 -16.51 63.27
C GLY B 52 -5.08 -17.86 63.10
N GLY B 53 -4.83 -18.79 64.01
CA GLY B 53 -5.51 -20.07 64.02
C GLY B 53 -4.66 -21.22 63.51
N THR B 54 -5.30 -22.39 63.49
CA THR B 54 -4.67 -23.61 62.98
C THR B 54 -4.30 -23.45 61.52
N CYS B 55 -5.24 -22.92 60.72
CA CYS B 55 -5.03 -22.81 59.28
C CYS B 55 -3.79 -21.98 58.98
N VAL B 56 -3.68 -20.83 59.62
CA VAL B 56 -2.58 -19.91 59.35
C VAL B 56 -1.25 -20.48 59.83
N ASN B 57 -1.23 -21.02 61.06
CA ASN B 57 0.03 -21.37 61.71
C ASN B 57 0.51 -22.81 61.42
N VAL B 58 -0.38 -23.80 61.49
CA VAL B 58 0.01 -25.21 61.30
C VAL B 58 -1.07 -25.97 60.53
N GLY B 59 -1.53 -25.39 59.42
CA GLY B 59 -2.64 -25.92 58.65
C GLY B 59 -2.61 -25.55 57.18
N CYS B 60 -3.71 -25.02 56.66
CA CYS B 60 -3.85 -24.82 55.21
C CYS B 60 -2.68 -24.06 54.63
N VAL B 61 -2.25 -22.99 55.29
CA VAL B 61 -1.29 -22.06 54.69
C VAL B 61 0.09 -22.70 54.57
N PRO B 62 0.75 -23.13 55.66
CA PRO B 62 2.05 -23.78 55.48
C PRO B 62 1.98 -25.05 54.64
N LYS B 63 0.90 -25.83 54.75
CA LYS B 63 0.84 -27.05 53.97
C LYS B 63 0.71 -26.74 52.48
N LYS B 64 -0.03 -25.69 52.11
CA LYS B 64 -0.13 -25.35 50.70
C LYS B 64 1.24 -25.00 50.15
N LEU B 65 2.00 -24.19 50.89
CA LEU B 65 3.35 -23.84 50.46
C LEU B 65 4.22 -25.08 50.28
N MET B 66 4.15 -26.02 51.22
CA MET B 66 5.04 -27.17 51.18
C MET B 66 4.63 -28.16 50.10
N VAL B 67 3.32 -28.31 49.87
CA VAL B 67 2.82 -29.08 48.74
C VAL B 67 3.27 -28.45 47.42
N THR B 68 3.19 -27.12 47.32
CA THR B 68 3.71 -26.45 46.14
C THR B 68 5.18 -26.80 45.95
N GLY B 69 5.95 -26.80 47.04
CA GLY B 69 7.33 -27.21 46.96
C GLY B 69 7.49 -28.64 46.49
N ALA B 70 6.67 -29.55 46.99
CA ALA B 70 6.80 -30.94 46.59
C ALA B 70 6.46 -31.17 45.12
N GLN B 71 5.63 -30.30 44.52
CA GLN B 71 5.28 -30.49 43.12
C GLN B 71 6.46 -30.27 42.18
N TYR B 72 7.51 -29.58 42.61
CA TYR B 72 8.63 -29.36 41.68
C TYR B 72 9.37 -30.64 41.36
N MET B 73 9.30 -31.66 42.23
CA MET B 73 9.87 -32.96 41.87
C MET B 73 9.28 -33.47 40.57
N ASP B 74 7.97 -33.32 40.38
CA ASP B 74 7.34 -33.72 39.12
C ASP B 74 7.67 -32.76 37.99
N HIS B 75 7.66 -31.43 38.27
CA HIS B 75 7.97 -30.46 37.21
C HIS B 75 9.36 -30.66 36.64
N LEU B 76 10.35 -30.92 37.50
CA LEU B 76 11.70 -31.12 36.97
C LEU B 76 11.76 -32.32 36.04
N ARG B 77 11.15 -33.44 36.43
CA ARG B 77 11.18 -34.62 35.58
C ARG B 77 10.33 -34.44 34.31
N GLU B 78 9.14 -33.85 34.44
CA GLU B 78 8.25 -33.72 33.28
C GLU B 78 8.79 -32.72 32.25
N SER B 79 9.57 -31.72 32.68
CA SER B 79 10.09 -30.72 31.74
C SER B 79 10.91 -31.35 30.61
N ALA B 80 11.42 -32.57 30.80
CA ALA B 80 12.26 -33.18 29.76
C ALA B 80 11.48 -33.47 28.49
N GLY B 81 10.25 -33.97 28.63
CA GLY B 81 9.42 -34.21 27.46
C GLY B 81 9.15 -32.98 26.61
N PHE B 82 9.25 -31.79 27.17
CA PHE B 82 9.08 -30.56 26.40
C PHE B 82 10.41 -29.94 26.01
N GLY B 83 11.48 -30.72 26.09
CA GLY B 83 12.77 -30.30 25.56
C GLY B 83 13.71 -29.67 26.56
N TRP B 84 13.39 -29.72 27.84
CA TRP B 84 14.24 -29.07 28.83
C TRP B 84 15.34 -30.04 29.27
N GLU B 85 16.58 -29.56 29.21
CA GLU B 85 17.79 -30.32 29.52
C GLU B 85 18.50 -29.67 30.69
N PHE B 86 19.06 -30.51 31.56
CA PHE B 86 19.93 -30.05 32.63
C PHE B 86 20.49 -31.29 33.33
N ASP B 87 21.41 -31.06 34.27
CA ASP B 87 22.15 -32.16 34.92
C ASP B 87 21.28 -32.76 36.03
N GLY B 88 20.60 -33.85 35.70
CA GLY B 88 19.66 -34.46 36.63
C GLY B 88 20.29 -34.91 37.93
N SER B 89 21.54 -35.38 37.86
CA SER B 89 22.23 -35.84 39.07
C SER B 89 22.60 -34.68 39.98
N SER B 90 22.58 -33.44 39.49
CA SER B 90 22.91 -32.30 40.33
C SER B 90 21.73 -31.85 41.19
N VAL B 91 20.59 -32.51 41.08
CA VAL B 91 19.36 -32.05 41.71
C VAL B 91 19.33 -32.53 43.15
N LYS B 92 19.02 -31.63 44.08
CA LYS B 92 18.71 -32.02 45.45
C LYS B 92 17.64 -31.09 46.00
N ALA B 93 16.88 -31.61 47.00
CA ALA B 93 15.73 -30.94 47.58
C ALA B 93 16.08 -30.48 49.00
N ASN B 94 16.32 -29.19 49.16
CA ASN B 94 16.78 -28.66 50.44
C ASN B 94 15.57 -28.39 51.35
N TRP B 95 15.32 -29.30 52.29
CA TRP B 95 14.18 -29.21 53.19
C TRP B 95 14.29 -28.01 54.14
N LYS B 96 15.47 -27.76 54.71
CA LYS B 96 15.63 -26.66 55.68
C LYS B 96 15.30 -25.32 55.04
N LYS B 97 15.76 -25.10 53.81
CA LYS B 97 15.40 -23.88 53.08
C LYS B 97 13.89 -23.76 52.90
N LEU B 98 13.22 -24.87 52.56
CA LEU B 98 11.76 -24.86 52.50
C LEU B 98 11.14 -24.45 53.84
N ILE B 99 11.52 -25.13 54.93
CA ILE B 99 10.95 -24.82 56.24
C ILE B 99 11.23 -23.37 56.62
N ALA B 100 12.45 -22.88 56.34
CA ALA B 100 12.82 -21.52 56.70
C ALA B 100 11.96 -20.51 55.95
N ALA B 101 11.78 -20.72 54.64
CA ALA B 101 10.91 -19.84 53.85
C ALA B 101 9.47 -19.92 54.35
N LYS B 102 8.98 -21.13 54.62
CA LYS B 102 7.62 -21.26 55.14
C LYS B 102 7.48 -20.52 56.47
N ASN B 103 8.48 -20.65 57.36
CA ASN B 103 8.40 -19.97 58.66
C ASN B 103 8.31 -18.45 58.48
N GLU B 104 9.05 -17.89 57.53
CA GLU B 104 9.02 -16.44 57.36
C GLU B 104 7.68 -15.99 56.80
N ALA B 105 7.15 -16.71 55.81
CA ALA B 105 5.85 -16.35 55.25
C ALA B 105 4.76 -16.42 56.29
N VAL B 106 4.82 -17.40 57.19
CA VAL B 106 3.81 -17.51 58.25
C VAL B 106 3.99 -16.38 59.25
N LEU B 107 5.23 -16.08 59.63
CA LEU B 107 5.51 -15.00 60.58
C LEU B 107 4.95 -13.68 60.08
N ASP B 108 5.14 -13.38 58.79
CA ASP B 108 4.58 -12.17 58.19
C ASP B 108 3.09 -12.05 58.44
N ILE B 109 2.37 -13.17 58.36
CA ILE B 109 0.94 -13.14 58.63
C ILE B 109 0.67 -12.96 60.12
N ASN B 110 1.52 -13.57 60.96
CA ASN B 110 1.41 -13.34 62.41
C ASN B 110 1.49 -11.86 62.74
N LYS B 111 2.50 -11.16 62.18
CA LYS B 111 2.70 -9.74 62.45
C LYS B 111 1.55 -8.90 61.90
N SER B 112 1.05 -9.23 60.70
CA SER B 112 -0.06 -8.46 60.15
C SER B 112 -1.30 -8.55 61.02
N TYR B 113 -1.56 -9.73 61.61
CA TYR B 113 -2.68 -9.85 62.54
C TYR B 113 -2.45 -9.00 63.79
N GLU B 114 -1.18 -8.77 64.14
CA GLU B 114 -0.88 -7.93 65.29
C GLU B 114 -1.27 -6.48 65.01
N GLY B 115 -0.78 -5.92 63.91
CA GLY B 115 -1.15 -4.56 63.54
C GLY B 115 -2.64 -4.38 63.40
N MET B 116 -3.35 -5.43 63.00
CA MET B 116 -4.79 -5.33 62.88
C MET B 116 -5.44 -5.03 64.24
N PHE B 117 -4.95 -5.68 65.29
CA PHE B 117 -5.50 -5.37 66.61
C PHE B 117 -5.12 -3.96 67.04
N ASN B 118 -3.87 -3.56 66.82
CA ASN B 118 -3.42 -2.23 67.21
C ASN B 118 -4.11 -1.11 66.44
N ASP B 119 -4.76 -1.42 65.32
CA ASP B 119 -5.35 -0.40 64.46
C ASP B 119 -6.86 -0.37 64.52
N THR B 120 -7.50 -1.29 65.23
CA THR B 120 -8.95 -1.40 65.19
C THR B 120 -9.54 -0.98 66.53
N GLU B 121 -10.57 -0.13 66.46
CA GLU B 121 -11.28 0.31 67.64
C GLU B 121 -12.21 -0.78 68.14
N GLY B 122 -12.26 -0.96 69.46
CA GLY B 122 -13.13 -1.96 70.05
C GLY B 122 -12.70 -3.39 69.82
N LEU B 123 -11.44 -3.63 69.49
CA LEU B 123 -10.91 -4.97 69.25
C LEU B 123 -9.57 -5.11 69.97
N ASP B 124 -9.56 -5.87 71.07
CA ASP B 124 -8.36 -6.09 71.87
C ASP B 124 -7.97 -7.57 71.88
N PHE B 125 -6.67 -7.82 71.92
CA PHE B 125 -6.11 -9.16 72.00
C PHE B 125 -5.54 -9.38 73.40
N PHE B 126 -5.73 -10.59 73.93
CA PHE B 126 -5.19 -10.98 75.22
C PHE B 126 -4.45 -12.29 75.09
N LEU B 127 -3.24 -12.34 75.64
CA LEU B 127 -2.40 -13.52 75.62
C LEU B 127 -2.65 -14.40 76.83
N GLY B 128 -2.87 -15.69 76.60
CA GLY B 128 -3.02 -16.63 77.68
C GLY B 128 -4.13 -17.62 77.40
N TRP B 129 -4.58 -18.28 78.46
CA TRP B 129 -5.48 -19.42 78.35
C TRP B 129 -6.85 -19.04 78.90
N GLY B 130 -7.84 -18.94 78.03
CA GLY B 130 -9.18 -18.54 78.43
C GLY B 130 -10.01 -19.74 78.87
N SER B 131 -10.83 -19.53 79.89
CA SER B 131 -11.78 -20.55 80.34
C SER B 131 -12.99 -19.86 80.96
N LEU B 132 -14.08 -20.61 81.07
CA LEU B 132 -15.34 -20.09 81.59
C LEU B 132 -15.33 -20.20 83.11
N GLU B 133 -15.21 -19.05 83.78
CA GLU B 133 -15.35 -19.02 85.24
C GLU B 133 -16.83 -19.01 85.66
N SER B 134 -17.61 -18.11 85.08
CA SER B 134 -19.04 -18.01 85.35
C SER B 134 -19.74 -17.59 84.07
N LYS B 135 -21.07 -17.49 84.15
CA LYS B 135 -21.90 -17.37 82.96
C LYS B 135 -21.58 -16.13 82.13
N ASN B 136 -20.99 -15.10 82.72
CA ASN B 136 -20.66 -13.88 81.98
C ASN B 136 -19.25 -13.40 82.27
N VAL B 137 -18.35 -14.33 82.61
CA VAL B 137 -16.98 -14.01 82.98
C VAL B 137 -16.03 -15.03 82.34
N VAL B 138 -15.01 -14.53 81.66
CA VAL B 138 -13.97 -15.34 81.04
C VAL B 138 -12.66 -15.03 81.74
N VAL B 139 -11.92 -16.07 82.13
CA VAL B 139 -10.67 -15.92 82.86
C VAL B 139 -9.53 -16.26 81.92
N VAL B 140 -8.42 -15.53 82.04
CA VAL B 140 -7.21 -15.73 81.26
C VAL B 140 -6.09 -16.05 82.23
N ARG B 141 -5.60 -17.29 82.19
CA ARG B 141 -4.53 -17.72 83.10
C ARG B 141 -3.22 -17.92 82.34
N GLU B 142 -2.16 -18.16 83.11
CA GLU B 142 -0.81 -18.19 82.54
C GLU B 142 -0.59 -19.45 81.71
N THR B 143 -1.04 -20.59 82.21
CA THR B 143 -0.92 -21.86 81.51
C THR B 143 -2.30 -22.50 81.46
N ALA B 144 -2.36 -23.64 80.74
CA ALA B 144 -3.58 -24.42 80.63
C ALA B 144 -4.02 -25.01 81.96
N ASP B 145 -3.14 -24.99 82.96
CA ASP B 145 -3.46 -25.45 84.31
C ASP B 145 -4.51 -24.54 84.93
N PRO B 146 -5.68 -25.06 85.35
CA PRO B 146 -6.74 -24.18 85.89
C PRO B 146 -6.41 -23.59 87.25
N LYS B 147 -5.17 -23.80 87.73
CA LYS B 147 -4.69 -23.21 88.96
C LYS B 147 -3.58 -22.20 88.75
N SER B 148 -3.11 -22.02 87.52
CA SER B 148 -2.09 -21.02 87.24
C SER B 148 -2.63 -19.62 87.48
N ALA B 149 -1.74 -18.63 87.38
CA ALA B 149 -2.03 -17.29 87.87
C ALA B 149 -2.98 -16.54 86.94
N VAL B 150 -4.04 -15.98 87.52
CA VAL B 150 -5.03 -15.24 86.73
C VAL B 150 -4.38 -13.95 86.24
N LYS B 151 -4.40 -13.76 84.92
CA LYS B 151 -3.85 -12.57 84.29
C LYS B 151 -4.90 -11.50 84.02
N GLU B 152 -6.13 -11.92 83.73
CA GLU B 152 -7.20 -11.03 83.36
C GLU B 152 -8.52 -11.69 83.75
N ARG B 153 -9.51 -10.86 84.04
CA ARG B 153 -10.88 -11.31 84.22
C ARG B 153 -11.73 -10.44 83.32
N LEU B 154 -12.25 -11.02 82.25
CA LEU B 154 -13.06 -10.31 81.28
C LEU B 154 -14.52 -10.69 81.48
N GLN B 155 -15.38 -9.70 81.64
CA GLN B 155 -16.81 -9.95 81.74
C GLN B 155 -17.46 -9.64 80.40
N ALA B 156 -18.36 -10.52 79.98
CA ALA B 156 -18.89 -10.50 78.63
C ALA B 156 -20.39 -10.61 78.65
N ASP B 157 -21.07 -9.80 77.82
CA ASP B 157 -22.48 -10.06 77.57
C ASP B 157 -22.66 -11.32 76.75
N HIS B 158 -21.68 -11.63 75.88
CA HIS B 158 -21.71 -12.81 75.02
C HIS B 158 -20.34 -13.46 74.99
N ILE B 159 -20.31 -14.80 74.98
CA ILE B 159 -19.07 -15.55 74.96
C ILE B 159 -19.08 -16.51 73.77
N LEU B 160 -18.00 -16.49 72.98
CA LEU B 160 -17.88 -17.34 71.79
C LEU B 160 -16.72 -18.31 71.99
N LEU B 161 -17.04 -19.59 71.94
CA LEU B 161 -16.07 -20.67 71.98
C LEU B 161 -15.60 -20.99 70.56
N ALA B 162 -14.30 -20.84 70.31
CA ALA B 162 -13.75 -21.10 68.98
C ALA B 162 -12.31 -21.55 69.12
N THR B 163 -12.09 -22.60 69.89
CA THR B 163 -10.75 -23.06 70.21
C THR B 163 -10.28 -24.17 69.27
N GLY B 164 -11.13 -24.57 68.31
CA GLY B 164 -10.77 -25.49 67.25
C GLY B 164 -10.56 -26.90 67.76
N SER B 165 -9.62 -27.61 67.11
CA SER B 165 -9.39 -29.02 67.40
C SER B 165 -7.91 -29.32 67.59
N TRP B 166 -7.55 -30.61 67.72
CA TRP B 166 -6.21 -31.04 68.10
C TRP B 166 -6.02 -32.48 67.62
N PRO B 167 -4.78 -32.91 67.36
CA PRO B 167 -4.59 -34.25 66.79
C PRO B 167 -5.01 -35.37 67.74
N GLN B 168 -5.68 -36.37 67.19
CA GLN B 168 -6.04 -37.54 67.98
C GLN B 168 -4.89 -38.52 67.97
N MET B 169 -4.57 -39.09 69.14
CA MET B 169 -3.52 -40.08 69.25
C MET B 169 -4.08 -41.35 69.87
N PRO B 170 -3.88 -42.50 69.26
CA PRO B 170 -4.45 -43.74 69.80
C PRO B 170 -3.70 -44.22 71.03
N ALA B 171 -4.43 -44.93 71.90
CA ALA B 171 -3.83 -45.51 73.11
C ALA B 171 -3.19 -46.84 72.75
N ILE B 172 -1.98 -46.75 72.20
CA ILE B 172 -1.13 -47.93 71.97
C ILE B 172 0.20 -47.74 72.69
N PRO B 173 0.79 -48.80 73.24
CA PRO B 173 2.14 -48.69 73.79
C PRO B 173 3.12 -48.03 72.82
N GLY B 174 3.83 -47.02 73.32
CA GLY B 174 4.83 -46.32 72.53
C GLY B 174 4.31 -45.15 71.72
N ILE B 175 3.08 -44.70 71.98
CA ILE B 175 2.52 -43.57 71.24
C ILE B 175 3.41 -42.34 71.40
N GLU B 176 4.12 -42.24 72.52
CA GLU B 176 4.95 -41.07 72.78
C GLU B 176 6.13 -40.95 71.82
N HIS B 177 6.41 -42.00 71.04
CA HIS B 177 7.49 -41.96 70.07
C HIS B 177 6.98 -41.56 68.70
N CYS B 178 5.73 -41.13 68.62
CA CYS B 178 5.07 -40.72 67.38
C CYS B 178 4.86 -39.22 67.41
N ILE B 179 4.82 -38.61 66.21
CA ILE B 179 4.53 -37.17 66.11
C ILE B 179 3.15 -36.99 65.49
N SER B 180 2.72 -35.73 65.36
CA SER B 180 1.53 -35.36 64.59
C SER B 180 1.91 -34.32 63.56
N SER B 181 0.92 -33.79 62.82
CA SER B 181 1.21 -32.76 61.83
C SER B 181 1.84 -31.53 62.45
N ASN B 182 1.49 -31.20 63.69
CA ASN B 182 2.12 -30.10 64.41
C ASN B 182 3.64 -30.17 64.30
N GLU B 183 4.22 -31.31 64.69
CA GLU B 183 5.68 -31.42 64.72
C GLU B 183 6.27 -31.63 63.33
N ALA B 184 5.49 -32.19 62.41
CA ALA B 184 5.99 -32.40 61.05
C ALA B 184 6.39 -31.07 60.42
N PHE B 185 5.63 -30.02 60.69
CA PHE B 185 5.95 -28.69 60.19
C PHE B 185 7.31 -28.16 60.70
N TYR B 186 7.90 -28.76 61.73
CA TYR B 186 9.13 -28.20 62.29
C TYR B 186 10.27 -29.21 62.32
N LEU B 187 10.17 -30.31 61.60
CA LEU B 187 11.24 -31.31 61.65
C LEU B 187 12.56 -30.70 61.16
N PRO B 188 13.66 -30.88 61.90
CA PRO B 188 14.93 -30.29 61.45
C PRO B 188 15.38 -30.82 60.11
N GLU B 189 15.27 -32.12 59.90
CA GLU B 189 15.71 -32.81 58.69
C GLU B 189 14.51 -33.47 58.05
N PRO B 190 14.46 -33.55 56.72
CA PRO B 190 13.41 -34.36 56.10
C PRO B 190 13.65 -35.82 56.40
N PRO B 191 12.63 -36.54 56.87
CA PRO B 191 12.83 -37.93 57.26
C PRO B 191 13.16 -38.81 56.07
N ARG B 192 14.02 -39.79 56.31
CA ARG B 192 14.45 -40.64 55.21
C ARG B 192 13.45 -41.75 54.96
N ARG B 193 13.05 -42.44 56.02
CA ARG B 193 11.92 -43.36 56.01
C ARG B 193 10.88 -42.81 56.96
N VAL B 194 9.64 -42.73 56.51
CA VAL B 194 8.58 -42.20 57.35
C VAL B 194 7.32 -43.01 57.10
N LEU B 195 6.58 -43.27 58.17
CA LEU B 195 5.25 -43.85 58.11
C LEU B 195 4.22 -42.78 58.46
N THR B 196 3.29 -42.51 57.55
CA THR B 196 2.12 -41.70 57.88
C THR B 196 0.92 -42.61 58.11
N VAL B 197 0.28 -42.43 59.26
CA VAL B 197 -0.79 -43.29 59.74
C VAL B 197 -2.10 -42.54 59.56
N GLY B 198 -2.98 -43.07 58.71
CA GLY B 198 -4.33 -42.55 58.52
C GLY B 198 -4.66 -42.47 57.05
N GLY B 199 -5.96 -42.52 56.74
CA GLY B 199 -6.48 -42.46 55.39
C GLY B 199 -7.00 -41.11 54.95
N GLY B 200 -6.95 -40.10 55.82
CA GLY B 200 -7.56 -38.81 55.55
C GLY B 200 -6.60 -37.86 54.84
N PHE B 201 -7.09 -36.64 54.61
CA PHE B 201 -6.37 -35.73 53.74
C PHE B 201 -5.01 -35.32 54.32
N ILE B 202 -4.87 -35.31 55.66
CA ILE B 202 -3.61 -34.87 56.23
C ILE B 202 -2.52 -35.93 56.04
N SER B 203 -2.84 -37.18 56.33
CA SER B 203 -1.91 -38.28 56.02
C SER B 203 -1.52 -38.24 54.55
N VAL B 204 -2.50 -38.11 53.67
CA VAL B 204 -2.24 -38.20 52.24
C VAL B 204 -1.40 -37.03 51.78
N GLU B 205 -1.70 -35.81 52.28
CA GLU B 205 -0.96 -34.62 51.83
C GLU B 205 0.48 -34.63 52.29
N PHE B 206 0.72 -34.97 53.56
CA PHE B 206 2.09 -35.02 54.05
C PHE B 206 2.88 -36.14 53.40
N ALA B 207 2.23 -37.26 53.07
CA ALA B 207 2.91 -38.31 52.34
C ALA B 207 3.50 -37.77 51.05
N GLY B 208 2.70 -37.03 50.28
CA GLY B 208 3.24 -36.40 49.08
C GLY B 208 4.39 -35.46 49.37
N ILE B 209 4.35 -34.77 50.52
CA ILE B 209 5.41 -33.82 50.86
C ILE B 209 6.72 -34.54 51.17
N PHE B 210 6.69 -35.51 52.11
CA PHE B 210 7.88 -36.26 52.47
C PHE B 210 8.49 -36.97 51.26
N ASN B 211 7.62 -37.52 50.40
CA ASN B 211 8.05 -38.22 49.19
C ASN B 211 8.92 -37.35 48.29
N ALA B 212 8.61 -36.05 48.17
CA ALA B 212 9.45 -35.21 47.33
C ALA B 212 10.77 -34.84 48.01
N TYR B 213 10.77 -34.65 49.33
CA TYR B 213 11.95 -34.12 50.00
C TYR B 213 12.81 -35.19 50.69
N LYS B 214 12.48 -36.47 50.55
CA LYS B 214 13.24 -37.52 51.21
C LYS B 214 14.66 -37.59 50.65
N PRO B 215 15.65 -37.87 51.49
CA PRO B 215 17.04 -37.99 51.02
C PRO B 215 17.20 -39.24 50.16
N PRO B 216 18.34 -39.38 49.47
CA PRO B 216 18.52 -40.55 48.58
C PRO B 216 18.38 -41.87 49.34
N GLY B 217 17.73 -42.83 48.71
CA GLY B 217 17.41 -44.11 49.33
C GLY B 217 16.18 -44.11 50.22
N GLY B 218 15.44 -42.99 50.26
CA GLY B 218 14.33 -42.87 51.20
C GLY B 218 13.07 -43.58 50.73
N LYS B 219 12.09 -43.61 51.63
CA LYS B 219 10.84 -44.32 51.35
C LYS B 219 9.74 -43.78 52.24
N VAL B 220 8.58 -43.49 51.65
CA VAL B 220 7.41 -43.05 52.40
C VAL B 220 6.37 -44.16 52.33
N THR B 221 5.86 -44.56 53.50
CA THR B 221 4.76 -45.49 53.60
C THR B 221 3.57 -44.81 54.25
N LEU B 222 2.37 -45.08 53.73
CA LEU B 222 1.14 -44.66 54.38
C LEU B 222 0.37 -45.93 54.73
N CYS B 223 -0.08 -46.04 55.98
CA CYS B 223 -0.92 -47.17 56.37
C CYS B 223 -2.29 -46.68 56.80
N TYR B 224 -3.29 -47.55 56.62
CA TYR B 224 -4.66 -47.19 56.95
C TYR B 224 -5.40 -48.47 57.30
N ARG B 225 -6.25 -48.39 58.34
CA ARG B 225 -6.79 -49.60 58.96
C ARG B 225 -7.86 -50.28 58.12
N ASN B 226 -8.54 -49.57 57.23
CA ASN B 226 -9.52 -50.22 56.39
C ASN B 226 -8.96 -50.41 54.98
N ASN B 227 -9.83 -50.68 54.02
CA ASN B 227 -9.43 -51.21 52.72
C ASN B 227 -9.07 -50.12 51.70
N LEU B 228 -9.57 -48.90 51.86
CA LEU B 228 -9.41 -47.88 50.81
C LEU B 228 -9.33 -46.49 51.45
N ILE B 229 -8.27 -45.75 51.13
CA ILE B 229 -8.05 -44.47 51.80
C ILE B 229 -9.12 -43.46 51.41
N LEU B 230 -9.17 -42.35 52.15
CA LEU B 230 -9.97 -41.17 51.80
C LEU B 230 -11.46 -41.48 51.80
N ARG B 231 -11.91 -42.20 52.83
CA ARG B 231 -13.33 -42.37 53.08
C ARG B 231 -14.05 -41.03 53.06
N GLY B 232 -15.22 -41.00 52.44
CA GLY B 232 -16.02 -39.80 52.31
C GLY B 232 -15.91 -39.13 50.96
N PHE B 233 -14.83 -39.40 50.23
CA PHE B 233 -14.67 -38.91 48.87
C PHE B 233 -15.21 -39.92 47.86
N ASP B 234 -15.36 -39.46 46.62
CA ASP B 234 -15.77 -40.31 45.50
C ASP B 234 -14.90 -41.56 45.39
N GLU B 235 -15.54 -42.70 45.09
CA GLU B 235 -14.83 -43.98 45.16
C GLU B 235 -13.93 -44.21 43.95
N THR B 236 -14.37 -43.84 42.76
CA THR B 236 -13.46 -43.83 41.62
C THR B 236 -12.21 -43.04 41.94
N ILE B 237 -12.37 -41.91 42.60
CA ILE B 237 -11.23 -41.03 42.82
C ILE B 237 -10.35 -41.56 43.93
N ARG B 238 -10.93 -42.12 45.00
CA ARG B 238 -10.11 -42.79 46.02
C ARG B 238 -9.24 -43.89 45.40
N GLU B 239 -9.80 -44.66 44.47
CA GLU B 239 -9.03 -45.73 43.84
C GLU B 239 -7.94 -45.17 42.93
N GLU B 240 -8.27 -44.14 42.15
CA GLU B 240 -7.29 -43.56 41.23
C GLU B 240 -6.14 -42.91 41.97
N VAL B 241 -6.43 -42.07 42.97
CA VAL B 241 -5.35 -41.36 43.62
C VAL B 241 -4.42 -42.35 44.35
N THR B 242 -4.97 -43.46 44.86
CA THR B 242 -4.14 -44.55 45.40
C THR B 242 -3.16 -45.04 44.35
N LYS B 243 -3.66 -45.25 43.13
CA LYS B 243 -2.82 -45.74 42.04
C LYS B 243 -1.75 -44.71 41.68
N GLN B 244 -2.12 -43.43 41.63
CA GLN B 244 -1.16 -42.39 41.22
C GLN B 244 -0.18 -42.05 42.32
N LEU B 245 -0.55 -42.17 43.61
CA LEU B 245 0.44 -42.07 44.67
C LEU B 245 1.44 -43.22 44.58
N THR B 246 0.95 -44.43 44.31
CA THR B 246 1.82 -45.59 44.17
C THR B 246 2.74 -45.46 42.98
N ALA B 247 2.22 -44.93 41.87
CA ALA B 247 3.07 -44.70 40.70
C ALA B 247 4.22 -43.75 41.00
N ASN B 248 4.09 -42.88 42.00
CA ASN B 248 5.11 -41.88 42.32
C ASN B 248 5.97 -42.29 43.50
N GLY B 249 5.92 -43.56 43.91
CA GLY B 249 6.88 -44.11 44.85
C GLY B 249 6.41 -44.30 46.27
N ILE B 250 5.14 -44.06 46.56
CA ILE B 250 4.59 -44.14 47.91
C ILE B 250 3.96 -45.51 48.08
N GLU B 251 4.28 -46.16 49.18
CA GLU B 251 3.70 -47.46 49.52
C GLU B 251 2.42 -47.24 50.34
N ILE B 252 1.29 -47.72 49.83
CA ILE B 252 0.01 -47.66 50.54
C ILE B 252 -0.23 -49.03 51.19
N MET B 253 -0.20 -49.09 52.53
CA MET B 253 -0.57 -50.30 53.29
C MET B 253 -2.02 -50.16 53.73
N THR B 254 -2.94 -50.86 53.07
CA THR B 254 -4.31 -50.90 53.52
C THR B 254 -4.54 -52.12 54.41
N ASN B 255 -5.58 -52.02 55.25
CA ASN B 255 -5.95 -53.05 56.22
C ASN B 255 -4.84 -53.34 57.24
N GLU B 256 -4.04 -52.33 57.60
CA GLU B 256 -2.98 -52.49 58.60
C GLU B 256 -3.09 -51.35 59.61
N ASN B 257 -2.79 -51.66 60.88
CA ASN B 257 -2.95 -50.65 61.92
C ASN B 257 -1.85 -50.86 62.94
N PRO B 258 -1.08 -49.83 63.28
CA PRO B 258 -0.04 -49.99 64.30
C PRO B 258 -0.61 -50.47 65.63
N ALA B 259 0.11 -51.38 66.28
CA ALA B 259 -0.24 -51.90 67.60
C ALA B 259 0.71 -51.44 68.69
N LYS B 260 1.97 -51.15 68.35
CA LYS B 260 2.91 -50.56 69.28
C LYS B 260 4.08 -49.99 68.49
N VAL B 261 4.79 -49.07 69.13
CA VAL B 261 6.01 -48.47 68.60
C VAL B 261 7.07 -48.54 69.68
N SER B 262 8.31 -48.80 69.29
CA SER B 262 9.40 -48.87 70.25
C SER B 262 10.64 -48.21 69.67
N LEU B 263 11.55 -47.85 70.57
CA LEU B 263 12.76 -47.11 70.24
C LEU B 263 13.89 -48.06 69.91
N ASN B 264 14.53 -47.85 68.75
CA ASN B 264 15.69 -48.60 68.32
C ASN B 264 16.96 -47.90 68.80
N THR B 265 18.06 -48.66 68.88
CA THR B 265 19.28 -48.09 69.46
C THR B 265 19.82 -46.93 68.65
N ASP B 266 19.59 -46.91 67.33
CA ASP B 266 20.07 -45.79 66.52
C ASP B 266 19.14 -44.58 66.55
N GLY B 267 18.06 -44.62 67.32
CA GLY B 267 17.12 -43.51 67.41
C GLY B 267 15.89 -43.65 66.53
N SER B 268 15.89 -44.61 65.62
CA SER B 268 14.74 -44.81 64.76
C SER B 268 13.65 -45.58 65.51
N LYS B 269 12.51 -45.74 64.84
CA LYS B 269 11.31 -46.31 65.43
C LYS B 269 11.01 -47.68 64.83
N HIS B 270 10.64 -48.64 65.69
CA HIS B 270 10.21 -49.99 65.30
C HIS B 270 8.70 -50.09 65.49
N VAL B 271 7.97 -50.28 64.38
CA VAL B 271 6.51 -50.30 64.39
C VAL B 271 6.04 -51.75 64.25
N THR B 272 5.17 -52.19 65.17
CA THR B 272 4.52 -53.50 65.07
C THR B 272 3.04 -53.28 64.74
N PHE B 273 2.56 -53.93 63.69
CA PHE B 273 1.17 -53.82 63.28
C PHE B 273 0.33 -54.92 63.91
N GLU B 274 -0.99 -54.69 63.97
CA GLU B 274 -1.89 -55.70 64.52
C GLU B 274 -1.72 -57.03 63.80
N SER B 275 -1.35 -56.99 62.52
CA SER B 275 -1.22 -58.21 61.74
C SER B 275 0.05 -58.99 62.07
N GLY B 276 1.00 -58.37 62.78
CA GLY B 276 2.27 -58.98 63.08
C GLY B 276 3.42 -58.48 62.22
N LYS B 277 3.11 -57.83 61.11
CA LYS B 277 4.15 -57.23 60.28
C LYS B 277 4.87 -56.13 61.07
N THR B 278 6.12 -55.89 60.69
CA THR B 278 6.92 -54.85 61.32
C THR B 278 7.51 -53.93 60.27
N LEU B 279 7.85 -52.71 60.70
CA LEU B 279 8.46 -51.70 59.85
C LEU B 279 9.34 -50.78 60.68
N ASP B 280 10.61 -50.62 60.29
CA ASP B 280 11.50 -49.64 60.89
C ASP B 280 11.42 -48.34 60.10
N VAL B 281 11.18 -47.22 60.79
CA VAL B 281 11.16 -45.91 60.14
C VAL B 281 11.88 -44.89 61.02
N ASP B 282 12.20 -43.74 60.42
CA ASP B 282 12.74 -42.66 61.23
C ASP B 282 11.65 -41.84 61.91
N VAL B 283 10.49 -41.68 61.29
CA VAL B 283 9.40 -40.90 61.87
C VAL B 283 8.09 -41.65 61.71
N VAL B 284 7.26 -41.60 62.76
CA VAL B 284 5.89 -42.10 62.72
C VAL B 284 4.98 -40.91 62.98
N MET B 285 4.23 -40.47 61.95
CA MET B 285 3.33 -39.33 62.09
C MET B 285 1.89 -39.87 62.15
N MET B 286 1.23 -39.68 63.30
CA MET B 286 -0.18 -40.05 63.41
C MET B 286 -1.06 -38.97 62.80
N ALA B 287 -1.93 -39.37 61.87
CA ALA B 287 -2.93 -38.50 61.26
C ALA B 287 -4.27 -39.22 61.18
N ILE B 288 -4.76 -39.73 62.32
CA ILE B 288 -5.96 -40.55 62.29
C ILE B 288 -7.22 -39.77 62.58
N GLY B 289 -7.13 -38.47 62.83
CA GLY B 289 -8.29 -37.66 63.11
C GLY B 289 -7.93 -36.52 64.03
N ARG B 290 -8.85 -35.57 64.13
CA ARG B 290 -8.70 -34.42 65.01
C ARG B 290 -9.98 -34.28 65.83
N ILE B 291 -9.82 -33.92 67.10
CA ILE B 291 -10.94 -33.96 68.04
C ILE B 291 -11.16 -32.57 68.62
N PRO B 292 -12.38 -32.20 68.99
CA PRO B 292 -12.64 -30.85 69.51
C PRO B 292 -11.79 -30.54 70.72
N ARG B 293 -11.36 -29.28 70.81
CA ARG B 293 -10.47 -28.82 71.87
C ARG B 293 -11.30 -28.15 72.97
N THR B 294 -11.88 -28.99 73.83
CA THR B 294 -12.82 -28.53 74.86
C THR B 294 -12.26 -28.58 76.27
N ASN B 295 -11.16 -29.29 76.50
CA ASN B 295 -10.80 -29.75 77.84
C ASN B 295 -10.34 -28.62 78.74
N ASP B 296 -9.64 -27.63 78.19
CA ASP B 296 -9.11 -26.53 78.98
C ASP B 296 -10.11 -25.39 79.18
N LEU B 297 -11.32 -25.51 78.66
CA LEU B 297 -12.26 -24.41 78.74
C LEU B 297 -13.05 -24.37 80.04
N GLN B 298 -12.90 -25.38 80.90
CA GLN B 298 -13.67 -25.49 82.14
C GLN B 298 -15.17 -25.34 81.88
N LEU B 299 -15.65 -26.08 80.87
CA LEU B 299 -17.07 -26.03 80.55
C LEU B 299 -17.94 -26.50 81.70
N GLY B 300 -17.37 -27.23 82.67
CA GLY B 300 -18.15 -27.72 83.78
C GLY B 300 -18.64 -26.63 84.72
N ASN B 301 -18.01 -25.45 84.68
CA ASN B 301 -18.43 -24.37 85.57
C ASN B 301 -19.80 -23.86 85.18
N VAL B 302 -20.08 -23.75 83.89
CA VAL B 302 -21.36 -23.21 83.41
C VAL B 302 -22.29 -24.29 82.89
N GLY B 303 -21.81 -25.51 82.68
CA GLY B 303 -22.66 -26.59 82.21
C GLY B 303 -22.95 -26.62 80.72
N VAL B 304 -21.96 -26.28 79.89
CA VAL B 304 -22.15 -26.34 78.44
C VAL B 304 -22.18 -27.79 77.99
N LYS B 305 -23.22 -28.19 77.27
CA LYS B 305 -23.42 -29.59 76.92
C LYS B 305 -22.55 -30.02 75.76
N LEU B 306 -22.03 -31.26 75.82
CA LEU B 306 -21.28 -31.87 74.75
C LEU B 306 -22.06 -33.03 74.16
N THR B 307 -22.04 -33.15 72.83
CA THR B 307 -22.55 -34.33 72.15
C THR B 307 -21.72 -35.55 72.55
N PRO B 308 -22.29 -36.75 72.38
CA PRO B 308 -21.52 -37.97 72.74
C PRO B 308 -20.17 -38.06 72.06
N LYS B 309 -20.01 -37.46 70.89
CA LYS B 309 -18.72 -37.50 70.19
C LYS B 309 -17.68 -36.56 70.79
N GLY B 310 -18.09 -35.59 71.60
CA GLY B 310 -17.18 -34.64 72.19
C GLY B 310 -17.29 -33.23 71.66
N GLY B 311 -18.03 -32.99 70.59
CA GLY B 311 -18.24 -31.63 70.14
C GLY B 311 -19.14 -30.86 71.10
N VAL B 312 -18.91 -29.54 71.17
CA VAL B 312 -19.89 -28.69 71.82
C VAL B 312 -21.18 -28.74 71.01
N GLN B 313 -22.29 -29.00 71.70
CA GLN B 313 -23.57 -29.10 71.03
C GLN B 313 -24.08 -27.72 70.67
N VAL B 314 -24.56 -27.54 69.44
CA VAL B 314 -25.08 -26.26 68.98
C VAL B 314 -26.36 -26.48 68.18
N ASP B 315 -27.16 -25.42 68.09
CA ASP B 315 -28.28 -25.40 67.16
C ASP B 315 -27.81 -24.82 65.82
N GLU B 316 -28.76 -24.63 64.90
CA GLU B 316 -28.45 -24.05 63.59
C GLU B 316 -27.90 -22.64 63.68
N PHE B 317 -27.97 -21.99 64.83
CA PHE B 317 -27.46 -20.63 65.00
C PHE B 317 -26.27 -20.56 65.93
N SER B 318 -25.62 -21.70 66.21
CA SER B 318 -24.38 -21.78 66.98
C SER B 318 -24.57 -21.53 68.47
N ARG B 319 -25.81 -21.63 68.95
CA ARG B 319 -26.14 -21.42 70.35
C ARG B 319 -26.01 -22.71 71.14
N THR B 320 -25.25 -22.68 72.22
CA THR B 320 -25.17 -23.79 73.16
C THR B 320 -26.46 -23.84 73.99
N ASN B 321 -26.42 -24.62 75.07
CA ASN B 321 -27.53 -24.71 76.02
C ASN B 321 -27.50 -23.59 77.04
N VAL B 322 -26.42 -22.84 77.12
CA VAL B 322 -26.25 -21.76 78.08
C VAL B 322 -26.43 -20.44 77.33
N PRO B 323 -27.44 -19.64 77.67
CA PRO B 323 -27.68 -18.41 76.91
C PRO B 323 -26.46 -17.49 76.87
N ASN B 324 -26.23 -16.89 75.70
CA ASN B 324 -25.15 -15.95 75.43
C ASN B 324 -23.79 -16.63 75.32
N ILE B 325 -23.74 -17.96 75.26
CA ILE B 325 -22.52 -18.69 74.97
C ILE B 325 -22.69 -19.39 73.63
N TYR B 326 -21.73 -19.19 72.73
CA TYR B 326 -21.82 -19.73 71.38
C TYR B 326 -20.56 -20.54 71.07
N ALA B 327 -20.64 -21.35 70.02
CA ALA B 327 -19.51 -22.16 69.60
C ALA B 327 -19.57 -22.40 68.10
N ILE B 328 -18.44 -22.16 67.43
CA ILE B 328 -18.31 -22.29 65.98
C ILE B 328 -17.01 -23.04 65.68
N GLY B 329 -16.84 -23.46 64.42
CA GLY B 329 -15.57 -24.02 63.96
C GLY B 329 -15.40 -25.47 64.39
N ASP B 330 -14.14 -25.91 64.41
CA ASP B 330 -13.86 -27.34 64.63
C ASP B 330 -14.31 -27.81 66.01
N ILE B 331 -14.61 -26.90 66.93
CA ILE B 331 -14.99 -27.34 68.27
C ILE B 331 -16.42 -27.90 68.27
N THR B 332 -17.21 -27.62 67.22
CA THR B 332 -18.51 -28.24 67.05
C THR B 332 -18.47 -29.57 66.32
N ASP B 333 -17.28 -30.06 65.96
CA ASP B 333 -17.06 -31.43 65.44
C ASP B 333 -17.98 -31.77 64.27
N ARG B 334 -17.99 -30.88 63.27
CA ARG B 334 -18.85 -31.07 62.09
C ARG B 334 -17.94 -31.03 60.87
N LEU B 335 -18.15 -30.11 59.94
CA LEU B 335 -17.22 -29.89 58.84
C LEU B 335 -16.01 -29.13 59.34
N MET B 336 -14.83 -29.75 59.36
CA MET B 336 -13.63 -29.09 59.85
C MET B 336 -12.90 -28.41 58.69
N LEU B 337 -13.42 -27.24 58.29
CA LEU B 337 -12.82 -26.46 57.21
C LEU B 337 -12.73 -24.99 57.63
N THR B 338 -11.68 -24.31 57.16
CA THR B 338 -11.51 -22.90 57.50
C THR B 338 -12.62 -22.01 56.95
N PRO B 339 -13.05 -22.13 55.68
CA PRO B 339 -14.14 -21.25 55.20
C PRO B 339 -15.48 -21.52 55.85
N VAL B 340 -15.74 -22.74 56.32
CA VAL B 340 -16.96 -22.99 57.07
C VAL B 340 -16.92 -22.25 58.40
N ALA B 341 -15.77 -22.28 59.09
CA ALA B 341 -15.64 -21.60 60.37
C ALA B 341 -15.83 -20.09 60.23
N ILE B 342 -15.26 -19.51 59.18
CA ILE B 342 -15.45 -18.09 58.92
C ILE B 342 -16.92 -17.77 58.69
N ASN B 343 -17.58 -18.55 57.82
CA ASN B 343 -18.99 -18.33 57.53
C ASN B 343 -19.82 -18.39 58.80
N GLU B 344 -19.53 -19.38 59.67
CA GLU B 344 -20.26 -19.53 60.92
C GLU B 344 -20.10 -18.31 61.82
N GLY B 345 -18.87 -17.76 61.90
CA GLY B 345 -18.66 -16.59 62.73
C GLY B 345 -19.45 -15.40 62.23
N ALA B 346 -19.41 -15.14 60.92
CA ALA B 346 -20.07 -13.96 60.36
C ALA B 346 -21.58 -14.07 60.50
N ALA B 347 -22.15 -15.26 60.32
CA ALA B 347 -23.58 -15.44 60.51
C ALA B 347 -23.97 -15.20 61.96
N LEU B 348 -23.14 -15.65 62.89
CA LEU B 348 -23.43 -15.44 64.31
C LEU B 348 -23.49 -13.96 64.65
N VAL B 349 -22.48 -13.20 64.21
CA VAL B 349 -22.44 -11.78 64.53
C VAL B 349 -23.61 -11.04 63.86
N ASP B 350 -23.94 -11.43 62.63
CA ASP B 350 -25.09 -10.83 61.95
C ASP B 350 -26.37 -11.08 62.76
N THR B 351 -26.51 -12.27 63.34
CA THR B 351 -27.71 -12.61 64.11
C THR B 351 -27.76 -11.88 65.46
N VAL B 352 -26.63 -11.82 66.16
CA VAL B 352 -26.64 -11.34 67.54
C VAL B 352 -26.56 -9.82 67.60
N PHE B 353 -25.76 -9.19 66.76
CA PHE B 353 -25.55 -7.75 66.84
C PHE B 353 -26.20 -6.96 65.71
N GLY B 354 -26.81 -7.63 64.73
CA GLY B 354 -27.59 -6.98 63.71
C GLY B 354 -29.02 -7.49 63.75
N ASN B 355 -29.87 -6.86 62.95
CA ASN B 355 -31.24 -7.35 62.87
C ASN B 355 -31.41 -8.32 61.71
N LYS B 356 -30.52 -9.32 61.67
CA LYS B 356 -30.32 -10.15 60.48
C LYS B 356 -30.05 -11.60 60.87
N PRO B 357 -31.04 -12.31 61.39
CA PRO B 357 -30.84 -13.74 61.66
C PRO B 357 -30.33 -14.48 60.41
N ARG B 358 -29.33 -15.32 60.62
CA ARG B 358 -28.58 -15.94 59.53
C ARG B 358 -27.97 -17.25 60.03
N LYS B 359 -28.27 -18.36 59.36
CA LYS B 359 -27.63 -19.64 59.63
C LYS B 359 -26.73 -20.06 58.47
N THR B 360 -25.66 -20.77 58.79
CA THR B 360 -24.75 -21.27 57.76
C THR B 360 -25.36 -22.46 57.03
N ASP B 361 -25.16 -22.53 55.73
CA ASP B 361 -25.55 -23.69 54.93
C ASP B 361 -24.39 -24.67 54.93
N HIS B 362 -24.57 -25.82 55.60
CA HIS B 362 -23.53 -26.84 55.64
C HIS B 362 -23.63 -27.83 54.49
N THR B 363 -24.54 -27.63 53.55
CA THR B 363 -24.63 -28.48 52.37
C THR B 363 -23.88 -27.84 51.21
N ARG B 364 -23.51 -28.68 50.23
CA ARG B 364 -22.92 -28.23 48.97
C ARG B 364 -21.68 -27.37 49.18
N VAL B 365 -20.84 -27.74 50.13
CA VAL B 365 -19.64 -26.97 50.44
C VAL B 365 -18.50 -27.55 49.60
N ALA B 366 -17.88 -26.73 48.75
CA ALA B 366 -16.76 -27.22 47.97
C ALA B 366 -15.49 -27.25 48.82
N SER B 367 -14.62 -28.21 48.55
CA SER B 367 -13.40 -28.41 49.31
C SER B 367 -12.41 -29.16 48.43
N ALA B 368 -11.20 -29.37 48.95
CA ALA B 368 -10.07 -29.83 48.14
C ALA B 368 -9.12 -30.66 48.99
N VAL B 369 -8.46 -31.61 48.34
CA VAL B 369 -7.30 -32.30 48.90
C VAL B 369 -6.09 -31.91 48.08
N PHE B 370 -5.08 -31.35 48.74
CA PHE B 370 -3.87 -31.00 48.02
C PHE B 370 -2.87 -32.14 48.01
N SER B 371 -3.37 -33.30 47.61
CA SER B 371 -2.52 -34.42 47.24
C SER B 371 -1.91 -34.16 45.87
N ILE B 372 -0.93 -34.99 45.53
CA ILE B 372 -0.25 -34.90 44.24
C ILE B 372 -0.59 -36.17 43.47
N PRO B 373 -1.56 -36.11 42.55
CA PRO B 373 -2.30 -34.93 42.08
C PRO B 373 -3.52 -34.60 42.96
N PRO B 374 -4.10 -33.40 42.89
CA PRO B 374 -5.09 -32.96 43.88
C PRO B 374 -6.54 -33.30 43.51
N ILE B 375 -7.40 -33.14 44.53
CA ILE B 375 -8.83 -33.44 44.44
C ILE B 375 -9.64 -32.14 44.65
N GLY B 376 -10.74 -32.01 43.93
CA GLY B 376 -11.68 -30.91 44.15
C GLY B 376 -13.09 -31.46 44.04
N THR B 377 -13.96 -31.07 44.96
CA THR B 377 -15.25 -31.74 45.06
C THR B 377 -16.28 -30.81 45.68
N CYS B 378 -17.55 -31.02 45.33
CA CYS B 378 -18.65 -30.27 45.91
C CYS B 378 -19.90 -31.13 45.86
N GLY B 379 -20.57 -31.27 46.99
CA GLY B 379 -21.83 -31.97 47.01
C GLY B 379 -21.67 -33.45 47.25
N LEU B 380 -22.67 -34.24 46.80
CA LEU B 380 -22.85 -35.60 47.28
C LEU B 380 -22.06 -36.63 46.47
N ILE B 381 -21.54 -37.64 47.15
CA ILE B 381 -21.01 -38.78 46.43
C ILE B 381 -22.15 -39.73 46.08
N GLU B 382 -21.95 -40.52 45.02
CA GLU B 382 -23.07 -41.20 44.37
C GLU B 382 -23.80 -42.14 45.34
N GLU B 383 -23.06 -42.79 46.25
CA GLU B 383 -23.72 -43.75 47.14
C GLU B 383 -24.53 -43.06 48.24
N VAL B 384 -24.20 -41.83 48.62
CA VAL B 384 -25.06 -41.07 49.53
C VAL B 384 -26.33 -40.60 48.79
N ALA B 385 -26.17 -40.06 47.59
CA ALA B 385 -27.34 -39.71 46.79
C ALA B 385 -28.25 -40.90 46.54
N ALA B 386 -27.68 -42.09 46.41
CA ALA B 386 -28.51 -43.26 46.13
C ALA B 386 -29.40 -43.62 47.31
N LYS B 387 -29.11 -43.10 48.50
CA LYS B 387 -29.98 -43.33 49.64
C LYS B 387 -31.05 -42.26 49.78
N GLU B 388 -30.89 -41.12 49.09
CA GLU B 388 -31.83 -40.02 49.21
C GLU B 388 -32.78 -39.91 48.04
N PHE B 389 -32.45 -40.47 46.89
CA PHE B 389 -33.22 -40.30 45.66
C PHE B 389 -33.45 -41.67 45.04
N GLU B 390 -34.59 -41.82 44.34
CA GLU B 390 -34.91 -43.12 43.76
C GLU B 390 -34.09 -43.38 42.51
N LYS B 391 -33.83 -42.35 41.71
CA LYS B 391 -33.10 -42.49 40.47
C LYS B 391 -31.94 -41.49 40.48
N VAL B 392 -30.73 -42.02 40.36
CA VAL B 392 -29.48 -41.25 40.38
C VAL B 392 -28.70 -41.60 39.13
N ALA B 393 -28.24 -40.58 38.40
CA ALA B 393 -27.34 -40.80 37.26
C ALA B 393 -25.92 -40.38 37.59
N VAL B 394 -24.94 -41.11 37.04
CA VAL B 394 -23.52 -40.79 37.20
C VAL B 394 -22.91 -40.63 35.82
N TYR B 395 -22.38 -39.45 35.53
CA TYR B 395 -21.67 -39.12 34.30
C TYR B 395 -20.18 -39.06 34.61
N MET B 396 -19.35 -39.66 33.76
CA MET B 396 -17.95 -39.87 34.12
C MET B 396 -17.02 -39.72 32.93
N SER B 397 -15.88 -39.08 33.16
CA SER B 397 -14.84 -38.90 32.17
C SER B 397 -13.50 -39.15 32.85
N SER B 398 -12.63 -39.97 32.23
CA SER B 398 -11.36 -40.33 32.86
C SER B 398 -10.36 -40.74 31.80
N PHE B 399 -9.34 -39.92 31.60
CA PHE B 399 -8.27 -40.22 30.66
C PHE B 399 -7.03 -39.46 31.09
N THR B 400 -5.90 -39.84 30.52
CA THR B 400 -4.67 -39.09 30.69
C THR B 400 -4.64 -37.91 29.72
N PRO B 401 -4.51 -36.68 30.21
CA PRO B 401 -4.46 -35.54 29.29
C PRO B 401 -3.23 -35.58 28.40
N LEU B 402 -3.37 -34.96 27.23
CA LEU B 402 -2.33 -34.97 26.20
C LEU B 402 -0.97 -34.59 26.76
N MET B 403 -0.92 -33.50 27.54
CA MET B 403 0.37 -33.00 28.02
C MET B 403 1.15 -34.07 28.77
N HIS B 404 0.46 -34.98 29.45
CA HIS B 404 1.10 -36.01 30.26
C HIS B 404 1.43 -37.27 29.47
N ASN B 405 0.99 -37.37 28.22
CA ASN B 405 1.61 -38.30 27.28
C ASN B 405 2.97 -37.77 26.84
N ILE B 406 3.13 -36.45 26.77
CA ILE B 406 4.44 -35.93 26.41
C ILE B 406 5.34 -35.84 27.64
N SER B 407 4.78 -35.43 28.78
CA SER B 407 5.59 -35.29 29.99
C SER B 407 6.20 -36.61 30.43
N GLY B 408 5.53 -37.72 30.15
CA GLY B 408 5.99 -39.03 30.58
C GLY B 408 5.28 -39.55 31.81
N SER B 409 4.54 -38.70 32.53
CA SER B 409 3.72 -39.13 33.65
C SER B 409 2.36 -39.65 33.17
N LYS B 410 2.40 -40.74 32.41
CA LYS B 410 1.18 -41.21 31.73
C LYS B 410 0.16 -41.80 32.68
N TYR B 411 0.55 -42.09 33.92
CA TYR B 411 -0.39 -42.51 34.95
C TYR B 411 -1.32 -41.39 35.39
N LYS B 412 -1.06 -40.15 35.00
CA LYS B 412 -1.80 -39.01 35.55
C LYS B 412 -3.12 -38.85 34.82
N LYS B 413 -4.05 -39.74 35.14
CA LYS B 413 -5.41 -39.64 34.61
C LYS B 413 -6.16 -38.49 35.26
N PHE B 414 -6.84 -37.68 34.44
CA PHE B 414 -7.77 -36.69 34.96
C PHE B 414 -9.16 -37.31 35.07
N VAL B 415 -9.82 -37.12 36.20
CA VAL B 415 -11.14 -37.71 36.43
C VAL B 415 -12.15 -36.60 36.73
N ALA B 416 -13.31 -36.69 36.09
CA ALA B 416 -14.40 -35.74 36.31
C ALA B 416 -15.69 -36.53 36.36
N LYS B 417 -16.43 -36.38 37.46
CA LYS B 417 -17.66 -37.13 37.68
C LYS B 417 -18.77 -36.18 38.15
N ILE B 418 -19.95 -36.31 37.55
CA ILE B 418 -21.13 -35.51 37.88
C ILE B 418 -22.25 -36.46 38.31
N VAL B 419 -22.85 -36.17 39.46
CA VAL B 419 -23.90 -36.97 40.08
C VAL B 419 -25.20 -36.17 40.02
N THR B 420 -26.23 -36.72 39.35
CA THR B 420 -27.50 -36.02 39.23
C THR B 420 -28.63 -36.81 39.87
N ASN B 421 -29.66 -36.07 40.27
CA ASN B 421 -30.99 -36.63 40.44
C ASN B 421 -31.54 -36.87 39.04
N HIS B 422 -31.55 -38.13 38.60
CA HIS B 422 -31.95 -38.39 37.22
C HIS B 422 -33.41 -38.02 36.97
N SER B 423 -34.22 -37.91 38.02
CA SER B 423 -35.62 -37.58 37.83
C SER B 423 -35.83 -36.20 37.21
N ASP B 424 -34.97 -35.23 37.54
CA ASP B 424 -35.10 -33.91 36.95
C ASP B 424 -33.78 -33.34 36.43
N GLY B 425 -32.69 -34.13 36.46
CA GLY B 425 -31.41 -33.66 36.00
C GLY B 425 -30.65 -32.74 36.97
N THR B 426 -31.17 -32.48 38.16
CA THR B 426 -30.50 -31.61 39.11
C THR B 426 -29.13 -32.18 39.50
N VAL B 427 -28.08 -31.37 39.35
CA VAL B 427 -26.76 -31.80 39.78
C VAL B 427 -26.71 -31.79 41.30
N LEU B 428 -26.39 -32.95 41.86
CA LEU B 428 -26.18 -33.16 43.29
C LEU B 428 -24.72 -33.08 43.70
N GLY B 429 -23.78 -33.47 42.83
CA GLY B 429 -22.38 -33.43 43.20
C GLY B 429 -21.46 -33.44 42.00
N VAL B 430 -20.26 -32.87 42.18
CA VAL B 430 -19.20 -32.87 41.17
C VAL B 430 -17.88 -33.22 41.85
N HIS B 431 -17.10 -34.10 41.22
CA HIS B 431 -15.90 -34.66 41.83
C HIS B 431 -14.77 -34.72 40.82
N LEU B 432 -13.61 -34.19 41.21
CA LEU B 432 -12.52 -33.94 40.27
C LEU B 432 -11.20 -34.46 40.81
N LEU B 433 -10.36 -34.96 39.91
CA LEU B 433 -9.00 -35.37 40.29
C LEU B 433 -8.05 -34.99 39.15
N GLY B 434 -6.93 -34.35 39.49
CA GLY B 434 -5.99 -33.90 38.50
C GLY B 434 -5.62 -32.44 38.64
N ASP B 435 -4.51 -32.01 38.04
CA ASP B 435 -4.04 -30.64 38.15
C ASP B 435 -5.17 -29.65 37.94
N GLY B 436 -5.26 -28.67 38.84
CA GLY B 436 -6.24 -27.61 38.73
C GLY B 436 -7.58 -27.90 39.37
N ALA B 437 -7.85 -29.17 39.70
CA ALA B 437 -9.12 -29.53 40.35
C ALA B 437 -9.52 -28.64 41.53
N PRO B 438 -8.65 -28.24 42.46
CA PRO B 438 -9.12 -27.33 43.52
C PRO B 438 -9.62 -25.99 42.99
N GLU B 439 -9.03 -25.47 41.91
CA GLU B 439 -9.48 -24.20 41.34
C GLU B 439 -10.75 -24.35 40.52
N ILE B 440 -10.85 -25.44 39.72
CA ILE B 440 -12.00 -25.67 38.86
C ILE B 440 -13.29 -25.71 39.67
N ILE B 441 -13.23 -26.32 40.85
CA ILE B 441 -14.44 -26.65 41.60
C ILE B 441 -15.12 -25.43 42.22
N GLN B 442 -14.39 -24.31 42.40
CA GLN B 442 -14.95 -23.18 43.14
C GLN B 442 -16.26 -22.69 42.54
N ALA B 443 -16.26 -22.39 41.24
CA ALA B 443 -17.47 -21.86 40.62
C ALA B 443 -18.56 -22.92 40.50
N VAL B 444 -18.20 -24.20 40.51
CA VAL B 444 -19.19 -25.28 40.58
C VAL B 444 -20.01 -25.15 41.87
N GLY B 445 -19.35 -24.84 42.98
CA GLY B 445 -20.10 -24.49 44.18
C GLY B 445 -21.14 -23.40 43.97
N VAL B 446 -20.86 -22.45 43.06
CA VAL B 446 -21.87 -21.43 42.74
C VAL B 446 -23.01 -22.04 41.91
N CYS B 447 -22.68 -22.92 40.96
CA CYS B 447 -23.71 -23.53 40.11
C CYS B 447 -24.75 -24.27 40.94
N LEU B 448 -24.31 -24.99 41.96
CA LEU B 448 -25.21 -25.76 42.81
C LEU B 448 -26.14 -24.87 43.65
N ARG B 449 -25.80 -23.60 43.86
CA ARG B 449 -26.73 -22.67 44.51
C ARG B 449 -27.76 -22.09 43.57
N LEU B 450 -27.63 -22.36 42.27
CA LEU B 450 -28.63 -21.96 41.29
C LEU B 450 -29.42 -23.16 40.79
N ASN B 451 -29.29 -24.30 41.47
CA ASN B 451 -29.92 -25.56 41.06
C ASN B 451 -29.70 -25.83 39.58
N ALA B 452 -28.41 -25.89 39.24
CA ALA B 452 -27.99 -26.28 37.91
C ALA B 452 -28.38 -27.73 37.65
N LYS B 453 -28.74 -28.01 36.40
CA LYS B 453 -29.00 -29.33 35.88
C LYS B 453 -27.89 -29.72 34.91
N ILE B 454 -27.72 -31.04 34.72
CA ILE B 454 -26.66 -31.54 33.84
C ILE B 454 -26.74 -30.83 32.50
N SER B 455 -27.95 -30.56 32.01
CA SER B 455 -28.09 -29.85 30.74
C SER B 455 -27.58 -28.41 30.81
N ASP B 456 -27.56 -27.79 31.99
CA ASP B 456 -26.98 -26.45 32.06
C ASP B 456 -25.47 -26.51 31.86
N PHE B 457 -24.82 -27.59 32.32
CA PHE B 457 -23.40 -27.76 32.09
C PHE B 457 -23.11 -28.10 30.63
N TYR B 458 -23.82 -29.10 30.09
CA TYR B 458 -23.59 -29.53 28.70
C TYR B 458 -23.92 -28.43 27.69
N ASN B 459 -24.95 -27.61 27.95
CA ASN B 459 -25.29 -26.53 27.03
C ASN B 459 -24.37 -25.32 27.10
N THR B 460 -23.47 -25.25 28.08
CA THR B 460 -22.51 -24.17 28.17
C THR B 460 -21.33 -24.43 27.23
N ILE B 461 -20.89 -23.38 26.54
CA ILE B 461 -19.79 -23.53 25.59
C ILE B 461 -18.46 -23.66 26.34
N GLY B 462 -17.62 -24.61 25.90
CA GLY B 462 -16.41 -24.93 26.62
C GLY B 462 -15.26 -23.97 26.32
N VAL B 463 -14.31 -23.92 27.26
CA VAL B 463 -13.04 -23.21 27.12
C VAL B 463 -12.02 -24.23 26.64
N HIS B 464 -11.40 -23.99 25.48
CA HIS B 464 -10.54 -24.99 24.88
C HIS B 464 -9.15 -24.43 24.61
N PRO B 465 -8.09 -25.18 24.93
CA PRO B 465 -8.09 -26.50 25.58
C PRO B 465 -7.88 -26.41 27.10
N THR B 466 -8.75 -27.06 27.87
CA THR B 466 -8.62 -27.13 29.33
C THR B 466 -9.08 -28.50 29.83
N SER B 467 -8.73 -28.81 31.08
CA SER B 467 -9.35 -29.93 31.76
C SER B 467 -10.79 -29.63 32.14
N ALA B 468 -11.09 -28.37 32.49
CA ALA B 468 -12.41 -28.02 33.00
C ALA B 468 -13.51 -28.26 31.97
N GLU B 469 -13.23 -28.06 30.67
CA GLU B 469 -14.25 -28.22 29.65
C GLU B 469 -14.84 -29.62 29.59
N GLU B 470 -14.16 -30.61 30.18
CA GLU B 470 -14.75 -31.95 30.27
C GLU B 470 -16.11 -31.91 30.95
N LEU B 471 -16.31 -30.98 31.90
CA LEU B 471 -17.57 -30.91 32.63
C LEU B 471 -18.73 -30.47 31.76
N CYS B 472 -18.46 -29.89 30.59
CA CYS B 472 -19.51 -29.44 29.70
C CYS B 472 -19.66 -30.33 28.47
N SER B 473 -19.08 -31.52 28.48
CA SER B 473 -19.21 -32.41 27.34
C SER B 473 -19.79 -33.77 27.70
N MET B 474 -20.38 -33.89 28.88
CA MET B 474 -20.97 -35.14 29.32
C MET B 474 -22.48 -35.06 29.14
N ARG B 475 -22.99 -35.83 28.18
CA ARG B 475 -24.40 -35.86 27.83
C ARG B 475 -25.10 -37.11 28.30
N THR B 476 -24.39 -38.24 28.33
CA THR B 476 -24.98 -39.55 28.52
C THR B 476 -24.47 -40.17 29.81
N PRO B 477 -25.35 -40.61 30.71
CA PRO B 477 -24.89 -41.25 31.95
C PRO B 477 -24.07 -42.50 31.65
N SER B 478 -23.06 -42.73 32.50
CA SER B 478 -22.31 -43.98 32.43
C SER B 478 -23.08 -45.11 33.09
N TYR B 479 -23.77 -44.83 34.18
CA TYR B 479 -24.54 -45.83 34.90
C TYR B 479 -25.47 -45.10 35.86
N TYR B 480 -26.24 -45.87 36.63
CA TYR B 480 -27.32 -45.35 37.43
C TYR B 480 -27.38 -46.07 38.76
N TYR B 481 -28.09 -45.45 39.71
CA TYR B 481 -28.57 -46.12 40.91
C TYR B 481 -30.09 -46.00 40.90
N VAL B 482 -30.77 -47.15 41.00
CA VAL B 482 -32.22 -47.19 41.15
C VAL B 482 -32.55 -47.95 42.42
N LYS B 483 -33.32 -47.31 43.30
CA LYS B 483 -33.66 -47.88 44.60
C LYS B 483 -32.42 -48.36 45.34
N GLY B 484 -31.29 -47.71 45.08
CA GLY B 484 -30.08 -47.94 45.84
C GLY B 484 -29.11 -48.95 45.25
N GLU B 485 -29.46 -49.60 44.15
CA GLU B 485 -28.58 -50.60 43.57
C GLU B 485 -27.96 -50.07 42.28
N LYS B 486 -26.69 -50.36 42.10
CA LYS B 486 -25.94 -49.89 40.95
C LYS B 486 -26.28 -50.75 39.75
N MET B 487 -26.50 -50.11 38.60
CA MET B 487 -26.80 -50.82 37.37
C MET B 487 -26.47 -49.91 36.20
N GLU B 488 -26.13 -50.52 35.07
CA GLU B 488 -25.67 -49.76 33.93
C GLU B 488 -26.80 -49.23 33.04
N LYS B 489 -28.02 -49.77 33.17
CA LYS B 489 -29.11 -49.40 32.29
C LYS B 489 -30.38 -49.16 33.11
N LEU B 490 -31.28 -48.38 32.55
CA LEU B 490 -32.49 -47.99 33.26
C LEU B 490 -33.66 -48.95 33.01
N LYS C 6 -3.20 39.86 7.37
CA LYS C 6 -4.33 40.53 6.73
C LYS C 6 -5.18 39.55 5.92
N ALA C 7 -6.20 40.08 5.26
CA ALA C 7 -7.21 39.34 4.52
C ALA C 7 -7.10 39.68 3.05
N PHE C 8 -7.63 38.79 2.22
CA PHE C 8 -7.46 38.87 0.77
C PHE C 8 -8.70 38.32 0.09
N ASP C 9 -8.91 38.76 -1.14
CA ASP C 9 -9.94 38.16 -1.97
C ASP C 9 -9.60 36.72 -2.34
N LEU C 10 -8.31 36.43 -2.51
CA LEU C 10 -7.86 35.16 -3.06
C LEU C 10 -6.49 34.83 -2.50
N VAL C 11 -6.34 33.60 -2.01
CA VAL C 11 -5.07 33.11 -1.49
C VAL C 11 -4.72 31.85 -2.28
N VAL C 12 -3.66 31.94 -3.09
CA VAL C 12 -3.20 30.86 -3.94
C VAL C 12 -1.99 30.22 -3.28
N ILE C 13 -2.07 28.92 -3.03
CA ILE C 13 -0.94 28.15 -2.48
C ILE C 13 -0.23 27.49 -3.65
N GLY C 14 0.98 27.96 -3.95
CA GLY C 14 1.72 27.47 -5.09
C GLY C 14 1.87 28.53 -6.17
N ALA C 15 3.06 29.09 -6.27
CA ALA C 15 3.36 30.17 -7.21
C ALA C 15 3.85 29.62 -8.55
N GLY C 16 3.09 28.70 -9.13
CA GLY C 16 3.52 27.98 -10.33
C GLY C 16 2.84 28.45 -11.61
N SER C 17 2.77 27.55 -12.58
CA SER C 17 2.15 27.87 -13.86
C SER C 17 0.69 28.26 -13.67
N GLY C 18 -0.06 27.44 -12.95
CA GLY C 18 -1.48 27.70 -12.78
C GLY C 18 -1.74 28.78 -11.76
N GLY C 19 -1.03 28.73 -10.64
CA GLY C 19 -1.28 29.68 -9.57
C GLY C 19 -0.90 31.11 -9.92
N LEU C 20 0.21 31.29 -10.66
CA LEU C 20 0.60 32.64 -11.04
C LEU C 20 -0.35 33.22 -12.08
N GLU C 21 -0.82 32.41 -13.03
CA GLU C 21 -1.80 32.93 -13.98
C GLU C 21 -3.06 33.37 -13.25
N ALA C 22 -3.51 32.58 -12.27
CA ALA C 22 -4.72 32.90 -11.52
C ALA C 22 -4.51 34.15 -10.66
N GLY C 23 -3.38 34.22 -9.95
CA GLY C 23 -3.11 35.36 -9.11
C GLY C 23 -2.85 36.65 -9.87
N TRP C 24 -2.25 36.55 -11.07
CA TRP C 24 -2.06 37.76 -11.85
C TRP C 24 -3.38 38.23 -12.46
N ASN C 25 -4.22 37.30 -12.90
CA ASN C 25 -5.49 37.66 -13.55
C ASN C 25 -6.48 38.22 -12.54
N ALA C 26 -6.52 37.67 -11.33
CA ALA C 26 -7.41 38.21 -10.30
C ALA C 26 -7.01 39.64 -9.92
N ALA C 27 -5.71 39.95 -9.91
CA ALA C 27 -5.26 41.22 -9.36
C ALA C 27 -5.22 42.35 -10.38
N THR C 28 -5.02 42.05 -11.67
CA THR C 28 -4.99 43.11 -12.66
C THR C 28 -6.24 43.16 -13.51
N LEU C 29 -6.96 42.05 -13.67
CA LEU C 29 -8.17 42.07 -14.46
C LEU C 29 -9.42 42.35 -13.64
N TYR C 30 -9.34 42.20 -12.31
CA TYR C 30 -10.50 42.38 -11.44
C TYR C 30 -10.17 43.11 -10.14
N GLY C 31 -9.00 43.73 -10.02
CA GLY C 31 -8.69 44.58 -8.89
C GLY C 31 -8.73 43.90 -7.53
N LYS C 32 -8.71 42.57 -7.51
CA LYS C 32 -8.79 41.84 -6.26
C LYS C 32 -7.47 41.88 -5.50
N ARG C 33 -7.58 41.74 -4.18
CA ARG C 33 -6.41 41.70 -3.30
C ARG C 33 -5.99 40.25 -3.17
N VAL C 34 -4.75 39.95 -3.55
CA VAL C 34 -4.34 38.57 -3.82
C VAL C 34 -3.06 38.25 -3.06
N ALA C 35 -3.03 37.08 -2.43
CA ALA C 35 -1.81 36.52 -1.84
C ALA C 35 -1.40 35.26 -2.60
N VAL C 36 -0.09 35.08 -2.75
CA VAL C 36 0.51 33.92 -3.41
C VAL C 36 1.65 33.42 -2.53
N VAL C 37 1.62 32.13 -2.18
CA VAL C 37 2.60 31.50 -1.31
C VAL C 37 3.46 30.54 -2.13
N ASP C 38 4.75 30.47 -1.82
CA ASP C 38 5.63 29.44 -2.39
C ASP C 38 6.84 29.31 -1.47
N VAL C 39 7.53 28.17 -1.59
CA VAL C 39 8.57 27.77 -0.63
C VAL C 39 9.95 28.36 -0.89
N GLN C 40 10.16 28.99 -2.04
CA GLN C 40 11.52 29.39 -2.43
C GLN C 40 11.42 30.52 -3.44
N THR C 41 12.37 31.44 -3.39
CA THR C 41 12.32 32.50 -4.39
C THR C 41 13.02 32.16 -5.68
N SER C 42 14.01 31.25 -5.66
CA SER C 42 14.77 30.93 -6.85
C SER C 42 14.98 29.43 -6.94
N HIS C 43 15.32 28.96 -8.14
CA HIS C 43 15.45 27.53 -8.45
C HIS C 43 16.55 26.86 -7.63
N GLY C 44 16.43 25.54 -7.49
CA GLY C 44 17.54 24.72 -7.05
C GLY C 44 17.32 24.09 -5.69
N PRO C 45 18.28 23.27 -5.24
CA PRO C 45 18.21 22.70 -3.89
C PRO C 45 18.02 23.79 -2.86
N PRO C 46 17.36 23.51 -1.74
CA PRO C 46 16.81 22.21 -1.32
C PRO C 46 15.43 21.83 -1.88
N PHE C 47 14.60 22.78 -2.32
CA PHE C 47 13.22 22.45 -2.69
C PHE C 47 12.98 22.44 -4.19
N TYR C 48 14.00 22.75 -5.00
CA TYR C 48 14.02 22.60 -6.47
C TYR C 48 13.01 23.48 -7.20
N ALA C 49 11.73 23.11 -7.20
CA ALA C 49 10.70 24.04 -7.66
C ALA C 49 10.65 25.25 -6.75
N ALA C 50 10.10 26.35 -7.26
CA ALA C 50 10.12 27.61 -6.55
C ALA C 50 9.18 28.60 -7.21
N LEU C 51 9.34 29.88 -6.89
CA LEU C 51 8.60 30.94 -7.56
C LEU C 51 8.72 30.82 -9.07
N GLY C 52 7.58 30.72 -9.76
CA GLY C 52 7.58 30.38 -11.17
C GLY C 52 6.99 29.01 -11.44
N GLY C 53 7.24 28.04 -10.55
CA GLY C 53 6.67 26.71 -10.67
C GLY C 53 7.68 25.69 -11.19
N THR C 54 7.21 24.44 -11.26
CA THR C 54 8.05 23.33 -11.68
C THR C 54 8.60 23.53 -13.09
N CYS C 55 7.76 24.02 -14.00
CA CYS C 55 8.15 24.17 -15.40
C CYS C 55 9.30 25.16 -15.56
N VAL C 56 9.22 26.30 -14.86
CA VAL C 56 10.26 27.32 -14.94
C VAL C 56 11.54 26.84 -14.28
N ASN C 57 11.42 26.20 -13.10
CA ASN C 57 12.63 25.96 -12.33
C ASN C 57 13.29 24.62 -12.65
N VAL C 58 12.50 23.55 -12.85
CA VAL C 58 13.05 22.19 -13.00
C VAL C 58 12.14 21.39 -13.91
N GLY C 59 11.77 21.97 -15.05
CA GLY C 59 10.83 21.32 -15.94
C GLY C 59 10.99 21.77 -17.38
N CYS C 60 9.90 22.20 -18.01
CA CYS C 60 9.91 22.46 -19.45
C CYS C 60 11.06 23.39 -19.85
N VAL C 61 11.25 24.48 -19.10
CA VAL C 61 12.14 25.54 -19.54
C VAL C 61 13.60 25.07 -19.48
N PRO C 62 14.12 24.61 -18.33
CA PRO C 62 15.51 24.11 -18.36
C PRO C 62 15.68 22.89 -19.25
N LYS C 63 14.70 21.98 -19.29
CA LYS C 63 14.93 20.78 -20.08
C LYS C 63 15.05 21.12 -21.55
N LYS C 64 14.27 22.11 -22.01
CA LYS C 64 14.29 22.47 -23.43
C LYS C 64 15.64 23.05 -23.80
N LEU C 65 16.21 23.90 -22.96
CA LEU C 65 17.55 24.44 -23.21
C LEU C 65 18.59 23.32 -23.25
N MET C 66 18.42 22.30 -22.42
CA MET C 66 19.39 21.21 -22.41
C MET C 66 19.22 20.30 -23.63
N VAL C 67 17.99 20.04 -24.07
CA VAL C 67 17.80 19.29 -25.31
C VAL C 67 18.39 20.07 -26.48
N THR C 68 18.20 21.40 -26.49
CA THR C 68 18.84 22.19 -27.54
C THR C 68 20.35 22.01 -27.50
N GLY C 69 20.95 21.90 -26.31
CA GLY C 69 22.38 21.64 -26.24
C GLY C 69 22.73 20.27 -26.78
N ALA C 70 21.95 19.26 -26.41
CA ALA C 70 22.18 17.90 -26.88
C ALA C 70 22.07 17.77 -28.40
N GLN C 71 21.24 18.61 -29.04
CA GLN C 71 21.09 18.56 -30.50
C GLN C 71 22.38 18.92 -31.24
N TYR C 72 23.30 19.65 -30.60
CA TYR C 72 24.51 20.01 -31.31
C TYR C 72 25.42 18.81 -31.58
N MET C 73 25.33 17.75 -30.77
CA MET C 73 26.00 16.51 -31.14
C MET C 73 25.62 16.09 -32.57
N ASP C 74 24.32 16.17 -32.89
CA ASP C 74 23.89 15.81 -34.23
C ASP C 74 24.38 16.84 -35.26
N HIS C 75 24.16 18.14 -34.98
CA HIS C 75 24.53 19.19 -35.93
C HIS C 75 26.00 19.12 -36.32
N LEU C 76 26.88 18.97 -35.34
CA LEU C 76 28.32 18.95 -35.63
C LEU C 76 28.67 17.81 -36.57
N ARG C 77 28.16 16.61 -36.30
CA ARG C 77 28.43 15.47 -37.16
C ARG C 77 27.80 15.66 -38.54
N GLU C 78 26.54 16.12 -38.59
CA GLU C 78 25.81 16.24 -39.85
C GLU C 78 26.32 17.38 -40.72
N SER C 79 27.06 18.33 -40.14
CA SER C 79 27.60 19.44 -40.91
C SER C 79 28.58 18.97 -41.98
N ALA C 80 29.23 17.82 -41.76
CA ALA C 80 30.29 17.37 -42.67
C ALA C 80 29.73 17.05 -44.06
N GLY C 81 28.52 16.48 -44.11
CA GLY C 81 27.91 16.15 -45.39
C GLY C 81 27.57 17.35 -46.24
N PHE C 82 27.64 18.55 -45.66
CA PHE C 82 27.34 19.80 -46.33
C PHE C 82 28.59 20.64 -46.54
N GLY C 83 29.77 20.05 -46.33
CA GLY C 83 31.03 20.68 -46.68
C GLY C 83 31.79 21.32 -45.55
N TRP C 84 31.32 21.19 -44.32
CA TRP C 84 32.01 21.83 -43.21
C TRP C 84 33.13 20.94 -42.71
N GLU C 85 34.28 21.55 -42.46
CA GLU C 85 35.48 20.85 -42.06
C GLU C 85 36.04 21.50 -40.81
N PHE C 86 36.40 20.66 -39.83
CA PHE C 86 37.05 21.12 -38.62
C PHE C 86 37.68 19.91 -37.94
N ASP C 87 38.54 20.18 -36.95
CA ASP C 87 39.22 19.12 -36.22
C ASP C 87 38.21 18.36 -35.37
N GLY C 88 37.70 17.25 -35.89
CA GLY C 88 36.68 16.51 -35.17
C GLY C 88 37.18 15.95 -33.86
N SER C 89 38.49 15.70 -33.75
CA SER C 89 39.02 15.17 -32.51
C SER C 89 39.15 16.23 -31.42
N SER C 90 38.92 17.50 -31.75
CA SER C 90 38.95 18.56 -30.75
C SER C 90 37.59 18.79 -30.10
N VAL C 91 36.57 17.96 -30.41
CA VAL C 91 35.20 18.22 -30.00
C VAL C 91 34.97 17.67 -28.59
N LYS C 92 34.51 18.53 -27.70
CA LYS C 92 34.21 18.16 -26.33
C LYS C 92 32.91 18.84 -25.91
N ALA C 93 32.08 18.13 -25.15
CA ALA C 93 30.81 18.67 -24.65
C ALA C 93 30.95 19.02 -23.17
N ASN C 94 30.94 20.31 -22.87
CA ASN C 94 31.20 20.79 -21.52
C ASN C 94 29.87 20.94 -20.77
N TRP C 95 29.51 19.86 -20.06
CA TRP C 95 28.31 19.85 -19.22
C TRP C 95 28.25 21.04 -18.25
N LYS C 96 29.37 21.35 -17.58
CA LYS C 96 29.34 22.42 -16.58
C LYS C 96 28.94 23.76 -17.18
N LYS C 97 29.45 24.07 -18.39
CA LYS C 97 29.04 25.29 -19.07
C LYS C 97 27.54 25.29 -19.35
N LEU C 98 27.00 24.14 -19.76
CA LEU C 98 25.57 24.03 -20.03
C LEU C 98 24.76 24.29 -18.77
N ILE C 99 25.15 23.65 -17.66
CA ILE C 99 24.41 23.81 -16.41
C ILE C 99 24.51 25.24 -15.92
N ALA C 100 25.70 25.82 -16.01
CA ALA C 100 25.87 27.23 -15.62
C ALA C 100 25.02 28.16 -16.47
N ALA C 101 24.93 27.91 -17.78
CA ALA C 101 24.12 28.77 -18.62
C ALA C 101 22.63 28.56 -18.37
N LYS C 102 22.22 27.32 -18.16
CA LYS C 102 20.83 27.05 -17.76
C LYS C 102 20.49 27.75 -16.44
N ASN C 103 21.39 27.66 -15.45
CA ASN C 103 21.14 28.26 -14.12
C ASN C 103 20.97 29.77 -14.21
N GLU C 104 21.73 30.43 -15.08
CA GLU C 104 21.59 31.88 -15.24
C GLU C 104 20.26 32.25 -15.90
N ALA C 105 19.84 31.48 -16.90
CA ALA C 105 18.57 31.77 -17.57
C ALA C 105 17.40 31.61 -16.64
N VAL C 106 17.40 30.54 -15.85
CA VAL C 106 16.30 30.29 -14.91
C VAL C 106 16.28 31.35 -13.83
N LEU C 107 17.46 31.69 -13.29
CA LEU C 107 17.54 32.73 -12.26
C LEU C 107 17.00 34.07 -12.76
N ASP C 108 17.29 34.40 -14.03
CA ASP C 108 16.71 35.60 -14.64
C ASP C 108 15.20 35.57 -14.63
N ILE C 109 14.59 34.41 -14.88
CA ILE C 109 13.13 34.32 -14.83
C ILE C 109 12.62 34.44 -13.39
N ASN C 110 13.32 33.83 -12.42
CA ASN C 110 12.95 34.01 -11.02
C ASN C 110 12.91 35.49 -10.66
N LYS C 111 13.98 36.22 -11.00
CA LYS C 111 14.10 37.63 -10.65
C LYS C 111 13.03 38.46 -11.34
N SER C 112 12.63 38.06 -12.55
CA SER C 112 11.55 38.76 -13.22
C SER C 112 10.23 38.61 -12.47
N TYR C 113 9.94 37.42 -11.94
CA TYR C 113 8.74 37.22 -11.14
C TYR C 113 8.78 38.03 -9.83
N GLU C 114 9.97 38.19 -9.25
CA GLU C 114 10.11 39.01 -8.05
C GLU C 114 9.78 40.47 -8.34
N GLY C 115 10.21 40.99 -9.49
CA GLY C 115 9.83 42.35 -9.86
C GLY C 115 8.33 42.49 -10.06
N MET C 116 7.69 41.46 -10.63
CA MET C 116 6.26 41.52 -10.88
C MET C 116 5.48 41.74 -9.59
N PHE C 117 5.87 41.06 -8.51
CA PHE C 117 5.17 41.25 -7.24
C PHE C 117 5.43 42.64 -6.66
N ASN C 118 6.69 43.09 -6.71
CA ASN C 118 7.03 44.40 -6.14
C ASN C 118 6.33 45.53 -6.88
N ASP C 119 6.08 45.36 -8.18
CA ASP C 119 5.52 46.42 -9.01
C ASP C 119 4.01 46.34 -9.18
N THR C 120 3.34 45.38 -8.53
CA THR C 120 1.91 45.19 -8.70
C THR C 120 1.21 45.38 -7.36
N GLU C 121 0.30 46.36 -7.31
CA GLU C 121 -0.57 46.55 -6.16
C GLU C 121 -1.70 45.53 -6.21
N GLY C 122 -1.97 44.89 -5.07
CA GLY C 122 -2.94 43.82 -5.02
C GLY C 122 -2.37 42.44 -5.25
N LEU C 123 -1.08 42.31 -5.51
CA LEU C 123 -0.41 41.03 -5.73
C LEU C 123 0.76 40.97 -4.78
N ASP C 124 0.68 40.07 -3.81
CA ASP C 124 1.66 39.98 -2.74
C ASP C 124 2.16 38.55 -2.63
N PHE C 125 3.47 38.40 -2.52
CA PHE C 125 4.11 37.09 -2.39
C PHE C 125 4.46 36.83 -0.93
N PHE C 126 4.27 35.59 -0.50
CA PHE C 126 4.60 35.19 0.87
C PHE C 126 5.47 33.94 0.83
N LEU C 127 6.65 34.03 1.45
CA LEU C 127 7.63 32.94 1.46
C LEU C 127 7.32 31.99 2.60
N GLY C 128 7.03 30.75 2.28
CA GLY C 128 6.86 29.73 3.30
C GLY C 128 6.00 28.60 2.78
N TRP C 129 5.66 27.70 3.70
CA TRP C 129 4.82 26.56 3.40
C TRP C 129 3.38 26.87 3.80
N GLY C 130 2.47 26.81 2.83
CA GLY C 130 1.07 27.12 3.07
C GLY C 130 0.27 25.86 3.35
N SER C 131 -0.69 25.97 4.28
CA SER C 131 -1.53 24.83 4.62
C SER C 131 -2.90 25.33 5.06
N LEU C 132 -3.85 24.40 5.05
CA LEU C 132 -5.25 24.70 5.35
C LEU C 132 -5.48 24.62 6.84
N GLU C 133 -5.70 25.76 7.49
CA GLU C 133 -6.04 25.79 8.91
C GLU C 133 -7.54 25.64 9.13
N SER C 134 -8.34 26.54 8.55
CA SER C 134 -9.80 26.47 8.61
C SER C 134 -10.35 26.93 7.26
N LYS C 135 -11.68 27.04 7.17
CA LYS C 135 -12.34 27.21 5.87
C LYS C 135 -11.84 28.45 5.13
N ASN C 136 -11.55 29.53 5.85
CA ASN C 136 -11.12 30.77 5.21
C ASN C 136 -9.81 31.26 5.82
N VAL C 137 -8.96 30.35 6.28
CA VAL C 137 -7.68 30.71 6.87
C VAL C 137 -6.59 29.84 6.26
N VAL C 138 -5.54 30.49 5.76
CA VAL C 138 -4.37 29.81 5.22
C VAL C 138 -3.17 30.18 6.09
N VAL C 139 -2.46 29.16 6.59
CA VAL C 139 -1.29 29.36 7.45
C VAL C 139 -0.02 29.18 6.65
N VAL C 140 0.91 30.10 6.80
CA VAL C 140 2.22 29.99 6.19
C VAL C 140 3.22 29.71 7.30
N ARG C 141 3.95 28.60 7.19
CA ARG C 141 4.85 28.13 8.22
C ARG C 141 6.28 28.07 7.71
N GLU C 142 7.19 27.90 8.66
CA GLU C 142 8.62 27.96 8.34
C GLU C 142 9.06 26.75 7.54
N THR C 143 8.59 25.54 7.88
CA THR C 143 8.93 24.34 7.13
C THR C 143 7.66 23.59 6.77
N ALA C 144 7.84 22.43 6.13
CA ALA C 144 6.72 21.56 5.80
C ALA C 144 6.20 20.78 7.00
N ASP C 145 7.00 20.68 8.07
CA ASP C 145 6.54 20.14 9.34
C ASP C 145 5.37 20.99 9.84
N PRO C 146 4.18 20.40 10.05
CA PRO C 146 3.04 21.22 10.48
C PRO C 146 3.25 21.88 11.82
N LYS C 147 4.20 21.38 12.62
CA LYS C 147 4.50 21.93 13.93
C LYS C 147 5.45 23.12 13.88
N SER C 148 5.80 23.62 12.70
CA SER C 148 6.82 24.65 12.64
C SER C 148 6.21 26.02 12.88
N ALA C 149 7.09 27.00 13.07
CA ALA C 149 6.66 28.33 13.47
C ALA C 149 5.73 28.95 12.43
N VAL C 150 4.69 29.61 12.91
CA VAL C 150 3.71 30.24 12.03
C VAL C 150 4.25 31.59 11.59
N LYS C 151 4.46 31.75 10.28
CA LYS C 151 4.95 33.00 9.73
C LYS C 151 3.83 33.98 9.44
N GLU C 152 2.71 33.52 8.88
CA GLU C 152 1.56 34.38 8.63
C GLU C 152 0.29 33.55 8.74
N ARG C 153 -0.83 34.23 8.96
CA ARG C 153 -2.16 33.67 8.73
C ARG C 153 -2.92 34.65 7.87
N LEU C 154 -3.59 34.12 6.84
CA LEU C 154 -4.18 34.95 5.81
C LEU C 154 -5.66 34.61 5.72
N GLN C 155 -6.50 35.64 5.86
CA GLN C 155 -7.93 35.45 5.69
C GLN C 155 -8.24 35.45 4.21
N ALA C 156 -9.09 34.51 3.78
CA ALA C 156 -9.25 34.25 2.36
C ALA C 156 -10.72 34.04 2.06
N ASP C 157 -11.31 34.92 1.27
CA ASP C 157 -12.62 34.62 0.72
C ASP C 157 -12.56 33.34 -0.11
N HIS C 158 -11.54 33.21 -0.95
CA HIS C 158 -11.37 32.07 -1.84
C HIS C 158 -9.94 31.56 -1.75
N ILE C 159 -9.80 30.23 -1.75
CA ILE C 159 -8.51 29.57 -1.61
C ILE C 159 -8.28 28.67 -2.81
N LEU C 160 -7.11 28.78 -3.42
CA LEU C 160 -6.76 28.04 -4.62
C LEU C 160 -5.55 27.15 -4.34
N LEU C 161 -5.73 25.84 -4.54
CA LEU C 161 -4.68 24.85 -4.36
C LEU C 161 -3.98 24.65 -5.71
N ALA C 162 -2.70 24.97 -5.76
CA ALA C 162 -1.96 24.84 -7.02
C ALA C 162 -0.51 24.45 -6.74
N THR C 163 -0.31 23.39 -5.96
CA THR C 163 1.00 22.95 -5.50
C THR C 163 1.66 21.92 -6.41
N GLY C 164 1.02 21.53 -7.50
CA GLY C 164 1.69 20.71 -8.50
C GLY C 164 1.92 19.27 -8.08
N SER C 165 2.94 18.64 -8.67
CA SER C 165 3.22 17.23 -8.46
C SER C 165 4.66 17.03 -7.95
N TRP C 166 5.11 15.77 -7.96
CA TRP C 166 6.38 15.43 -7.35
C TRP C 166 6.80 14.06 -7.89
N PRO C 167 8.11 13.83 -8.08
CA PRO C 167 8.55 12.55 -8.65
C PRO C 167 8.16 11.38 -7.77
N GLN C 168 7.72 10.30 -8.39
CA GLN C 168 7.32 9.11 -7.67
C GLN C 168 8.50 8.16 -7.58
N MET C 169 8.82 7.70 -6.38
CA MET C 169 9.98 6.83 -6.18
C MET C 169 9.51 5.46 -5.70
N PRO C 170 9.76 4.39 -6.45
CA PRO C 170 9.24 3.08 -6.03
C PRO C 170 9.89 2.61 -4.75
N ALA C 171 9.16 1.79 -4.01
CA ALA C 171 9.64 1.27 -2.72
C ALA C 171 10.39 -0.05 -2.93
N ILE C 172 11.61 0.09 -3.45
CA ILE C 172 12.53 -1.03 -3.60
C ILE C 172 13.71 -0.77 -2.66
N PRO C 173 14.38 -1.80 -2.18
CA PRO C 173 15.60 -1.59 -1.39
C PRO C 173 16.63 -0.79 -2.19
N GLY C 174 17.21 0.21 -1.53
CA GLY C 174 18.24 1.02 -2.13
C GLY C 174 17.74 2.21 -2.91
N ILE C 175 16.44 2.45 -2.92
CA ILE C 175 15.89 3.59 -3.65
C ILE C 175 16.54 4.90 -3.23
N GLU C 176 17.13 4.95 -2.03
CA GLU C 176 17.80 6.19 -1.62
C GLU C 176 19.09 6.44 -2.37
N HIS C 177 19.63 5.45 -3.10
CA HIS C 177 20.79 5.72 -3.93
C HIS C 177 20.40 6.19 -5.33
N CYS C 178 19.13 6.43 -5.58
CA CYS C 178 18.69 6.90 -6.88
C CYS C 178 18.38 8.38 -6.80
N ILE C 179 18.27 9.02 -7.97
CA ILE C 179 17.86 10.42 -8.04
C ILE C 179 16.58 10.51 -8.85
N SER C 180 16.02 11.71 -8.92
CA SER C 180 14.93 12.02 -9.84
C SER C 180 15.39 13.12 -10.79
N SER C 181 14.47 13.60 -11.61
CA SER C 181 14.82 14.68 -12.53
C SER C 181 15.23 15.95 -11.77
N ASN C 182 14.75 16.13 -10.55
CA ASN C 182 15.14 17.30 -9.76
C ASN C 182 16.65 17.37 -9.61
N GLU C 183 17.27 16.27 -9.18
CA GLU C 183 18.70 16.25 -8.99
C GLU C 183 19.44 16.20 -10.33
N ALA C 184 18.83 15.59 -11.34
CA ALA C 184 19.45 15.52 -12.66
C ALA C 184 19.87 16.90 -13.15
N PHE C 185 19.04 17.91 -12.90
CA PHE C 185 19.31 19.29 -13.34
C PHE C 185 20.52 19.91 -12.67
N TYR C 186 21.09 19.30 -11.62
CA TYR C 186 22.20 19.93 -10.92
C TYR C 186 23.40 19.01 -10.76
N LEU C 187 23.46 17.90 -11.48
CA LEU C 187 24.61 17.02 -11.36
C LEU C 187 25.90 17.80 -11.63
N PRO C 188 26.92 17.68 -10.78
CA PRO C 188 28.18 18.41 -11.02
C PRO C 188 28.89 18.02 -12.31
N GLU C 189 28.94 16.72 -12.63
CA GLU C 189 29.55 16.16 -13.83
C GLU C 189 28.55 15.27 -14.56
N PRO C 190 28.69 15.11 -15.88
CA PRO C 190 27.78 14.23 -16.63
C PRO C 190 28.15 12.77 -16.40
N PRO C 191 27.17 11.90 -16.15
CA PRO C 191 27.49 10.51 -15.83
C PRO C 191 28.09 9.79 -17.02
N ARG C 192 29.10 8.96 -16.74
CA ARG C 192 29.65 8.11 -17.78
C ARG C 192 28.66 7.00 -18.13
N ARG C 193 28.13 6.31 -17.12
CA ARG C 193 27.06 5.34 -17.29
C ARG C 193 25.83 5.84 -16.52
N VAL C 194 24.68 5.87 -17.17
CA VAL C 194 23.45 6.28 -16.49
C VAL C 194 22.29 5.39 -16.93
N LEU C 195 21.45 5.02 -15.96
CA LEU C 195 20.21 4.29 -16.19
C LEU C 195 19.01 5.21 -15.93
N THR C 196 18.25 5.53 -16.99
CA THR C 196 16.95 6.19 -16.84
C THR C 196 15.88 5.11 -16.73
N VAL C 197 15.06 5.19 -15.69
CA VAL C 197 14.07 4.18 -15.37
C VAL C 197 12.70 4.76 -15.66
N GLY C 198 12.00 4.14 -16.60
CA GLY C 198 10.70 4.63 -17.02
C GLY C 198 10.63 4.75 -18.52
N GLY C 199 9.41 4.79 -19.06
CA GLY C 199 9.27 4.86 -20.50
C GLY C 199 8.56 6.09 -20.99
N GLY C 200 8.20 7.00 -20.08
CA GLY C 200 7.51 8.23 -20.41
C GLY C 200 8.45 9.33 -20.87
N PHE C 201 7.88 10.53 -21.07
CA PHE C 201 8.62 11.57 -21.79
C PHE C 201 9.84 12.08 -21.01
N ILE C 202 9.83 12.03 -19.68
CA ILE C 202 10.96 12.56 -18.93
C ILE C 202 12.15 11.63 -19.06
N SER C 203 11.93 10.34 -18.82
CA SER C 203 12.98 9.34 -19.03
C SER C 203 13.61 9.48 -20.41
N VAL C 204 12.77 9.60 -21.44
CA VAL C 204 13.26 9.61 -22.81
C VAL C 204 13.98 10.92 -23.10
N GLU C 205 13.47 12.04 -22.56
CA GLU C 205 14.09 13.32 -22.86
C GLU C 205 15.47 13.42 -22.24
N PHE C 206 15.62 12.96 -20.98
CA PHE C 206 16.90 13.00 -20.29
C PHE C 206 17.89 11.98 -20.87
N ALA C 207 17.41 10.80 -21.28
CA ALA C 207 18.30 9.86 -21.97
C ALA C 207 19.02 10.53 -23.14
N GLY C 208 18.29 11.30 -23.96
CA GLY C 208 18.91 12.00 -25.06
C GLY C 208 19.87 13.09 -24.63
N ILE C 209 19.58 13.77 -23.52
CA ILE C 209 20.50 14.75 -22.99
C ILE C 209 21.80 14.09 -22.53
N PHE C 210 21.68 13.08 -21.67
CA PHE C 210 22.87 12.40 -21.17
C PHE C 210 23.67 11.81 -22.31
N ASN C 211 22.98 11.31 -23.33
CA ASN C 211 23.69 10.66 -24.44
C ASN C 211 24.63 11.62 -25.14
N ALA C 212 24.27 12.90 -25.19
CA ALA C 212 25.07 13.89 -25.92
C ALA C 212 26.21 14.47 -25.10
N TYR C 213 26.07 14.54 -23.78
CA TYR C 213 27.12 15.10 -22.94
C TYR C 213 27.95 14.04 -22.24
N LYS C 214 27.75 12.76 -22.54
CA LYS C 214 28.50 11.75 -21.82
C LYS C 214 29.99 11.84 -22.12
N PRO C 215 30.83 11.48 -21.15
CA PRO C 215 32.28 11.41 -21.40
C PRO C 215 32.59 10.34 -22.42
N PRO C 216 33.82 10.33 -22.96
CA PRO C 216 34.21 9.26 -23.89
C PRO C 216 34.06 7.88 -23.26
N GLY C 217 33.52 6.95 -24.05
CA GLY C 217 33.32 5.58 -23.60
C GLY C 217 32.05 5.35 -22.81
N GLY C 218 31.24 6.37 -22.59
CA GLY C 218 30.07 6.22 -21.75
C GLY C 218 28.89 5.63 -22.49
N LYS C 219 27.82 5.37 -21.72
CA LYS C 219 26.68 4.62 -22.22
C LYS C 219 25.41 5.00 -21.46
N VAL C 220 24.37 5.37 -22.19
CA VAL C 220 23.05 5.62 -21.60
C VAL C 220 22.16 4.41 -21.82
N THR C 221 21.53 3.94 -20.75
CA THR C 221 20.60 2.82 -20.79
C THR C 221 19.26 3.29 -20.26
N LEU C 222 18.20 3.10 -21.06
CA LEU C 222 16.84 3.36 -20.62
C LEU C 222 16.15 2.01 -20.41
N CYS C 223 15.47 1.85 -19.27
CA CYS C 223 14.69 0.64 -19.09
C CYS C 223 13.22 0.98 -18.87
N TYR C 224 12.36 0.04 -19.21
CA TYR C 224 10.92 0.20 -19.07
C TYR C 224 10.32 -1.18 -18.81
N ARG C 225 9.34 -1.23 -17.89
CA ARG C 225 8.83 -2.52 -17.41
C ARG C 225 8.00 -3.28 -18.46
N ASN C 226 7.41 -2.60 -19.45
CA ASN C 226 6.66 -3.31 -20.47
C ASN C 226 7.43 -3.34 -21.79
N ASN C 227 6.73 -3.65 -22.89
CA ASN C 227 7.40 -4.00 -24.15
C ASN C 227 7.75 -2.79 -25.02
N LEU C 228 7.12 -1.64 -24.82
CA LEU C 228 7.30 -0.54 -25.77
C LEU C 228 7.16 0.78 -25.03
N ILE C 229 8.13 1.68 -25.22
CA ILE C 229 8.18 2.92 -24.46
C ILE C 229 7.06 3.85 -24.94
N LEU C 230 6.85 4.94 -24.20
CA LEU C 230 5.99 6.04 -24.62
C LEU C 230 4.53 5.61 -24.78
N ARG C 231 4.07 4.79 -23.83
CA ARG C 231 2.68 4.38 -23.75
C ARG C 231 1.77 5.60 -23.78
N GLY C 232 0.69 5.51 -24.55
CA GLY C 232 -0.19 6.63 -24.78
C GLY C 232 0.04 7.37 -26.09
N PHE C 233 1.20 7.18 -26.72
CA PHE C 233 1.51 7.80 -28.00
C PHE C 233 1.25 6.81 -29.14
N ASP C 234 1.26 7.35 -30.35
CA ASP C 234 1.04 6.53 -31.55
C ASP C 234 2.04 5.39 -31.63
N GLU C 235 1.53 4.19 -31.97
CA GLU C 235 2.35 2.98 -31.85
C GLU C 235 3.45 2.96 -32.89
N THR C 236 3.11 3.23 -34.15
CA THR C 236 4.12 3.39 -35.18
C THR C 236 5.26 4.30 -34.71
N ILE C 237 4.89 5.41 -34.06
CA ILE C 237 5.87 6.40 -33.62
C ILE C 237 6.66 5.88 -32.41
N ARG C 238 5.98 5.22 -31.48
CA ARG C 238 6.69 4.60 -30.36
C ARG C 238 7.81 3.68 -30.87
N GLU C 239 7.50 2.81 -31.83
CA GLU C 239 8.52 1.89 -32.33
C GLU C 239 9.59 2.62 -33.12
N GLU C 240 9.20 3.65 -33.89
CA GLU C 240 10.18 4.36 -34.69
C GLU C 240 11.12 5.21 -33.83
N VAL C 241 10.62 5.84 -32.77
CA VAL C 241 11.57 6.59 -31.94
C VAL C 241 12.49 5.65 -31.18
N THR C 242 12.01 4.44 -30.81
CA THR C 242 12.90 3.42 -30.27
C THR C 242 14.03 3.08 -31.24
N LYS C 243 13.73 3.01 -32.54
CA LYS C 243 14.78 2.71 -33.52
C LYS C 243 15.78 3.85 -33.65
N GLN C 244 15.31 5.09 -33.64
CA GLN C 244 16.24 6.20 -33.85
C GLN C 244 17.03 6.56 -32.58
N LEU C 245 16.47 6.29 -31.39
CA LEU C 245 17.28 6.38 -30.18
C LEU C 245 18.40 5.34 -30.20
N THR C 246 18.04 4.10 -30.51
CA THR C 246 19.02 3.03 -30.59
C THR C 246 20.07 3.33 -31.65
N ALA C 247 19.67 3.99 -32.74
CA ALA C 247 20.63 4.39 -33.76
C ALA C 247 21.58 5.47 -33.26
N ASN C 248 21.18 6.28 -32.27
CA ASN C 248 22.08 7.29 -31.74
C ASN C 248 22.84 6.79 -30.52
N GLY C 249 22.90 5.47 -30.33
CA GLY C 249 23.75 4.89 -29.30
C GLY C 249 23.12 4.67 -27.93
N ILE C 250 21.84 4.94 -27.76
CA ILE C 250 21.14 4.69 -26.49
C ILE C 250 20.67 3.25 -26.44
N GLU C 251 20.85 2.59 -25.31
CA GLU C 251 20.42 1.20 -25.12
C GLU C 251 19.04 1.17 -24.47
N ILE C 252 18.09 0.49 -25.10
CA ILE C 252 16.72 0.48 -24.62
C ILE C 252 16.39 -0.93 -24.15
N MET C 253 16.28 -1.10 -22.82
CA MET C 253 16.01 -2.36 -22.15
C MET C 253 14.52 -2.45 -21.86
N THR C 254 13.79 -3.21 -22.64
CA THR C 254 12.35 -3.32 -22.38
C THR C 254 12.06 -4.59 -21.60
N ASN C 255 10.88 -4.62 -20.97
CA ASN C 255 10.45 -5.70 -20.09
C ASN C 255 11.44 -5.95 -18.95
N GLU C 256 12.03 -4.88 -18.40
CA GLU C 256 12.93 -4.99 -17.28
C GLU C 256 12.59 -3.91 -16.25
N ASN C 257 12.64 -4.29 -14.97
CA ASN C 257 12.32 -3.37 -13.89
C ASN C 257 13.33 -3.57 -12.76
N PRO C 258 13.87 -2.50 -12.19
CA PRO C 258 14.77 -2.65 -11.04
C PRO C 258 14.05 -3.20 -9.82
N ALA C 259 14.70 -4.16 -9.16
CA ALA C 259 14.21 -4.72 -7.90
C ALA C 259 15.03 -4.31 -6.69
N LYS C 260 16.28 -3.89 -6.89
CA LYS C 260 17.21 -3.60 -5.80
C LYS C 260 18.35 -2.75 -6.34
N VAL C 261 18.77 -1.75 -5.57
CA VAL C 261 19.91 -0.91 -5.93
C VAL C 261 20.86 -0.86 -4.75
N SER C 262 22.12 -1.19 -4.99
CA SER C 262 23.13 -1.13 -3.94
C SER C 262 24.28 -0.22 -4.33
N LEU C 263 24.93 0.33 -3.30
CA LEU C 263 26.01 1.31 -3.44
C LEU C 263 27.35 0.59 -3.38
N ASN C 264 28.15 0.76 -4.43
CA ASN C 264 29.52 0.27 -4.43
C ASN C 264 30.39 1.24 -3.64
N THR C 265 31.50 0.75 -3.08
CA THR C 265 32.27 1.71 -2.30
C THR C 265 32.92 2.77 -3.17
N ASP C 266 33.12 2.52 -4.48
CA ASP C 266 33.61 3.60 -5.35
C ASP C 266 32.53 4.60 -5.74
N GLY C 267 31.31 4.44 -5.24
CA GLY C 267 30.27 5.42 -5.43
C GLY C 267 29.29 5.11 -6.53
N SER C 268 29.62 4.13 -7.39
CA SER C 268 28.69 3.73 -8.44
C SER C 268 27.59 2.82 -7.87
N LYS C 269 26.57 2.57 -8.68
CA LYS C 269 25.39 1.83 -8.25
C LYS C 269 25.32 0.48 -8.96
N HIS C 270 24.93 -0.53 -8.21
CA HIS C 270 24.77 -1.89 -8.72
C HIS C 270 23.28 -2.18 -8.73
N VAL C 271 22.69 -2.17 -9.93
CA VAL C 271 21.25 -2.40 -10.10
C VAL C 271 21.01 -3.88 -10.35
N THR C 272 20.05 -4.45 -9.62
CA THR C 272 19.54 -5.80 -9.90
C THR C 272 18.10 -5.69 -10.39
N PHE C 273 17.83 -6.31 -11.53
CA PHE C 273 16.50 -6.29 -12.13
C PHE C 273 15.67 -7.50 -11.69
N GLU C 274 14.35 -7.37 -11.82
CA GLU C 274 13.44 -8.45 -11.47
C GLU C 274 13.79 -9.75 -12.20
N SER C 275 14.33 -9.64 -13.41
CA SER C 275 14.74 -10.78 -14.20
C SER C 275 15.98 -11.45 -13.66
N GLY C 276 16.67 -10.83 -12.71
CA GLY C 276 17.95 -11.30 -12.25
C GLY C 276 19.14 -10.68 -12.97
N LYS C 277 18.91 -9.93 -14.04
CA LYS C 277 19.98 -9.18 -14.69
C LYS C 277 20.55 -8.14 -13.74
N THR C 278 21.81 -7.81 -13.95
CA THR C 278 22.47 -6.73 -13.20
C THR C 278 23.09 -5.74 -14.18
N LEU C 279 23.34 -4.54 -13.67
CA LEU C 279 23.99 -3.47 -14.42
C LEU C 279 24.62 -2.49 -13.44
N ASP C 280 25.84 -2.06 -13.76
CA ASP C 280 26.56 -1.05 -12.98
C ASP C 280 26.52 0.28 -13.73
N VAL C 281 26.21 1.35 -13.00
CA VAL C 281 26.12 2.69 -13.58
C VAL C 281 26.55 3.71 -12.54
N ASP C 282 26.77 4.94 -12.99
CA ASP C 282 27.14 6.01 -12.08
C ASP C 282 25.92 6.73 -11.51
N VAL C 283 24.85 6.86 -12.29
CA VAL C 283 23.62 7.51 -11.85
C VAL C 283 22.45 6.62 -12.22
N VAL C 284 21.48 6.50 -11.31
CA VAL C 284 20.18 5.89 -11.60
C VAL C 284 19.11 6.97 -11.43
N MET C 285 18.48 7.37 -12.53
CA MET C 285 17.42 8.38 -12.49
C MET C 285 16.07 7.68 -12.59
N MET C 286 15.29 7.73 -11.51
CA MET C 286 13.92 7.23 -11.52
C MET C 286 12.99 8.26 -12.17
N ALA C 287 12.35 7.87 -13.26
CA ALA C 287 11.37 8.73 -13.94
C ALA C 287 10.13 7.91 -14.29
N ILE C 288 9.54 7.25 -13.28
CA ILE C 288 8.43 6.32 -13.50
C ILE C 288 7.06 6.97 -13.31
N GLY C 289 7.00 8.22 -12.88
CA GLY C 289 5.73 8.91 -12.74
C GLY C 289 5.88 10.11 -11.82
N ARG C 290 4.83 10.92 -11.78
CA ARG C 290 4.77 12.05 -10.85
C ARG C 290 3.42 12.02 -10.17
N ILE C 291 3.41 12.26 -8.85
CA ILE C 291 2.18 12.12 -8.08
C ILE C 291 1.75 13.47 -7.52
N PRO C 292 0.44 13.67 -7.29
CA PRO C 292 -0.05 14.95 -6.76
C PRO C 292 0.56 15.28 -5.41
N ARG C 293 0.84 16.57 -5.20
CA ARG C 293 1.57 17.04 -4.02
C ARG C 293 0.58 17.59 -2.99
N THR C 294 -0.03 16.67 -2.23
CA THR C 294 -1.14 16.99 -1.35
C THR C 294 -0.80 16.89 0.14
N ASN C 295 0.34 16.33 0.49
CA ASN C 295 0.61 15.92 1.87
C ASN C 295 0.81 17.12 2.80
N ASP C 296 1.53 18.14 2.35
CA ASP C 296 1.83 19.26 3.24
C ASP C 296 0.66 20.25 3.38
N LEU C 297 -0.43 20.03 2.66
CA LEU C 297 -1.53 21.00 2.70
C LEU C 297 -2.43 20.85 3.92
N GLN C 298 -2.35 19.71 4.62
CA GLN C 298 -3.15 19.48 5.82
C GLN C 298 -4.64 19.51 5.47
N LEU C 299 -4.98 18.80 4.39
CA LEU C 299 -6.34 18.89 3.85
C LEU C 299 -7.38 18.31 4.79
N GLY C 300 -6.97 17.47 5.75
CA GLY C 300 -7.90 16.95 6.74
C GLY C 300 -8.46 17.99 7.68
N ASN C 301 -7.81 19.15 7.77
CA ASN C 301 -8.33 20.21 8.61
C ASN C 301 -9.56 20.91 8.02
N VAL C 302 -10.00 20.56 6.81
CA VAL C 302 -11.23 21.12 6.25
C VAL C 302 -11.96 20.03 5.45
N GLY C 303 -11.33 18.86 5.30
CA GLY C 303 -11.99 17.75 4.65
C GLY C 303 -12.10 17.81 3.13
N VAL C 304 -11.12 18.42 2.46
CA VAL C 304 -11.10 18.41 0.99
C VAL C 304 -10.85 16.98 0.50
N LYS C 305 -11.73 16.48 -0.36
CA LYS C 305 -11.70 15.08 -0.78
C LYS C 305 -10.66 14.82 -1.86
N LEU C 306 -9.98 13.69 -1.75
CA LEU C 306 -9.06 13.20 -2.77
C LEU C 306 -9.67 12.04 -3.53
N THR C 307 -9.42 11.96 -4.84
CA THR C 307 -9.77 10.80 -5.65
C THR C 307 -8.97 9.62 -5.16
N PRO C 308 -9.29 8.39 -5.57
CA PRO C 308 -8.47 7.24 -5.12
C PRO C 308 -7.04 7.28 -5.62
N LYS C 309 -6.78 7.97 -6.75
CA LYS C 309 -5.42 8.14 -7.27
C LYS C 309 -4.57 9.10 -6.43
N GLY C 310 -5.18 9.93 -5.60
CA GLY C 310 -4.43 10.86 -4.78
C GLY C 310 -4.56 12.31 -5.18
N GLY C 311 -5.25 12.61 -6.27
CA GLY C 311 -5.45 13.98 -6.67
C GLY C 311 -6.67 14.61 -6.00
N VAL C 312 -6.59 15.93 -5.79
CA VAL C 312 -7.76 16.66 -5.31
C VAL C 312 -8.91 16.47 -6.28
N GLN C 313 -10.05 16.04 -5.77
CA GLN C 313 -11.24 15.82 -6.58
C GLN C 313 -11.91 17.16 -6.91
N VAL C 314 -12.24 17.38 -8.18
CA VAL C 314 -12.83 18.63 -8.64
C VAL C 314 -13.91 18.34 -9.67
N ASP C 315 -14.83 19.29 -9.84
CA ASP C 315 -15.76 19.27 -10.95
C ASP C 315 -15.16 20.03 -12.12
N GLU C 316 -15.97 20.27 -13.16
CA GLU C 316 -15.45 20.91 -14.37
C GLU C 316 -14.97 22.33 -14.15
N PHE C 317 -15.40 22.98 -13.07
CA PHE C 317 -15.02 24.36 -12.80
C PHE C 317 -13.97 24.45 -11.69
N SER C 318 -13.23 23.36 -11.46
CA SER C 318 -12.13 23.31 -10.51
C SER C 318 -12.59 23.46 -9.07
N ARG C 319 -13.86 23.21 -8.79
CA ARG C 319 -14.40 23.33 -7.45
C ARG C 319 -14.25 22.02 -6.70
N THR C 320 -13.73 22.09 -5.48
CA THR C 320 -13.69 20.95 -4.59
C THR C 320 -15.04 20.82 -3.87
N ASN C 321 -15.15 19.80 -3.03
CA ASN C 321 -16.36 19.62 -2.22
C ASN C 321 -16.49 20.67 -1.11
N VAL C 322 -15.43 21.40 -0.78
CA VAL C 322 -15.55 22.50 0.17
C VAL C 322 -15.83 23.79 -0.59
N PRO C 323 -16.82 24.57 -0.17
CA PRO C 323 -17.08 25.85 -0.84
C PRO C 323 -15.88 26.76 -0.84
N ASN C 324 -15.80 27.59 -1.89
CA ASN C 324 -14.74 28.59 -2.08
C ASN C 324 -13.32 28.02 -1.92
N ILE C 325 -13.13 26.72 -2.13
CA ILE C 325 -11.80 26.10 -2.24
C ILE C 325 -11.72 25.37 -3.57
N TYR C 326 -10.73 25.73 -4.37
CA TYR C 326 -10.55 25.22 -5.73
C TYR C 326 -9.17 24.63 -5.88
N ALA C 327 -9.02 23.74 -6.87
CA ALA C 327 -7.72 23.14 -7.17
C ALA C 327 -7.55 23.00 -8.66
N ILE C 328 -6.40 23.45 -9.18
CA ILE C 328 -6.09 23.36 -10.60
C ILE C 328 -4.70 22.76 -10.76
N GLY C 329 -4.39 22.35 -11.99
CA GLY C 329 -3.05 21.93 -12.33
C GLY C 329 -2.75 20.50 -11.94
N ASP C 330 -1.45 20.22 -11.76
CA ASP C 330 -0.98 18.86 -11.53
C ASP C 330 -1.62 18.23 -10.30
N ILE C 331 -2.04 19.05 -9.33
CA ILE C 331 -2.61 18.51 -8.11
C ILE C 331 -3.94 17.80 -8.37
N THR C 332 -4.58 18.08 -9.51
CA THR C 332 -5.81 17.37 -9.86
C THR C 332 -5.56 16.07 -10.62
N ASP C 333 -4.31 15.79 -11.01
CA ASP C 333 -3.91 14.46 -11.50
C ASP C 333 -4.62 14.09 -12.81
N ARG C 334 -4.75 15.06 -13.71
CA ARG C 334 -5.31 14.77 -15.03
C ARG C 334 -4.22 14.95 -16.08
N LEU C 335 -4.37 15.95 -16.96
CA LEU C 335 -3.34 16.30 -17.93
C LEU C 335 -2.28 17.13 -17.22
N MET C 336 -1.08 16.58 -17.06
CA MET C 336 -0.02 17.31 -16.38
C MET C 336 0.79 18.09 -17.44
N LEU C 337 0.22 19.21 -17.89
CA LEU C 337 0.88 20.13 -18.82
C LEU C 337 0.82 21.56 -18.30
N THR C 338 1.90 22.33 -18.54
CA THR C 338 1.90 23.73 -18.10
C THR C 338 0.78 24.54 -18.75
N PRO C 339 0.56 24.49 -20.07
CA PRO C 339 -0.51 25.32 -20.65
C PRO C 339 -1.91 24.92 -20.22
N VAL C 340 -2.15 23.65 -19.88
CA VAL C 340 -3.45 23.25 -19.36
C VAL C 340 -3.69 23.88 -17.99
N ALA C 341 -2.70 23.78 -17.11
CA ALA C 341 -2.79 24.44 -15.80
C ALA C 341 -3.04 25.95 -15.95
N ILE C 342 -2.40 26.60 -16.92
CA ILE C 342 -2.62 28.03 -17.13
C ILE C 342 -4.06 28.29 -17.56
N ASN C 343 -4.57 27.47 -18.48
CA ASN C 343 -5.96 27.58 -18.91
C ASN C 343 -6.91 27.43 -17.73
N GLU C 344 -6.71 26.38 -16.93
CA GLU C 344 -7.58 26.15 -15.78
C GLU C 344 -7.56 27.32 -14.81
N GLY C 345 -6.39 27.92 -14.59
CA GLY C 345 -6.30 29.03 -13.66
C GLY C 345 -6.99 30.28 -14.18
N ALA C 346 -6.76 30.60 -15.45
CA ALA C 346 -7.46 31.73 -16.05
C ALA C 346 -8.96 31.51 -16.02
N ALA C 347 -9.41 30.30 -16.37
CA ALA C 347 -10.84 30.00 -16.43
C ALA C 347 -11.47 30.06 -15.05
N LEU C 348 -10.71 29.75 -14.00
CA LEU C 348 -11.27 29.73 -12.67
C LEU C 348 -11.50 31.14 -12.13
N VAL C 349 -10.55 32.04 -12.37
CA VAL C 349 -10.74 33.44 -11.97
C VAL C 349 -11.92 34.05 -12.72
N ASP C 350 -12.07 33.75 -14.01
CA ASP C 350 -13.19 34.28 -14.77
C ASP C 350 -14.53 33.77 -14.24
N THR C 351 -14.54 32.60 -13.61
CA THR C 351 -15.78 32.07 -13.08
C THR C 351 -16.08 32.62 -11.69
N VAL C 352 -15.05 32.83 -10.87
CA VAL C 352 -15.28 33.30 -9.52
C VAL C 352 -15.42 34.82 -9.48
N PHE C 353 -14.49 35.53 -10.12
CA PHE C 353 -14.45 36.99 -10.08
C PHE C 353 -14.91 37.64 -11.38
N GLY C 354 -15.53 36.86 -12.29
CA GLY C 354 -16.08 37.41 -13.52
C GLY C 354 -17.54 37.03 -13.69
N ASN C 355 -18.09 37.45 -14.83
CA ASN C 355 -19.49 37.17 -15.09
C ASN C 355 -19.68 35.75 -15.62
N LYS C 356 -19.41 35.55 -16.90
CA LYS C 356 -19.68 34.26 -17.51
C LYS C 356 -18.70 33.21 -17.00
N PRO C 357 -19.17 32.06 -16.54
CA PRO C 357 -18.26 30.98 -16.17
C PRO C 357 -17.59 30.39 -17.40
N ARG C 358 -16.52 29.63 -17.14
CA ARG C 358 -15.74 29.02 -18.21
C ARG C 358 -15.06 27.77 -17.68
N LYS C 359 -15.14 26.68 -18.44
CA LYS C 359 -14.55 25.39 -18.06
C LYS C 359 -13.51 24.97 -19.09
N THR C 360 -12.35 24.53 -18.61
CA THR C 360 -11.27 24.08 -19.48
C THR C 360 -11.70 22.87 -20.30
N ASP C 361 -11.38 22.91 -21.60
CA ASP C 361 -11.59 21.76 -22.49
C ASP C 361 -10.34 20.89 -22.46
N HIS C 362 -10.52 19.62 -22.08
CA HIS C 362 -9.40 18.69 -21.91
C HIS C 362 -9.19 17.75 -23.10
N THR C 363 -9.96 17.91 -24.18
CA THR C 363 -9.78 17.08 -25.36
C THR C 363 -9.02 17.83 -26.45
N ARG C 364 -8.44 17.08 -27.37
CA ARG C 364 -7.74 17.66 -28.51
C ARG C 364 -6.65 18.63 -28.06
N VAL C 365 -6.00 18.33 -26.93
CA VAL C 365 -4.94 19.17 -26.41
C VAL C 365 -3.63 18.73 -27.06
N ALA C 366 -3.01 19.62 -27.82
CA ALA C 366 -1.77 19.26 -28.50
C ALA C 366 -0.59 19.31 -27.53
N SER C 367 0.38 18.42 -27.74
CA SER C 367 1.54 18.32 -26.85
C SER C 367 2.73 17.81 -27.65
N ALA C 368 3.90 17.77 -26.99
CA ALA C 368 5.15 17.38 -27.64
C ALA C 368 6.03 16.57 -26.70
N VAL C 369 6.88 15.72 -27.26
CA VAL C 369 8.00 15.13 -26.52
C VAL C 369 9.28 15.64 -27.16
N PHE C 370 10.14 16.23 -26.35
CA PHE C 370 11.37 16.77 -26.88
C PHE C 370 12.50 15.75 -26.86
N SER C 371 12.15 14.55 -27.32
CA SER C 371 13.14 13.55 -27.62
C SER C 371 13.99 13.97 -28.81
N ILE C 372 15.05 13.21 -29.05
CA ILE C 372 15.86 13.36 -30.24
C ILE C 372 15.74 12.07 -31.05
N PRO C 373 14.90 12.06 -32.09
CA PRO C 373 14.11 13.17 -32.66
C PRO C 373 12.81 13.43 -31.91
N PRO C 374 12.21 14.62 -32.07
CA PRO C 374 11.05 15.01 -31.26
C PRO C 374 9.73 14.50 -31.82
N ILE C 375 8.72 14.46 -30.93
CA ILE C 375 7.36 14.03 -31.23
C ILE C 375 6.40 15.21 -31.06
N GLY C 376 5.41 15.30 -31.95
CA GLY C 376 4.30 16.22 -31.80
C GLY C 376 2.96 15.56 -32.08
N THR C 377 1.95 15.82 -31.23
CA THR C 377 0.71 15.07 -31.36
C THR C 377 -0.49 15.91 -30.92
N CYS C 378 -1.66 15.58 -31.47
CA CYS C 378 -2.92 16.19 -31.05
C CYS C 378 -4.06 15.23 -31.35
N GLY C 379 -4.89 14.97 -30.34
CA GLY C 379 -6.06 14.13 -30.51
C GLY C 379 -5.78 12.65 -30.30
N LEU C 380 -6.64 11.83 -30.91
CA LEU C 380 -6.74 10.40 -30.58
C LEU C 380 -5.76 9.56 -31.36
N ILE C 381 -5.23 8.52 -30.70
CA ILE C 381 -4.51 7.46 -31.41
C ILE C 381 -5.52 6.45 -31.96
N GLU C 382 -5.05 5.66 -32.93
CA GLU C 382 -5.97 4.86 -33.74
C GLU C 382 -6.62 3.73 -32.94
N GLU C 383 -5.94 3.14 -31.96
CA GLU C 383 -6.58 2.07 -31.21
C GLU C 383 -7.69 2.61 -30.31
N VAL C 384 -7.52 3.83 -29.79
CA VAL C 384 -8.59 4.45 -29.00
C VAL C 384 -9.72 4.91 -29.90
N ALA C 385 -9.39 5.41 -31.09
CA ALA C 385 -10.42 5.76 -32.06
C ALA C 385 -11.22 4.54 -32.50
N ALA C 386 -10.55 3.40 -32.71
CA ALA C 386 -11.23 2.22 -33.24
C ALA C 386 -12.25 1.62 -32.29
N LYS C 387 -12.34 2.06 -31.03
CA LYS C 387 -13.35 1.57 -30.11
C LYS C 387 -14.54 2.50 -29.98
N GLU C 388 -14.39 3.78 -30.27
CA GLU C 388 -15.53 4.69 -30.27
C GLU C 388 -16.19 4.83 -31.63
N PHE C 389 -15.54 4.40 -32.70
CA PHE C 389 -16.04 4.63 -34.05
C PHE C 389 -16.01 3.34 -34.86
N GLU C 390 -17.08 3.12 -35.62
CA GLU C 390 -17.22 1.87 -36.35
C GLU C 390 -16.24 1.77 -37.51
N LYS C 391 -15.85 2.90 -38.10
CA LYS C 391 -14.95 2.92 -39.26
C LYS C 391 -13.93 4.04 -39.09
N VAL C 392 -12.66 3.66 -38.96
CA VAL C 392 -11.55 4.59 -38.75
C VAL C 392 -10.58 4.41 -39.91
N ALA C 393 -10.10 5.52 -40.48
CA ALA C 393 -9.07 5.48 -41.50
C ALA C 393 -7.76 6.05 -40.96
N VAL C 394 -6.64 5.49 -41.43
CA VAL C 394 -5.31 5.93 -41.03
C VAL C 394 -4.53 6.28 -42.29
N TYR C 395 -4.13 7.54 -42.41
CA TYR C 395 -3.22 8.03 -43.43
C TYR C 395 -1.82 8.12 -42.82
N MET C 396 -0.80 7.83 -43.62
CA MET C 396 0.54 7.65 -43.05
C MET C 396 1.60 7.93 -44.09
N SER C 397 2.59 8.75 -43.73
CA SER C 397 3.78 8.97 -44.55
C SER C 397 5.02 8.82 -43.66
N SER C 398 6.04 8.11 -44.17
CA SER C 398 7.22 7.78 -43.37
C SER C 398 8.41 7.58 -44.31
N PHE C 399 9.07 8.69 -44.64
CA PHE C 399 10.28 8.69 -45.47
C PHE C 399 11.46 9.24 -44.67
N THR C 400 12.68 8.94 -45.12
CA THR C 400 13.87 9.67 -44.65
C THR C 400 14.04 10.90 -45.54
N PRO C 401 13.86 12.13 -45.02
CA PRO C 401 13.95 13.31 -45.87
C PRO C 401 15.33 13.43 -46.54
N LEU C 402 15.35 14.21 -47.61
CA LEU C 402 16.53 14.29 -48.49
C LEU C 402 17.74 14.88 -47.77
N MET C 403 17.55 15.95 -46.98
CA MET C 403 18.69 16.54 -46.29
C MET C 403 19.44 15.50 -45.47
N HIS C 404 18.76 14.47 -45.00
CA HIS C 404 19.33 13.47 -44.11
C HIS C 404 19.95 12.28 -44.85
N ASN C 405 19.83 12.22 -46.17
CA ASN C 405 20.71 11.32 -46.89
C ASN C 405 22.07 11.98 -47.13
N ILE C 406 22.08 13.30 -47.32
CA ILE C 406 23.33 14.05 -47.42
C ILE C 406 24.02 14.11 -46.05
N SER C 407 23.24 14.28 -44.98
CA SER C 407 23.81 14.49 -43.67
C SER C 407 24.48 13.23 -43.12
N GLY C 408 24.15 12.06 -43.66
CA GLY C 408 24.62 10.81 -43.11
C GLY C 408 23.73 10.20 -42.05
N SER C 409 22.65 10.87 -41.66
CA SER C 409 21.73 10.32 -40.65
C SER C 409 20.56 9.62 -41.34
N LYS C 410 20.85 8.46 -41.93
CA LYS C 410 19.86 7.83 -42.79
C LYS C 410 18.69 7.25 -42.01
N TYR C 411 18.86 7.01 -40.70
CA TYR C 411 17.80 6.47 -39.85
C TYR C 411 16.69 7.47 -39.54
N LYS C 412 16.87 8.75 -39.88
CA LYS C 412 15.96 9.81 -39.43
C LYS C 412 14.76 9.94 -40.37
N LYS C 413 13.88 8.94 -40.31
CA LYS C 413 12.60 9.02 -40.99
C LYS C 413 11.66 10.01 -40.30
N PHE C 414 11.00 10.87 -41.09
CA PHE C 414 9.90 11.69 -40.62
C PHE C 414 8.58 10.95 -40.80
N VAL C 415 7.78 10.86 -39.74
CA VAL C 415 6.53 10.09 -39.76
C VAL C 415 5.36 11.03 -39.52
N ALA C 416 4.37 10.97 -40.40
CA ALA C 416 3.15 11.77 -40.29
C ALA C 416 1.94 10.86 -40.43
N LYS C 417 1.06 10.87 -39.44
CA LYS C 417 -0.13 10.02 -39.46
C LYS C 417 -1.36 10.85 -39.14
N ILE C 418 -2.42 10.68 -39.93
CA ILE C 418 -3.71 11.31 -39.68
C ILE C 418 -4.75 10.22 -39.46
N VAL C 419 -5.52 10.36 -38.38
CA VAL C 419 -6.54 9.38 -37.98
C VAL C 419 -7.91 10.02 -38.17
N THR C 420 -8.77 9.41 -38.99
CA THR C 420 -10.08 9.98 -39.26
C THR C 420 -11.20 9.05 -38.83
N ASN C 421 -12.36 9.64 -38.58
CA ASN C 421 -13.62 8.91 -38.69
C ASN C 421 -13.94 8.81 -40.17
N HIS C 422 -13.81 7.59 -40.73
CA HIS C 422 -14.01 7.37 -42.15
C HIS C 422 -15.45 7.60 -42.60
N SER C 423 -16.40 7.67 -41.67
CA SER C 423 -17.80 7.83 -42.07
C SER C 423 -18.09 9.24 -42.56
N ASP C 424 -17.50 10.25 -41.93
CA ASP C 424 -17.67 11.63 -42.40
C ASP C 424 -16.37 12.34 -42.76
N GLY C 425 -15.20 11.72 -42.52
CA GLY C 425 -13.92 12.35 -42.82
C GLY C 425 -13.30 13.17 -41.69
N THR C 426 -13.99 13.36 -40.57
CA THR C 426 -13.47 14.18 -39.47
C THR C 426 -12.11 13.68 -38.99
N VAL C 427 -11.17 14.60 -38.86
CA VAL C 427 -9.85 14.30 -38.30
C VAL C 427 -9.99 14.14 -36.79
N LEU C 428 -9.63 12.95 -36.29
CA LEU C 428 -9.67 12.67 -34.86
C LEU C 428 -8.32 12.85 -34.17
N GLY C 429 -7.22 12.69 -34.90
CA GLY C 429 -5.91 12.81 -34.31
C GLY C 429 -4.84 12.95 -35.37
N VAL C 430 -3.77 13.68 -35.02
CA VAL C 430 -2.58 13.80 -35.86
C VAL C 430 -1.36 13.51 -34.99
N HIS C 431 -0.40 12.75 -35.53
CA HIS C 431 0.79 12.37 -34.79
C HIS C 431 2.00 12.48 -35.70
N LEU C 432 3.07 13.11 -35.19
CA LEU C 432 4.25 13.48 -35.96
C LEU C 432 5.52 13.08 -35.23
N LEU C 433 6.46 12.52 -35.97
CA LEU C 433 7.80 12.25 -35.46
C LEU C 433 8.82 12.86 -36.41
N GLY C 434 9.79 13.57 -35.86
CA GLY C 434 10.85 14.16 -36.63
C GLY C 434 10.98 15.64 -36.36
N ASP C 435 12.09 16.19 -36.87
CA ASP C 435 12.45 17.59 -36.62
C ASP C 435 11.31 18.53 -36.99
N GLY C 436 10.99 19.44 -36.07
CA GLY C 436 9.90 20.37 -36.25
C GLY C 436 8.54 19.87 -35.77
N ALA C 437 8.39 18.59 -35.45
CA ALA C 437 7.08 18.09 -35.03
C ALA C 437 6.46 18.88 -33.89
N PRO C 438 7.19 19.37 -32.89
CA PRO C 438 6.53 20.18 -31.87
C PRO C 438 5.97 21.48 -32.42
N GLU C 439 6.62 22.07 -33.44
CA GLU C 439 6.14 23.33 -33.99
C GLU C 439 5.02 23.12 -35.01
N ILE C 440 5.05 21.99 -35.73
CA ILE C 440 4.05 21.74 -36.77
C ILE C 440 2.69 21.48 -36.16
N ILE C 441 2.65 20.85 -34.98
CA ILE C 441 1.40 20.41 -34.41
C ILE C 441 0.57 21.55 -33.83
N GLN C 442 1.16 22.72 -33.54
CA GLN C 442 0.40 23.76 -32.83
C GLN C 442 -0.86 24.16 -33.59
N ALA C 443 -0.70 24.55 -34.85
CA ALA C 443 -1.87 24.96 -35.61
C ALA C 443 -2.80 23.79 -35.92
N VAL C 444 -2.32 22.54 -35.85
CA VAL C 444 -3.22 21.41 -36.00
C VAL C 444 -4.23 21.38 -34.86
N GLY C 445 -3.82 21.83 -33.67
CA GLY C 445 -4.76 21.92 -32.58
C GLY C 445 -5.88 22.89 -32.85
N VAL C 446 -5.61 23.93 -33.65
CA VAL C 446 -6.66 24.86 -34.02
C VAL C 446 -7.60 24.23 -35.04
N CYS C 447 -7.05 23.54 -36.04
CA CYS C 447 -7.88 22.85 -37.03
C CYS C 447 -8.86 21.90 -36.36
N LEU C 448 -8.42 21.20 -35.32
CA LEU C 448 -9.30 20.26 -34.65
C LEU C 448 -10.45 20.98 -33.94
N ARG C 449 -10.20 22.20 -33.46
CA ARG C 449 -11.27 22.99 -32.85
C ARG C 449 -12.27 23.49 -33.89
N LEU C 450 -11.91 23.46 -35.16
CA LEU C 450 -12.78 23.81 -36.28
C LEU C 450 -13.41 22.58 -36.93
N ASN C 451 -13.23 21.40 -36.33
CA ASN C 451 -13.77 20.14 -36.83
C ASN C 451 -13.39 19.92 -38.28
N ALA C 452 -12.08 19.97 -38.52
CA ALA C 452 -11.52 19.78 -39.84
C ALA C 452 -11.71 18.34 -40.31
N LYS C 453 -11.78 18.18 -41.63
CA LYS C 453 -11.86 16.88 -42.28
C LYS C 453 -10.58 16.62 -43.06
N ILE C 454 -10.37 15.35 -43.39
CA ILE C 454 -9.18 14.99 -44.16
C ILE C 454 -9.12 15.78 -45.47
N SER C 455 -10.28 16.07 -46.07
CA SER C 455 -10.27 16.79 -47.34
C SER C 455 -9.94 18.26 -47.15
N ASP C 456 -10.12 18.77 -45.92
CA ASP C 456 -9.67 20.12 -45.60
C ASP C 456 -8.14 20.21 -45.57
N PHE C 457 -7.47 19.19 -45.02
CA PHE C 457 -6.01 19.15 -45.12
C PHE C 457 -5.57 18.96 -46.56
N TYR C 458 -6.13 17.96 -47.26
CA TYR C 458 -5.63 17.61 -48.58
C TYR C 458 -5.84 18.71 -49.62
N ASN C 459 -6.86 19.54 -49.46
CA ASN C 459 -7.14 20.61 -50.42
C ASN C 459 -6.40 21.92 -50.09
N THR C 460 -5.75 22.00 -48.93
CA THR C 460 -4.85 23.10 -48.66
C THR C 460 -3.58 22.93 -49.48
N ILE C 461 -3.11 24.03 -50.07
CA ILE C 461 -1.91 24.02 -50.90
C ILE C 461 -0.68 23.93 -50.01
N GLY C 462 0.28 23.09 -50.38
CA GLY C 462 1.44 22.87 -49.54
C GLY C 462 2.44 24.02 -49.58
N VAL C 463 3.27 24.07 -48.53
CA VAL C 463 4.45 24.93 -48.46
C VAL C 463 5.66 24.07 -48.80
N HIS C 464 6.43 24.44 -49.82
CA HIS C 464 7.44 23.53 -50.33
C HIS C 464 8.81 24.19 -50.36
N PRO C 465 9.88 23.50 -49.88
CA PRO C 465 9.89 22.16 -49.28
C PRO C 465 9.88 22.18 -47.76
N THR C 466 8.99 21.41 -47.14
CA THR C 466 8.89 21.28 -45.70
C THR C 466 8.53 19.84 -45.38
N SER C 467 8.74 19.45 -44.12
CA SER C 467 8.15 18.22 -43.63
C SER C 467 6.64 18.36 -43.47
N ALA C 468 6.19 19.55 -43.12
CA ALA C 468 4.79 19.73 -42.75
C ALA C 468 3.85 19.55 -43.93
N GLU C 469 4.32 19.80 -45.16
CA GLU C 469 3.47 19.67 -46.34
C GLU C 469 3.02 18.24 -46.60
N GLU C 470 3.59 17.26 -45.88
CA GLU C 470 3.15 15.87 -46.01
C GLU C 470 1.75 15.69 -45.44
N LEU C 471 1.38 16.48 -44.43
CA LEU C 471 0.02 16.49 -43.91
C LEU C 471 -1.01 16.92 -44.93
N CYS C 472 -0.60 17.59 -46.01
CA CYS C 472 -1.51 18.14 -46.99
C CYS C 472 -1.47 17.37 -48.30
N SER C 473 -0.86 16.19 -48.29
CA SER C 473 -0.59 15.40 -49.49
C SER C 473 -1.16 13.99 -49.37
N MET C 474 -2.03 13.74 -48.40
CA MET C 474 -2.52 12.40 -48.09
C MET C 474 -4.00 12.34 -48.37
N ARG C 475 -4.39 11.57 -49.38
CA ARG C 475 -5.78 11.47 -49.77
C ARG C 475 -6.32 10.05 -49.75
N THR C 476 -5.46 9.04 -49.71
CA THR C 476 -5.90 7.65 -49.75
C THR C 476 -5.44 6.95 -48.48
N PRO C 477 -6.37 6.44 -47.66
CA PRO C 477 -5.95 5.75 -46.43
C PRO C 477 -4.89 4.69 -46.68
N SER C 478 -4.03 4.50 -45.67
CA SER C 478 -3.10 3.37 -45.66
C SER C 478 -3.76 2.10 -45.14
N TYR C 479 -4.67 2.22 -44.19
CA TYR C 479 -5.40 1.07 -43.67
C TYR C 479 -6.57 1.61 -42.86
N TYR C 480 -7.40 0.69 -42.37
CA TYR C 480 -8.65 1.03 -41.69
C TYR C 480 -8.80 0.20 -40.43
N TYR C 481 -9.72 0.64 -39.59
CA TYR C 481 -10.30 -0.19 -38.53
C TYR C 481 -11.81 -0.24 -38.77
N VAL C 482 -12.35 -1.45 -38.87
CA VAL C 482 -13.77 -1.67 -39.04
C VAL C 482 -14.25 -2.48 -37.84
N LYS C 483 -15.07 -1.86 -37.00
CA LYS C 483 -15.58 -2.48 -35.77
C LYS C 483 -14.45 -2.99 -34.87
N GLY C 484 -13.30 -2.33 -34.89
CA GLY C 484 -12.17 -2.74 -34.08
C GLY C 484 -11.12 -3.56 -34.81
N GLU C 485 -11.43 -4.09 -35.97
CA GLU C 485 -10.50 -4.93 -36.72
C GLU C 485 -9.68 -4.10 -37.69
N LYS C 486 -8.35 -4.23 -37.60
CA LYS C 486 -7.44 -3.59 -38.53
C LYS C 486 -7.45 -4.33 -39.86
N MET C 487 -7.53 -3.59 -40.95
CA MET C 487 -7.51 -4.22 -42.27
C MET C 487 -7.01 -3.22 -43.30
N GLU C 488 -6.29 -3.75 -44.28
CA GLU C 488 -5.64 -2.91 -45.29
C GLU C 488 -6.67 -2.29 -46.22
N LYS C 489 -7.69 -3.04 -46.58
CA LYS C 489 -8.76 -2.57 -47.46
C LYS C 489 -10.08 -2.69 -46.74
N LEU C 490 -11.06 -1.94 -47.22
CA LEU C 490 -12.40 -2.08 -46.66
C LEU C 490 -13.10 -3.30 -47.26
N PRO C 491 -14.06 -3.90 -46.56
CA PRO C 491 -14.83 -4.99 -47.14
C PRO C 491 -15.88 -4.49 -48.13
N GLY D 1 5.79 6.24 -99.14
CA GLY D 1 4.60 6.99 -98.80
C GLY D 1 4.61 7.60 -97.41
N SER D 2 3.44 7.83 -96.87
CA SER D 2 3.33 8.48 -95.58
C SER D 2 2.98 7.44 -94.53
N HIS D 3 3.36 7.73 -93.28
CA HIS D 3 3.02 6.90 -92.14
C HIS D 3 2.54 7.83 -91.02
N MET D 4 1.77 7.27 -90.09
CA MET D 4 1.01 8.08 -89.16
C MET D 4 1.85 8.56 -88.00
N SER D 5 1.58 9.80 -87.56
CA SER D 5 2.20 10.35 -86.37
C SER D 5 1.78 9.56 -85.12
N LYS D 6 2.70 9.44 -84.16
CA LYS D 6 2.27 9.11 -82.81
C LYS D 6 1.25 10.16 -82.35
N ALA D 7 0.21 9.69 -81.66
CA ALA D 7 -0.97 10.49 -81.32
C ALA D 7 -1.33 10.31 -79.85
N PHE D 8 -1.81 11.38 -79.20
CA PHE D 8 -2.01 11.37 -77.76
C PHE D 8 -3.30 12.09 -77.39
N ASP D 9 -3.88 11.70 -76.25
CA ASP D 9 -4.98 12.47 -75.69
C ASP D 9 -4.50 13.84 -75.26
N LEU D 10 -3.29 13.90 -74.67
CA LEU D 10 -2.74 15.12 -74.11
C LEU D 10 -1.25 15.18 -74.39
N VAL D 11 -0.78 16.31 -74.87
CA VAL D 11 0.65 16.56 -74.99
C VAL D 11 0.96 17.72 -74.06
N VAL D 12 1.92 17.49 -73.14
CA VAL D 12 2.36 18.51 -72.19
C VAL D 12 3.72 19.02 -72.65
N ILE D 13 3.85 20.32 -72.82
CA ILE D 13 5.14 20.92 -73.14
C ILE D 13 5.70 21.50 -71.84
N GLY D 14 6.81 20.91 -71.38
CA GLY D 14 7.43 21.26 -70.12
C GLY D 14 7.18 20.20 -69.08
N ALA D 15 8.21 19.44 -68.72
CA ALA D 15 8.07 18.36 -67.75
C ALA D 15 8.43 18.84 -66.34
N GLY D 16 7.73 19.88 -65.90
CA GLY D 16 8.02 20.57 -64.65
C GLY D 16 7.03 20.23 -63.55
N SER D 17 6.90 21.14 -62.58
CA SER D 17 6.07 20.82 -61.40
C SER D 17 4.62 20.65 -61.82
N GLY D 18 4.10 21.61 -62.59
CA GLY D 18 2.72 21.51 -63.04
C GLY D 18 2.52 20.42 -64.09
N GLY D 19 3.42 20.36 -65.09
CA GLY D 19 3.19 19.47 -66.21
C GLY D 19 3.36 18.01 -65.88
N LEU D 20 4.26 17.68 -64.95
CA LEU D 20 4.37 16.29 -64.53
C LEU D 20 3.16 15.87 -63.71
N GLU D 21 2.65 16.77 -62.87
CA GLU D 21 1.45 16.43 -62.10
C GLU D 21 0.27 16.16 -63.04
N ALA D 22 0.05 17.06 -64.00
CA ALA D 22 -1.02 16.87 -64.96
C ALA D 22 -0.80 15.61 -65.79
N GLY D 23 0.43 15.40 -66.26
CA GLY D 23 0.70 14.26 -67.12
C GLY D 23 0.49 12.94 -66.41
N TRP D 24 1.10 12.80 -65.23
CA TRP D 24 0.99 11.58 -64.44
C TRP D 24 -0.46 11.30 -64.06
N ASN D 25 -1.19 12.31 -63.59
CA ASN D 25 -2.59 12.10 -63.19
C ASN D 25 -3.46 11.67 -64.37
N ALA D 26 -3.26 12.27 -65.54
CA ALA D 26 -4.08 11.91 -66.69
C ALA D 26 -3.81 10.48 -67.15
N ALA D 27 -2.57 10.00 -67.04
CA ALA D 27 -2.25 8.65 -67.46
C ALA D 27 -2.66 7.60 -66.42
N THR D 28 -2.36 7.83 -65.15
CA THR D 28 -2.54 6.77 -64.15
C THR D 28 -3.94 6.75 -63.56
N LEU D 29 -4.56 7.91 -63.34
CA LEU D 29 -5.90 7.96 -62.78
C LEU D 29 -6.98 7.80 -63.86
N TYR D 30 -6.77 8.39 -65.05
CA TYR D 30 -7.84 8.46 -66.04
C TYR D 30 -7.56 7.70 -67.33
N GLY D 31 -6.49 6.92 -67.37
CA GLY D 31 -6.28 6.02 -68.50
C GLY D 31 -5.91 6.68 -69.81
N LYS D 32 -5.50 7.93 -69.79
CA LYS D 32 -5.23 8.67 -71.01
C LYS D 32 -3.81 8.41 -71.52
N ARG D 33 -3.64 8.59 -72.83
CA ARG D 33 -2.34 8.47 -73.46
C ARG D 33 -1.71 9.85 -73.49
N VAL D 34 -0.53 9.99 -72.86
CA VAL D 34 0.08 11.28 -72.56
C VAL D 34 1.51 11.32 -73.10
N ALA D 35 1.88 12.44 -73.70
CA ALA D 35 3.25 12.73 -74.07
C ALA D 35 3.70 13.94 -73.30
N VAL D 36 4.97 13.94 -72.85
CA VAL D 36 5.54 15.06 -72.12
C VAL D 36 6.90 15.38 -72.74
N VAL D 37 7.15 16.67 -72.98
CA VAL D 37 8.34 17.16 -73.68
C VAL D 37 9.18 18.01 -72.74
N ASP D 38 10.50 17.79 -72.73
CA ASP D 38 11.42 18.70 -72.05
C ASP D 38 12.76 18.70 -72.78
N VAL D 39 13.58 19.73 -72.52
CA VAL D 39 14.79 19.99 -73.31
C VAL D 39 16.03 19.25 -72.82
N GLN D 40 16.01 18.68 -71.61
CA GLN D 40 17.17 17.99 -71.04
C GLN D 40 16.65 16.90 -70.11
N THR D 41 17.38 15.79 -70.03
CA THR D 41 16.95 14.71 -69.17
C THR D 41 17.54 14.74 -67.76
N SER D 42 18.48 15.65 -67.49
CA SER D 42 19.03 15.79 -66.15
C SER D 42 19.59 17.21 -66.00
N HIS D 43 19.80 17.63 -64.75
CA HIS D 43 20.05 19.04 -64.43
C HIS D 43 21.32 19.58 -65.09
N GLY D 44 21.37 20.92 -65.21
CA GLY D 44 22.60 21.64 -65.41
C GLY D 44 22.75 22.28 -66.78
N PRO D 45 23.85 23.01 -66.98
CA PRO D 45 24.14 23.61 -68.31
C PRO D 45 24.11 22.55 -69.38
N PRO D 46 23.74 22.91 -70.61
CA PRO D 46 23.44 24.27 -71.09
C PRO D 46 22.07 24.82 -70.68
N PHE D 47 21.06 24.02 -70.33
CA PHE D 47 19.71 24.56 -70.22
C PHE D 47 19.18 24.63 -68.80
N TYR D 48 19.90 24.05 -67.83
CA TYR D 48 19.65 24.20 -66.40
C TYR D 48 18.38 23.50 -65.91
N ALA D 49 17.19 24.01 -66.26
CA ALA D 49 16.01 23.22 -65.97
C ALA D 49 15.99 22.00 -66.89
N ALA D 50 15.24 20.99 -66.47
CA ALA D 50 15.29 19.69 -67.14
C ALA D 50 14.08 18.91 -66.66
N LEU D 51 13.87 17.74 -67.25
CA LEU D 51 12.94 16.76 -66.70
C LEU D 51 12.87 16.90 -65.18
N GLY D 52 11.67 17.11 -64.63
CA GLY D 52 11.50 17.44 -63.24
C GLY D 52 11.16 18.90 -62.99
N GLY D 53 11.67 19.79 -63.84
CA GLY D 53 11.30 21.18 -63.80
C GLY D 53 12.28 22.04 -63.05
N THR D 54 11.89 23.32 -62.90
CA THR D 54 12.76 24.30 -62.30
C THR D 54 12.98 24.00 -60.82
N CYS D 55 11.92 23.62 -60.10
CA CYS D 55 12.06 23.38 -58.67
C CYS D 55 13.08 22.28 -58.40
N VAL D 56 12.95 21.15 -59.11
CA VAL D 56 13.81 20.00 -58.87
C VAL D 56 15.25 20.31 -59.26
N ASN D 57 15.46 20.98 -60.38
CA ASN D 57 16.81 21.10 -60.92
C ASN D 57 17.55 22.36 -60.50
N VAL D 58 16.91 23.53 -60.52
CA VAL D 58 17.60 24.77 -60.21
C VAL D 58 16.66 25.70 -59.43
N GLY D 59 15.95 25.15 -58.45
CA GLY D 59 15.01 25.93 -57.66
C GLY D 59 14.89 25.43 -56.25
N CYS D 60 13.66 25.18 -55.79
CA CYS D 60 13.41 24.87 -54.38
C CYS D 60 14.29 23.72 -53.86
N VAL D 61 14.40 22.63 -54.62
CA VAL D 61 15.05 21.45 -54.06
C VAL D 61 16.53 21.73 -53.79
N PRO D 62 17.36 22.08 -54.79
CA PRO D 62 18.79 22.34 -54.48
C PRO D 62 19.03 23.54 -53.59
N LYS D 63 18.25 24.63 -53.73
CA LYS D 63 18.49 25.78 -52.87
C LYS D 63 18.20 25.45 -51.40
N LYS D 64 17.20 24.62 -51.12
CA LYS D 64 16.92 24.29 -49.73
C LYS D 64 18.09 23.53 -49.11
N LEU D 65 18.68 22.61 -49.88
CA LEU D 65 19.88 21.91 -49.41
C LEU D 65 21.01 22.89 -49.13
N MET D 66 21.21 23.86 -50.03
CA MET D 66 22.29 24.83 -49.82
C MET D 66 22.00 25.78 -48.67
N VAL D 67 20.74 26.10 -48.40
CA VAL D 67 20.43 26.91 -47.21
C VAL D 67 20.64 26.09 -45.95
N THR D 68 20.31 24.81 -45.98
CA THR D 68 20.59 23.96 -44.83
C THR D 68 22.08 23.92 -44.55
N GLY D 69 22.90 23.77 -45.59
CA GLY D 69 24.35 23.87 -45.40
C GLY D 69 24.80 25.20 -44.85
N ALA D 70 24.23 26.30 -45.36
CA ALA D 70 24.62 27.60 -44.86
C ALA D 70 24.28 27.76 -43.38
N GLN D 71 23.20 27.15 -42.90
CA GLN D 71 22.81 27.34 -41.51
C GLN D 71 23.83 26.78 -40.53
N TYR D 72 24.73 25.92 -40.99
CA TYR D 72 25.72 25.36 -40.07
C TYR D 72 26.73 26.40 -39.60
N MET D 73 26.97 27.44 -40.39
CA MET D 73 27.74 28.56 -39.87
C MET D 73 27.14 29.04 -38.55
N ASP D 74 25.83 29.23 -38.54
CA ASP D 74 25.16 29.67 -37.31
C ASP D 74 25.20 28.58 -36.23
N HIS D 75 24.95 27.32 -36.60
CA HIS D 75 24.97 26.25 -35.61
C HIS D 75 26.32 26.15 -34.93
N LEU D 76 27.41 26.13 -35.71
CA LEU D 76 28.75 25.99 -35.14
C LEU D 76 29.06 27.11 -34.16
N ARG D 77 28.68 28.34 -34.49
CA ARG D 77 28.94 29.45 -33.56
C ARG D 77 28.04 29.36 -32.32
N GLU D 78 26.76 29.04 -32.50
CA GLU D 78 25.82 29.00 -31.39
C GLU D 78 26.04 27.80 -30.45
N SER D 79 26.73 26.75 -30.90
CA SER D 79 26.96 25.60 -30.03
C SER D 79 27.77 25.96 -28.78
N ALA D 80 28.65 26.97 -28.87
CA ALA D 80 29.52 27.31 -27.74
C ALA D 80 28.72 27.75 -26.52
N GLY D 81 27.58 28.42 -26.71
CA GLY D 81 26.77 28.83 -25.57
C GLY D 81 26.27 27.67 -24.74
N PHE D 82 26.07 26.50 -25.36
CA PHE D 82 25.56 25.31 -24.69
C PHE D 82 26.68 24.35 -24.27
N GLY D 83 27.93 24.77 -24.39
CA GLY D 83 29.06 24.04 -23.83
C GLY D 83 29.92 23.31 -24.84
N TRP D 84 29.65 23.46 -26.13
CA TRP D 84 30.42 22.73 -27.13
C TRP D 84 31.73 23.46 -27.35
N GLU D 85 32.81 22.69 -27.40
CA GLU D 85 34.17 23.19 -27.52
C GLU D 85 34.84 22.46 -28.67
N PHE D 86 35.53 23.21 -29.52
CA PHE D 86 36.34 22.62 -30.58
C PHE D 86 37.27 23.70 -31.09
N ASP D 87 38.23 23.27 -31.90
CA ASP D 87 39.21 24.18 -32.49
C ASP D 87 38.55 25.06 -33.53
N GLY D 88 38.12 26.26 -33.13
CA GLY D 88 37.44 27.16 -34.05
C GLY D 88 38.27 27.58 -35.24
N SER D 89 39.60 27.59 -35.10
CA SER D 89 40.45 28.00 -36.21
C SER D 89 40.60 26.91 -37.26
N SER D 90 40.10 25.70 -37.03
CA SER D 90 40.17 24.65 -38.03
C SER D 90 38.94 24.60 -38.91
N VAL D 91 38.03 25.54 -38.75
CA VAL D 91 36.72 25.48 -39.39
C VAL D 91 36.80 26.15 -40.75
N LYS D 92 36.42 25.42 -41.80
CA LYS D 92 36.36 25.97 -43.13
C LYS D 92 35.18 25.34 -43.86
N ALA D 93 34.63 26.11 -44.79
CA ALA D 93 33.41 25.77 -45.52
C ALA D 93 33.77 25.36 -46.93
N ASN D 94 33.49 24.10 -47.28
CA ASN D 94 33.90 23.55 -48.57
C ASN D 94 32.72 23.60 -49.53
N TRP D 95 32.68 24.66 -50.32
CA TRP D 95 31.64 24.85 -51.34
C TRP D 95 31.60 23.71 -52.35
N LYS D 96 32.76 23.18 -52.74
CA LYS D 96 32.80 22.15 -53.78
C LYS D 96 32.10 20.88 -53.32
N LYS D 97 32.30 20.51 -52.06
CA LYS D 97 31.61 19.33 -51.55
C LYS D 97 30.11 19.58 -51.47
N LEU D 98 29.72 20.78 -51.06
CA LEU D 98 28.29 21.10 -51.01
C LEU D 98 27.66 20.96 -52.39
N ILE D 99 28.33 21.53 -53.42
CA ILE D 99 27.77 21.51 -54.78
C ILE D 99 27.73 20.08 -55.30
N ALA D 100 28.78 19.29 -55.03
CA ALA D 100 28.81 17.90 -55.47
C ALA D 100 27.75 17.07 -54.77
N ALA D 101 27.50 17.33 -53.48
CA ALA D 101 26.42 16.63 -52.79
C ALA D 101 25.08 17.03 -53.36
N LYS D 102 24.89 18.33 -53.60
CA LYS D 102 23.64 18.78 -54.22
C LYS D 102 23.44 18.12 -55.58
N ASN D 103 24.48 18.14 -56.42
CA ASN D 103 24.34 17.58 -57.77
C ASN D 103 23.88 16.14 -57.72
N GLU D 104 24.52 15.32 -56.88
CA GLU D 104 24.18 13.91 -56.84
C GLU D 104 22.74 13.72 -56.39
N ALA D 105 22.28 14.55 -55.44
CA ALA D 105 20.91 14.47 -54.98
C ALA D 105 19.90 14.84 -56.09
N VAL D 106 20.20 15.86 -56.90
CA VAL D 106 19.31 16.19 -58.02
C VAL D 106 19.35 15.10 -59.07
N LEU D 107 20.54 14.61 -59.41
CA LEU D 107 20.64 13.62 -60.47
C LEU D 107 19.86 12.37 -60.12
N ASP D 108 19.84 11.99 -58.83
CA ASP D 108 19.01 10.88 -58.36
C ASP D 108 17.54 11.12 -58.65
N ILE D 109 17.06 12.36 -58.47
CA ILE D 109 15.65 12.63 -58.79
C ILE D 109 15.43 12.54 -60.29
N ASN D 110 16.39 13.02 -61.09
CA ASN D 110 16.27 12.92 -62.55
C ASN D 110 16.13 11.47 -62.97
N LYS D 111 17.06 10.62 -62.52
CA LYS D 111 16.98 9.19 -62.77
C LYS D 111 15.64 8.61 -62.32
N SER D 112 15.19 9.00 -61.12
CA SER D 112 13.91 8.54 -60.63
C SER D 112 12.78 8.79 -61.64
N TYR D 113 12.75 10.00 -62.22
CA TYR D 113 11.70 10.37 -63.17
C TYR D 113 11.81 9.58 -64.47
N GLU D 114 13.03 9.25 -64.89
CA GLU D 114 13.17 8.44 -66.09
C GLU D 114 12.53 7.07 -65.89
N GLY D 115 12.86 6.41 -64.77
CA GLY D 115 12.26 5.12 -64.51
C GLY D 115 10.75 5.15 -64.47
N MET D 116 10.17 6.26 -64.01
CA MET D 116 8.72 6.40 -64.01
C MET D 116 8.16 6.37 -65.43
N PHE D 117 8.79 7.07 -66.36
CA PHE D 117 8.30 7.01 -67.74
C PHE D 117 8.43 5.58 -68.29
N ASN D 118 9.59 4.95 -68.06
CA ASN D 118 9.84 3.62 -68.59
C ASN D 118 8.85 2.59 -68.07
N ASP D 119 8.24 2.85 -66.92
CA ASP D 119 7.43 1.83 -66.27
C ASP D 119 5.93 2.12 -66.30
N THR D 120 5.50 3.31 -66.74
CA THR D 120 4.08 3.68 -66.72
C THR D 120 3.51 3.61 -68.13
N GLU D 121 2.63 2.65 -68.38
CA GLU D 121 2.07 2.49 -69.70
C GLU D 121 1.21 3.71 -70.06
N GLY D 122 1.39 4.20 -71.28
CA GLY D 122 0.67 5.40 -71.69
C GLY D 122 1.24 6.71 -71.22
N LEU D 123 2.45 6.73 -70.65
CA LEU D 123 3.12 7.99 -70.29
C LEU D 123 4.48 8.03 -70.97
N ASP D 124 4.63 8.92 -71.95
CA ASP D 124 5.79 8.91 -72.83
C ASP D 124 6.56 10.22 -72.73
N PHE D 125 7.88 10.13 -72.73
CA PHE D 125 8.74 11.31 -72.67
C PHE D 125 9.36 11.58 -74.03
N PHE D 126 9.47 12.87 -74.39
CA PHE D 126 10.14 13.26 -75.62
C PHE D 126 11.14 14.36 -75.31
N LEU D 127 12.39 14.11 -75.68
CA LEU D 127 13.47 15.06 -75.48
C LEU D 127 13.48 16.03 -76.65
N GLY D 128 13.51 17.34 -76.35
CA GLY D 128 13.65 18.37 -77.37
C GLY D 128 12.86 19.61 -77.00
N TRP D 129 12.66 20.46 -78.01
CA TRP D 129 12.02 21.76 -77.88
C TRP D 129 10.68 21.70 -78.58
N GLY D 130 9.60 21.83 -77.81
CA GLY D 130 8.26 21.70 -78.32
C GLY D 130 7.65 23.06 -78.62
N SER D 131 6.84 23.11 -79.67
CA SER D 131 6.11 24.32 -80.05
C SER D 131 4.85 23.93 -80.78
N LEU D 132 3.99 24.91 -80.98
CA LEU D 132 2.69 24.70 -81.60
C LEU D 132 2.86 24.84 -83.11
N GLU D 133 2.63 23.75 -83.84
CA GLU D 133 2.58 23.89 -85.29
C GLU D 133 1.20 24.35 -85.76
N SER D 134 0.14 23.79 -85.16
CA SER D 134 -1.25 24.18 -85.42
C SER D 134 -2.07 23.77 -84.20
N LYS D 135 -3.40 23.92 -84.30
CA LYS D 135 -4.27 23.78 -83.13
C LYS D 135 -4.19 22.42 -82.46
N ASN D 136 -3.81 21.36 -83.21
CA ASN D 136 -3.71 20.03 -82.65
C ASN D 136 -2.43 19.33 -83.10
N VAL D 137 -1.35 20.10 -83.29
CA VAL D 137 -0.07 19.54 -83.72
C VAL D 137 1.05 20.18 -82.90
N VAL D 138 1.79 19.37 -82.16
CA VAL D 138 3.00 19.79 -81.47
C VAL D 138 4.19 19.25 -82.24
N VAL D 139 5.19 20.10 -82.48
CA VAL D 139 6.44 19.65 -83.08
C VAL D 139 7.54 19.73 -82.03
N VAL D 140 8.41 18.72 -82.02
CA VAL D 140 9.59 18.67 -81.15
C VAL D 140 10.82 18.83 -82.04
N ARG D 141 11.60 19.87 -81.79
CA ARG D 141 12.75 20.21 -82.60
C ARG D 141 14.05 20.01 -81.84
N GLU D 142 15.14 20.00 -82.61
CA GLU D 142 16.48 19.82 -82.06
C GLU D 142 16.86 20.92 -81.07
N THR D 143 16.66 22.17 -81.44
CA THR D 143 16.98 23.30 -80.56
C THR D 143 15.79 24.23 -80.48
N ALA D 144 15.97 25.32 -79.73
CA ALA D 144 14.97 26.37 -79.67
C ALA D 144 14.81 27.11 -81.00
N ASP D 145 15.81 27.04 -81.87
CA ASP D 145 15.75 27.66 -83.19
C ASP D 145 14.58 27.08 -83.97
N PRO D 146 13.56 27.87 -84.33
CA PRO D 146 12.40 27.32 -85.06
C PRO D 146 12.76 26.81 -86.46
N LYS D 147 14.01 26.93 -86.88
CA LYS D 147 14.47 26.38 -88.13
C LYS D 147 15.28 25.10 -87.95
N SER D 148 15.50 24.64 -86.71
CA SER D 148 16.21 23.39 -86.49
C SER D 148 15.33 22.19 -86.86
N ALA D 149 15.98 21.02 -86.96
CA ALA D 149 15.31 19.82 -87.45
C ALA D 149 14.13 19.41 -86.58
N VAL D 150 13.06 18.95 -87.22
CA VAL D 150 11.90 18.40 -86.53
C VAL D 150 12.22 16.96 -86.16
N LYS D 151 12.25 16.65 -84.85
CA LYS D 151 12.50 15.28 -84.41
C LYS D 151 11.22 14.47 -84.44
N GLU D 152 10.11 15.07 -84.01
CA GLU D 152 8.83 14.38 -83.90
C GLU D 152 7.73 15.38 -84.20
N ARG D 153 6.67 14.89 -84.84
CA ARG D 153 5.46 15.66 -85.08
C ARG D 153 4.32 14.86 -84.45
N LEU D 154 3.76 15.39 -83.37
CA LEU D 154 2.80 14.65 -82.56
C LEU D 154 1.39 15.20 -82.78
N GLN D 155 0.44 14.29 -82.94
CA GLN D 155 -0.97 14.64 -82.97
C GLN D 155 -1.51 14.71 -81.54
N ALA D 156 -2.12 15.83 -81.17
CA ALA D 156 -2.59 16.02 -79.80
C ALA D 156 -4.06 16.43 -79.80
N ASP D 157 -4.90 15.66 -79.08
CA ASP D 157 -6.27 16.12 -78.84
C ASP D 157 -6.30 17.35 -77.95
N HIS D 158 -5.46 17.39 -76.92
CA HIS D 158 -5.37 18.50 -75.98
C HIS D 158 -3.92 18.90 -75.80
N ILE D 159 -3.68 20.19 -75.59
CA ILE D 159 -2.31 20.72 -75.44
C ILE D 159 -2.20 21.48 -74.13
N LEU D 160 -1.20 21.15 -73.33
CA LEU D 160 -0.93 21.84 -72.07
C LEU D 160 0.40 22.58 -72.16
N LEU D 161 0.35 23.90 -71.95
CA LEU D 161 1.53 24.75 -71.91
C LEU D 161 2.02 24.87 -70.47
N ALA D 162 3.24 24.42 -70.21
CA ALA D 162 3.78 24.44 -68.86
C ALA D 162 5.29 24.56 -68.90
N THR D 163 5.79 25.55 -69.67
CA THR D 163 7.21 25.79 -69.86
C THR D 163 7.86 26.64 -68.78
N GLY D 164 7.09 27.15 -67.80
CA GLY D 164 7.68 27.82 -66.65
C GLY D 164 8.07 29.28 -66.91
N SER D 165 9.13 29.70 -66.23
CA SER D 165 9.65 31.07 -66.28
C SER D 165 11.17 31.04 -66.44
N TRP D 166 11.76 32.22 -66.57
CA TRP D 166 13.17 32.39 -66.88
C TRP D 166 13.69 33.62 -66.16
N PRO D 167 14.96 33.66 -65.77
CA PRO D 167 15.48 34.85 -65.08
C PRO D 167 15.45 36.07 -65.99
N GLN D 168 14.92 37.17 -65.47
CA GLN D 168 14.85 38.43 -66.19
C GLN D 168 16.18 39.17 -66.08
N MET D 169 16.75 39.57 -67.21
CA MET D 169 18.02 40.28 -67.22
C MET D 169 17.82 41.70 -67.73
N PRO D 170 18.19 42.73 -66.95
CA PRO D 170 17.95 44.11 -67.40
C PRO D 170 18.88 44.51 -68.53
N ALA D 171 18.36 45.33 -69.43
CA ALA D 171 19.13 45.78 -70.59
C ALA D 171 20.04 46.93 -70.17
N ILE D 172 21.25 46.59 -69.73
CA ILE D 172 22.25 47.61 -69.41
C ILE D 172 23.56 47.23 -70.07
N PRO D 173 24.45 48.20 -70.30
CA PRO D 173 25.80 47.87 -70.76
C PRO D 173 26.51 46.95 -69.78
N GLY D 174 26.92 45.78 -70.29
CA GLY D 174 27.67 44.83 -69.50
C GLY D 174 26.87 43.71 -68.89
N ILE D 175 25.58 43.57 -69.25
CA ILE D 175 24.76 42.49 -68.73
C ILE D 175 25.42 41.14 -68.97
N GLU D 176 26.27 41.05 -70.01
CA GLU D 176 26.93 39.80 -70.35
C GLU D 176 27.96 39.37 -69.32
N HIS D 177 28.40 40.27 -68.43
CA HIS D 177 29.30 39.93 -67.35
C HIS D 177 28.57 39.45 -66.09
N CYS D 178 27.25 39.40 -66.12
CA CYS D 178 26.43 39.03 -64.98
C CYS D 178 25.93 37.59 -65.14
N ILE D 179 25.51 36.99 -64.02
CA ILE D 179 24.87 35.67 -64.10
C ILE D 179 23.50 35.77 -63.45
N SER D 180 22.77 34.66 -63.45
CA SER D 180 21.51 34.53 -62.72
C SER D 180 21.64 33.40 -61.70
N SER D 181 20.51 33.09 -61.05
CA SER D 181 20.46 31.97 -60.13
C SER D 181 20.87 30.67 -60.83
N ASN D 182 20.56 30.52 -62.13
CA ASN D 182 20.89 29.31 -62.86
C ASN D 182 22.37 28.97 -62.74
N GLU D 183 23.24 29.93 -63.08
CA GLU D 183 24.67 29.72 -63.01
C GLU D 183 25.17 29.66 -61.57
N ALA D 184 24.46 30.31 -60.64
CA ALA D 184 24.90 30.30 -59.24
C ALA D 184 24.99 28.88 -58.70
N PHE D 185 24.12 27.99 -59.16
CA PHE D 185 24.14 26.61 -58.69
C PHE D 185 25.35 25.82 -59.13
N TYR D 186 26.20 26.37 -60.01
CA TYR D 186 27.29 25.60 -60.62
C TYR D 186 28.64 26.28 -60.52
N LEU D 187 28.75 27.39 -59.78
CA LEU D 187 30.03 28.07 -59.67
C LEU D 187 31.13 27.10 -59.23
N PRO D 188 32.28 27.07 -59.90
CA PRO D 188 33.35 26.16 -59.48
C PRO D 188 33.93 26.50 -58.11
N GLU D 189 33.96 27.78 -57.74
CA GLU D 189 34.50 28.26 -56.48
C GLU D 189 33.53 29.27 -55.88
N PRO D 190 33.43 29.32 -54.55
CA PRO D 190 32.57 30.32 -53.92
C PRO D 190 33.16 31.73 -54.11
N PRO D 191 32.33 32.72 -54.40
CA PRO D 191 32.86 34.06 -54.69
C PRO D 191 33.33 34.77 -53.42
N ARG D 192 34.48 35.43 -53.52
CA ARG D 192 34.95 36.26 -52.41
C ARG D 192 34.03 37.45 -52.22
N ARG D 193 33.80 38.23 -53.29
CA ARG D 193 32.86 39.33 -53.28
C ARG D 193 31.74 39.01 -54.26
N VAL D 194 30.50 39.19 -53.82
CA VAL D 194 29.33 38.95 -54.66
C VAL D 194 28.29 40.04 -54.40
N LEU D 195 27.62 40.48 -55.46
CA LEU D 195 26.45 41.35 -55.36
C LEU D 195 25.24 40.59 -55.90
N THR D 196 24.23 40.40 -55.05
CA THR D 196 22.92 39.90 -55.49
C THR D 196 22.03 41.10 -55.77
N VAL D 197 21.50 41.19 -56.98
CA VAL D 197 20.69 42.32 -57.43
C VAL D 197 19.22 41.93 -57.34
N GLY D 198 18.46 42.62 -56.50
CA GLY D 198 17.07 42.30 -56.32
C GLY D 198 16.66 42.24 -54.86
N GLY D 199 15.38 42.53 -54.61
CA GLY D 199 14.82 42.45 -53.28
C GLY D 199 13.90 41.29 -53.02
N GLY D 200 13.79 40.31 -53.94
CA GLY D 200 12.91 39.18 -53.77
C GLY D 200 13.57 38.01 -53.05
N PHE D 201 12.76 36.95 -52.85
CA PHE D 201 13.21 35.82 -52.03
C PHE D 201 14.46 35.15 -52.59
N ILE D 202 14.62 35.12 -53.91
CA ILE D 202 15.77 34.47 -54.52
C ILE D 202 17.07 35.22 -54.19
N SER D 203 17.06 36.55 -54.33
CA SER D 203 18.23 37.37 -53.97
C SER D 203 18.55 37.24 -52.48
N VAL D 204 17.54 37.38 -51.62
CA VAL D 204 17.73 37.29 -50.18
C VAL D 204 18.27 35.92 -49.79
N GLU D 205 17.71 34.84 -50.37
CA GLU D 205 18.12 33.50 -49.99
C GLU D 205 19.55 33.22 -50.42
N PHE D 206 19.89 33.55 -51.65
CA PHE D 206 21.26 33.33 -52.11
C PHE D 206 22.28 34.19 -51.36
N ALA D 207 21.91 35.39 -50.91
CA ALA D 207 22.86 36.18 -50.15
C ALA D 207 23.28 35.45 -48.88
N GLY D 208 22.33 34.81 -48.18
CA GLY D 208 22.69 34.04 -47.02
C GLY D 208 23.53 32.82 -47.34
N ILE D 209 23.29 32.20 -48.51
CA ILE D 209 24.09 31.05 -48.93
C ILE D 209 25.53 31.47 -49.15
N PHE D 210 25.74 32.53 -49.94
CA PHE D 210 27.08 33.01 -50.25
C PHE D 210 27.80 33.50 -49.01
N ASN D 211 27.06 34.06 -48.06
CA ASN D 211 27.63 34.58 -46.83
C ASN D 211 28.22 33.48 -45.96
N ALA D 212 27.68 32.27 -46.04
CA ALA D 212 28.20 31.21 -45.20
C ALA D 212 29.41 30.51 -45.82
N TYR D 213 29.51 30.47 -47.14
CA TYR D 213 30.59 29.76 -47.82
C TYR D 213 31.66 30.68 -48.41
N LYS D 214 31.50 31.99 -48.31
CA LYS D 214 32.51 32.92 -48.82
C LYS D 214 33.88 32.65 -48.19
N PRO D 215 34.96 32.87 -48.95
CA PRO D 215 36.30 32.66 -48.42
C PRO D 215 36.72 33.76 -47.45
N PRO D 216 37.94 33.68 -46.91
CA PRO D 216 38.41 34.72 -45.98
C PRO D 216 38.35 36.13 -46.55
N GLY D 217 37.88 37.06 -45.71
CA GLY D 217 37.79 38.45 -46.12
C GLY D 217 36.80 38.74 -47.22
N GLY D 218 35.95 37.77 -47.57
CA GLY D 218 34.91 38.03 -48.54
C GLY D 218 33.79 38.86 -47.96
N LYS D 219 32.86 39.25 -48.82
CA LYS D 219 31.78 40.14 -48.45
C LYS D 219 30.60 39.98 -49.42
N VAL D 220 29.40 39.81 -48.87
CA VAL D 220 28.18 39.73 -49.66
C VAL D 220 27.45 41.07 -49.59
N THR D 221 27.06 41.60 -50.74
CA THR D 221 26.24 42.79 -50.82
C THR D 221 24.98 42.46 -51.61
N LEU D 222 23.83 42.91 -51.09
CA LEU D 222 22.56 42.84 -51.77
C LEU D 222 22.11 44.26 -52.05
N CYS D 223 21.65 44.53 -53.27
CA CYS D 223 21.06 45.83 -53.57
C CYS D 223 19.62 45.67 -54.02
N TYR D 224 18.83 46.71 -53.80
CA TYR D 224 17.42 46.77 -54.19
C TYR D 224 17.11 48.21 -54.57
N ARG D 225 16.32 48.37 -55.64
CA ARG D 225 16.12 49.69 -56.21
C ARG D 225 15.19 50.57 -55.40
N ASN D 226 14.33 50.00 -54.56
CA ASN D 226 13.46 50.81 -53.72
C ASN D 226 13.95 50.75 -52.27
N ASN D 227 13.12 51.25 -51.34
CA ASN D 227 13.57 51.56 -49.98
C ASN D 227 13.66 50.35 -49.07
N LEU D 228 12.94 49.26 -49.33
CA LEU D 228 12.82 48.17 -48.37
C LEU D 228 12.61 46.84 -49.08
N ILE D 229 13.49 45.86 -48.82
CA ILE D 229 13.43 44.59 -49.53
C ILE D 229 12.14 43.83 -49.23
N LEU D 230 11.87 42.80 -50.04
CA LEU D 230 10.79 41.83 -49.82
C LEU D 230 9.40 42.47 -49.85
N ARG D 231 9.17 43.28 -50.89
CA ARG D 231 7.84 43.78 -51.22
C ARG D 231 6.83 42.62 -51.22
N GLY D 232 5.61 42.89 -50.77
CA GLY D 232 4.58 41.89 -50.66
C GLY D 232 4.53 41.16 -49.34
N PHE D 233 5.60 41.20 -48.57
CA PHE D 233 5.59 40.59 -47.26
C PHE D 233 5.20 41.59 -46.20
N ASP D 234 4.97 41.07 -45.00
CA ASP D 234 4.62 41.91 -43.88
C ASP D 234 5.71 42.95 -43.64
N GLU D 235 5.30 44.15 -43.27
CA GLU D 235 6.23 45.26 -43.17
C GLU D 235 7.13 45.13 -41.94
N THR D 236 6.57 44.74 -40.78
CA THR D 236 7.43 44.49 -39.62
C THR D 236 8.50 43.45 -39.95
N ILE D 237 8.11 42.42 -40.70
CA ILE D 237 9.05 41.37 -41.05
C ILE D 237 10.09 41.89 -42.05
N ARG D 238 9.67 42.70 -43.01
CA ARG D 238 10.63 43.23 -43.98
C ARG D 238 11.73 44.03 -43.29
N GLU D 239 11.37 44.76 -42.24
CA GLU D 239 12.36 45.56 -41.51
C GLU D 239 13.20 44.68 -40.59
N GLU D 240 12.57 43.70 -39.94
CA GLU D 240 13.31 42.83 -39.04
C GLU D 240 14.28 41.93 -39.81
N VAL D 241 13.84 41.39 -40.96
CA VAL D 241 14.72 40.60 -41.83
C VAL D 241 15.93 41.41 -42.27
N THR D 242 15.71 42.67 -42.67
CA THR D 242 16.83 43.53 -43.07
C THR D 242 17.85 43.63 -41.94
N LYS D 243 17.39 43.80 -40.71
CA LYS D 243 18.30 43.93 -39.57
C LYS D 243 19.03 42.62 -39.29
N GLN D 244 18.35 41.48 -39.39
CA GLN D 244 19.04 40.25 -39.03
C GLN D 244 20.03 39.84 -40.11
N LEU D 245 19.78 40.19 -41.37
CA LEU D 245 20.79 40.00 -42.40
C LEU D 245 22.01 40.88 -42.13
N THR D 246 21.77 42.14 -41.78
CA THR D 246 22.86 43.05 -41.43
C THR D 246 23.67 42.48 -40.26
N ALA D 247 22.99 42.01 -39.22
CA ALA D 247 23.69 41.49 -38.05
C ALA D 247 24.58 40.31 -38.41
N ASN D 248 24.27 39.58 -39.48
CA ASN D 248 25.06 38.41 -39.84
C ASN D 248 26.13 38.73 -40.90
N GLY D 249 26.32 40.01 -41.23
CA GLY D 249 27.46 40.44 -42.03
C GLY D 249 27.18 40.81 -43.46
N ILE D 250 25.92 40.89 -43.88
CA ILE D 250 25.55 41.20 -45.27
C ILE D 250 25.27 42.70 -45.36
N GLU D 251 25.74 43.32 -46.42
N GLU D 251 25.74 43.34 -46.42
N GLU D 251 25.74 43.32 -46.42
N GLU D 251 25.74 43.34 -46.42
CA GLU D 251 25.50 44.74 -46.66
CA GLU D 251 25.50 44.76 -46.64
CA GLU D 251 25.50 44.74 -46.66
CA GLU D 251 25.50 44.76 -46.64
C GLU D 251 24.25 44.91 -47.53
C GLU D 251 24.28 44.94 -47.54
C GLU D 251 24.26 44.92 -47.53
C GLU D 251 24.28 44.94 -47.54
N ILE D 252 23.29 45.67 -47.04
CA ILE D 252 22.07 45.98 -47.77
C ILE D 252 22.22 47.36 -48.39
N MET D 253 22.09 47.45 -49.71
CA MET D 253 22.12 48.71 -50.46
C MET D 253 20.72 48.97 -50.99
N THR D 254 19.91 49.67 -50.22
CA THR D 254 18.59 50.06 -50.69
C THR D 254 18.67 51.37 -51.48
N ASN D 255 17.66 51.58 -52.34
CA ASN D 255 17.58 52.75 -53.22
C ASN D 255 18.77 52.81 -54.18
N GLU D 256 19.22 51.64 -54.64
CA GLU D 256 20.37 51.54 -55.52
C GLU D 256 20.04 50.55 -56.62
N ASN D 257 20.48 50.86 -57.83
CA ASN D 257 20.16 50.03 -58.96
C ASN D 257 21.32 50.08 -59.95
N PRO D 258 21.85 48.94 -60.36
CA PRO D 258 22.96 48.96 -61.33
C PRO D 258 22.55 49.64 -62.64
N ALA D 259 23.52 50.37 -63.21
CA ALA D 259 23.36 51.03 -64.50
C ALA D 259 24.29 50.49 -65.58
N LYS D 260 25.43 49.92 -65.20
CA LYS D 260 26.32 49.25 -66.15
C LYS D 260 27.34 48.42 -65.39
N VAL D 261 27.93 47.45 -66.09
CA VAL D 261 28.95 46.58 -65.55
C VAL D 261 30.05 46.48 -66.59
N SER D 262 31.30 46.58 -66.14
CA SER D 262 32.46 46.43 -67.01
C SER D 262 33.43 45.44 -66.37
N LEU D 263 34.30 44.87 -67.20
CA LEU D 263 35.30 43.91 -66.72
C LEU D 263 36.59 44.63 -66.35
N ASN D 264 37.06 44.42 -65.13
CA ASN D 264 38.36 44.88 -64.68
C ASN D 264 39.46 44.00 -65.29
N THR D 265 40.68 44.55 -65.33
CA THR D 265 41.77 43.84 -65.99
C THR D 265 42.07 42.49 -65.34
N ASP D 266 41.68 42.29 -64.09
CA ASP D 266 41.94 41.05 -63.37
C ASP D 266 40.76 40.09 -63.40
N GLY D 267 39.68 40.42 -64.12
CA GLY D 267 38.54 39.55 -64.26
C GLY D 267 37.37 39.84 -63.34
N SER D 268 37.56 40.68 -62.34
CA SER D 268 36.45 41.09 -61.49
C SER D 268 35.55 42.06 -62.24
N LYS D 269 34.39 42.33 -61.66
CA LYS D 269 33.36 43.17 -62.27
C LYS D 269 33.32 44.52 -61.59
N HIS D 270 33.23 45.57 -62.41
CA HIS D 270 33.12 46.93 -61.90
C HIS D 270 31.69 47.39 -62.12
N VAL D 271 30.94 47.57 -61.04
CA VAL D 271 29.53 47.92 -61.10
C VAL D 271 29.39 49.42 -60.85
N THR D 272 28.69 50.10 -61.74
CA THR D 272 28.31 51.48 -61.55
C THR D 272 26.81 51.54 -61.34
N PHE D 273 26.39 52.20 -60.28
CA PHE D 273 24.98 52.35 -59.97
C PHE D 273 24.42 53.61 -60.59
N GLU D 274 23.09 53.67 -60.72
CA GLU D 274 22.44 54.86 -61.26
C GLU D 274 22.75 56.10 -60.44
N SER D 275 23.02 55.95 -59.15
CA SER D 275 23.38 57.09 -58.32
C SER D 275 24.80 57.56 -58.53
N GLY D 276 25.66 56.75 -59.16
CA GLY D 276 27.07 57.08 -59.31
C GLY D 276 27.97 56.35 -58.35
N LYS D 277 27.42 55.71 -57.33
CA LYS D 277 28.17 54.78 -56.51
C LYS D 277 28.75 53.66 -57.38
N THR D 278 29.89 53.11 -56.96
CA THR D 278 30.52 52.00 -57.66
C THR D 278 30.77 50.89 -56.66
N LEU D 279 31.09 49.70 -57.20
CA LEU D 279 31.38 48.55 -56.36
C LEU D 279 32.05 47.49 -57.22
N ASP D 280 33.17 46.96 -56.74
CA ASP D 280 33.88 45.88 -57.41
C ASP D 280 33.58 44.56 -56.71
N VAL D 281 33.19 43.56 -57.50
CA VAL D 281 32.80 42.26 -56.97
C VAL D 281 33.33 41.20 -57.93
N ASP D 282 33.34 39.96 -57.46
CA ASP D 282 33.70 38.84 -58.32
C ASP D 282 32.51 38.25 -59.04
N VAL D 283 31.31 38.33 -58.48
CA VAL D 283 30.10 37.85 -59.15
C VAL D 283 28.99 38.87 -58.99
N VAL D 284 28.30 39.17 -60.08
CA VAL D 284 27.06 39.93 -60.04
C VAL D 284 25.95 38.95 -60.39
N MET D 285 25.12 38.56 -59.40
CA MET D 285 23.97 37.70 -59.65
C MET D 285 22.71 38.56 -59.75
N MET D 286 22.18 38.66 -60.96
CA MET D 286 20.93 39.37 -61.21
C MET D 286 19.75 38.49 -60.80
N ALA D 287 18.89 39.00 -59.91
CA ALA D 287 17.69 38.31 -59.51
C ALA D 287 16.58 39.34 -59.30
N ILE D 288 16.28 40.09 -60.36
CA ILE D 288 15.29 41.17 -60.28
C ILE D 288 13.89 40.70 -60.63
N GLY D 289 13.75 39.49 -61.13
CA GLY D 289 12.44 38.95 -61.48
C GLY D 289 12.62 37.75 -62.37
N ARG D 290 11.50 37.09 -62.64
CA ARG D 290 11.42 36.00 -63.60
C ARG D 290 10.21 36.25 -64.49
N ILE D 291 10.36 35.96 -65.78
CA ILE D 291 9.32 36.23 -66.76
C ILE D 291 8.78 34.94 -67.36
N PRO D 292 7.52 34.92 -67.79
CA PRO D 292 6.97 33.70 -68.40
C PRO D 292 7.75 33.31 -69.66
N ARG D 293 7.98 32.01 -69.78
CA ARG D 293 8.83 31.45 -70.83
C ARG D 293 7.92 31.11 -72.01
N THR D 294 7.69 32.10 -72.89
CA THR D 294 6.70 32.00 -73.96
C THR D 294 7.29 32.09 -75.35
N ASN D 295 8.55 32.53 -75.48
CA ASN D 295 9.13 32.86 -76.78
C ASN D 295 9.24 31.65 -77.70
N ASP D 296 9.62 30.51 -77.16
CA ASP D 296 9.92 29.37 -78.01
C ASP D 296 8.68 28.59 -78.44
N LEU D 297 7.52 28.86 -77.83
CA LEU D 297 6.33 28.07 -78.12
C LEU D 297 5.72 28.37 -79.50
N GLN D 298 6.06 29.51 -80.10
CA GLN D 298 5.50 29.95 -81.39
C GLN D 298 3.99 30.12 -81.29
N LEU D 299 3.53 30.79 -80.24
CA LEU D 299 2.11 30.91 -80.00
C LEU D 299 1.35 31.59 -81.13
N GLY D 300 2.02 32.43 -81.93
CA GLY D 300 1.36 33.08 -83.06
C GLY D 300 0.84 32.12 -84.11
N ASN D 301 1.38 30.89 -84.16
CA ASN D 301 0.88 29.89 -85.10
C ASN D 301 -0.59 29.56 -84.87
N VAL D 302 -1.10 29.79 -83.66
CA VAL D 302 -2.48 29.42 -83.34
C VAL D 302 -3.21 30.60 -82.69
N GLY D 303 -2.48 31.68 -82.43
CA GLY D 303 -3.07 32.83 -81.79
C GLY D 303 -3.44 32.67 -80.33
N VAL D 304 -2.58 32.05 -79.52
CA VAL D 304 -2.80 32.03 -78.08
C VAL D 304 -2.53 33.42 -77.51
N LYS D 305 -3.51 33.96 -76.79
CA LYS D 305 -3.46 35.35 -76.34
C LYS D 305 -2.62 35.53 -75.08
N LEU D 306 -1.68 36.47 -75.13
CA LEU D 306 -0.91 36.85 -73.97
C LEU D 306 -1.59 38.01 -73.22
N THR D 307 -1.26 38.16 -71.95
CA THR D 307 -1.64 39.35 -71.21
C THR D 307 -0.66 40.46 -71.53
N PRO D 308 -0.96 41.69 -71.10
CA PRO D 308 0.03 42.77 -71.26
C PRO D 308 1.37 42.49 -70.59
N LYS D 309 1.37 41.79 -69.44
CA LYS D 309 2.60 41.45 -68.75
C LYS D 309 3.41 40.36 -69.47
N GLY D 310 2.81 39.61 -70.39
CA GLY D 310 3.49 38.59 -71.15
C GLY D 310 3.15 37.17 -70.78
N GLY D 311 2.36 36.93 -69.73
CA GLY D 311 1.90 35.60 -69.42
C GLY D 311 0.80 35.14 -70.36
N VAL D 312 0.67 33.82 -70.52
CA VAL D 312 -0.47 33.28 -71.25
C VAL D 312 -1.74 33.60 -70.49
N GLN D 313 -2.70 34.21 -71.17
CA GLN D 313 -3.94 34.56 -70.51
C GLN D 313 -4.80 33.31 -70.32
N VAL D 314 -5.34 33.12 -69.12
CA VAL D 314 -6.19 31.97 -68.86
C VAL D 314 -7.39 32.41 -68.02
N ASP D 315 -8.47 31.62 -68.11
CA ASP D 315 -9.60 31.79 -67.22
C ASP D 315 -9.37 30.98 -65.94
N GLU D 316 -10.41 30.88 -65.10
CA GLU D 316 -10.28 30.21 -63.80
C GLU D 316 -10.00 28.72 -63.92
N PHE D 317 -10.36 28.10 -65.05
CA PHE D 317 -10.11 26.68 -65.26
C PHE D 317 -8.90 26.44 -66.15
N SER D 318 -8.01 27.44 -66.26
CA SER D 318 -6.72 27.38 -66.95
C SER D 318 -6.84 27.32 -68.47
N ARG D 319 -8.02 27.65 -69.01
CA ARG D 319 -8.20 27.63 -70.45
C ARG D 319 -7.72 28.93 -71.09
N THR D 320 -7.02 28.81 -72.22
CA THR D 320 -6.68 29.95 -73.06
C THR D 320 -7.84 30.24 -74.00
N ASN D 321 -7.63 31.17 -74.92
CA ASN D 321 -8.68 31.49 -75.88
C ASN D 321 -8.87 30.39 -76.90
N VAL D 322 -7.82 29.63 -77.22
CA VAL D 322 -7.90 28.56 -78.22
C VAL D 322 -8.40 27.28 -77.55
N PRO D 323 -9.49 26.70 -78.03
CA PRO D 323 -10.03 25.49 -77.39
C PRO D 323 -9.03 24.32 -77.46
N ASN D 324 -9.02 23.54 -76.38
CA ASN D 324 -8.15 22.39 -76.18
C ASN D 324 -6.72 22.79 -75.89
N ILE D 325 -6.44 24.06 -75.65
CA ILE D 325 -5.11 24.52 -75.27
C ILE D 325 -5.20 25.19 -73.90
N TYR D 326 -4.40 24.71 -72.96
CA TYR D 326 -4.41 25.17 -71.57
C TYR D 326 -3.00 25.62 -71.17
N ALA D 327 -2.93 26.30 -70.03
CA ALA D 327 -1.68 26.82 -69.49
C ALA D 327 -1.76 26.84 -67.98
N ILE D 328 -0.68 26.41 -67.32
CA ILE D 328 -0.58 26.39 -65.87
C ILE D 328 0.81 26.82 -65.44
N GLY D 329 0.93 27.15 -64.15
CA GLY D 329 2.23 27.43 -63.59
C GLY D 329 2.75 28.82 -63.88
N ASP D 330 4.08 28.95 -63.79
CA ASP D 330 4.74 30.24 -63.96
C ASP D 330 4.41 30.91 -65.29
N ILE D 331 4.13 30.12 -66.34
CA ILE D 331 3.88 30.71 -67.64
C ILE D 331 2.65 31.60 -67.62
N THR D 332 1.73 31.41 -66.66
CA THR D 332 0.56 32.28 -66.51
C THR D 332 0.84 33.53 -65.70
N ASP D 333 2.02 33.63 -65.08
CA ASP D 333 2.50 34.86 -64.45
C ASP D 333 1.58 35.33 -63.33
N ARG D 334 1.07 34.39 -62.55
CA ARG D 334 0.31 34.76 -61.36
C ARG D 334 1.17 34.47 -60.12
N LEU D 335 0.82 33.48 -59.31
CA LEU D 335 1.67 33.07 -58.19
C LEU D 335 2.71 32.07 -58.70
N MET D 336 3.99 32.44 -58.58
CA MET D 336 5.07 31.56 -59.03
C MET D 336 5.56 30.73 -57.84
N LEU D 337 4.81 29.66 -57.56
CA LEU D 337 5.16 28.68 -56.53
C LEU D 337 4.97 27.29 -57.11
N THR D 338 5.69 26.33 -56.56
CA THR D 338 5.63 24.97 -57.09
C THR D 338 4.33 24.24 -56.70
N PRO D 339 3.85 24.32 -55.46
CA PRO D 339 2.58 23.63 -55.16
C PRO D 339 1.37 24.28 -55.83
N VAL D 340 1.45 25.55 -56.19
CA VAL D 340 0.36 26.14 -56.94
C VAL D 340 0.31 25.55 -58.34
N ALA D 341 1.47 25.41 -59.00
CA ALA D 341 1.49 24.79 -60.32
C ALA D 341 1.00 23.34 -60.27
N ILE D 342 1.41 22.59 -59.25
CA ILE D 342 0.95 21.22 -59.08
C ILE D 342 -0.57 21.19 -58.94
N ASN D 343 -1.12 22.07 -58.08
CA ASN D 343 -2.56 22.15 -57.84
C ASN D 343 -3.33 22.54 -59.12
N GLU D 344 -2.84 23.53 -59.87
CA GLU D 344 -3.46 23.88 -61.14
C GLU D 344 -3.45 22.69 -62.11
N GLY D 345 -2.34 21.96 -62.16
CA GLY D 345 -2.24 20.84 -63.08
C GLY D 345 -3.19 19.70 -62.73
N ALA D 346 -3.32 19.39 -61.43
CA ALA D 346 -4.27 18.38 -60.99
C ALA D 346 -5.72 18.83 -61.22
N ALA D 347 -6.01 20.10 -60.91
CA ALA D 347 -7.35 20.64 -61.16
C ALA D 347 -7.73 20.60 -62.63
N LEU D 348 -6.77 20.87 -63.52
CA LEU D 348 -7.10 20.91 -64.95
C LEU D 348 -7.42 19.50 -65.48
N VAL D 349 -6.67 18.50 -65.04
CA VAL D 349 -6.87 17.13 -65.50
C VAL D 349 -8.15 16.55 -64.91
N ASP D 350 -8.48 16.93 -63.67
CA ASP D 350 -9.79 16.59 -63.12
C ASP D 350 -10.92 17.19 -63.96
N THR D 351 -10.70 18.36 -64.54
CA THR D 351 -11.78 19.03 -65.27
C THR D 351 -11.92 18.46 -66.68
N VAL D 352 -10.81 18.36 -67.41
CA VAL D 352 -10.83 17.89 -68.79
C VAL D 352 -11.03 16.38 -68.88
N PHE D 353 -10.33 15.60 -68.05
CA PHE D 353 -10.31 14.15 -68.21
C PHE D 353 -11.00 13.42 -67.07
N GLY D 354 -11.30 14.10 -65.97
CA GLY D 354 -12.13 13.58 -64.92
C GLY D 354 -13.56 14.04 -65.08
N ASN D 355 -14.36 13.76 -64.08
CA ASN D 355 -15.76 14.13 -64.10
C ASN D 355 -16.05 15.04 -62.92
N LYS D 356 -15.02 15.78 -62.49
CA LYS D 356 -15.06 16.63 -61.30
C LYS D 356 -14.43 17.96 -61.65
N PRO D 357 -15.18 18.88 -62.25
CA PRO D 357 -14.64 20.21 -62.52
C PRO D 357 -14.19 20.86 -61.22
N ARG D 358 -13.05 21.54 -61.29
CA ARG D 358 -12.46 22.15 -60.11
C ARG D 358 -11.53 23.25 -60.57
N LYS D 359 -11.52 24.36 -59.83
CA LYS D 359 -10.58 25.45 -60.11
C LYS D 359 -9.71 25.70 -58.89
N THR D 360 -8.45 26.08 -59.16
CA THR D 360 -7.51 26.41 -58.10
C THR D 360 -7.93 27.70 -57.38
N ASP D 361 -7.81 27.70 -56.05
CA ASP D 361 -8.04 28.91 -55.25
C ASP D 361 -6.67 29.54 -54.98
N HIS D 362 -6.46 30.73 -55.52
CA HIS D 362 -5.20 31.43 -55.43
C HIS D 362 -5.12 32.35 -54.23
N THR D 363 -6.10 32.32 -53.34
CA THR D 363 -6.07 33.12 -52.13
C THR D 363 -5.68 32.24 -50.94
N ARG D 364 -5.00 32.86 -49.97
CA ARG D 364 -4.64 32.21 -48.72
C ARG D 364 -3.68 31.03 -48.94
N VAL D 365 -2.83 31.13 -49.96
CA VAL D 365 -1.76 30.16 -50.17
C VAL D 365 -0.61 30.46 -49.20
N ALA D 366 -0.22 29.46 -48.42
CA ALA D 366 0.94 29.61 -47.54
C ALA D 366 2.24 29.53 -48.34
N SER D 367 3.25 30.28 -47.91
CA SER D 367 4.55 30.25 -48.58
C SER D 367 5.65 30.60 -47.59
N ALA D 368 6.89 30.50 -48.04
CA ALA D 368 8.02 30.65 -47.15
C ALA D 368 9.17 31.37 -47.86
N VAL D 369 10.06 31.95 -47.06
CA VAL D 369 11.36 32.42 -47.53
C VAL D 369 12.43 31.80 -46.68
N PHE D 370 13.32 31.04 -47.31
CA PHE D 370 14.37 30.35 -46.55
C PHE D 370 15.61 31.21 -46.39
N SER D 371 15.35 32.46 -46.02
CA SER D 371 16.34 33.33 -45.39
C SER D 371 16.75 32.76 -44.03
N ILE D 372 17.79 33.33 -43.44
CA ILE D 372 18.33 32.89 -42.17
C ILE D 372 18.24 34.04 -41.18
N PRO D 373 17.27 34.00 -40.24
CA PRO D 373 16.14 33.05 -40.07
C PRO D 373 15.00 33.20 -41.09
N PRO D 374 14.13 32.20 -41.22
CA PRO D 374 13.21 32.14 -42.35
C PRO D 374 11.86 32.83 -42.08
N ILE D 375 11.10 33.01 -43.16
CA ILE D 375 9.76 33.60 -43.11
C ILE D 375 8.74 32.54 -43.49
N GLY D 376 7.61 32.53 -42.78
CA GLY D 376 6.44 31.74 -43.13
C GLY D 376 5.20 32.61 -43.13
N THR D 377 4.37 32.52 -44.17
CA THR D 377 3.26 33.46 -44.26
C THR D 377 2.12 32.83 -45.03
N CYS D 378 0.92 33.31 -44.74
CA CYS D 378 -0.33 32.89 -45.37
C CYS D 378 -1.32 34.01 -45.20
N GLY D 379 -1.92 34.47 -46.30
CA GLY D 379 -2.98 35.46 -46.23
C GLY D 379 -2.52 36.88 -46.49
N LEU D 380 -3.44 37.81 -46.20
CA LEU D 380 -3.29 39.21 -46.53
C LEU D 380 -2.43 39.95 -45.50
N ILE D 381 -1.61 40.89 -45.98
CA ILE D 381 -0.92 41.80 -45.08
C ILE D 381 -1.87 42.92 -44.69
N GLU D 382 -1.56 43.57 -43.55
CA GLU D 382 -2.50 44.49 -42.93
C GLU D 382 -2.81 45.69 -43.84
N GLU D 383 -1.87 46.11 -44.67
CA GLU D 383 -2.12 47.27 -45.53
C GLU D 383 -3.06 46.95 -46.68
N VAL D 384 -3.08 45.71 -47.15
CA VAL D 384 -4.07 45.28 -48.14
C VAL D 384 -5.42 45.09 -47.46
N ALA D 385 -5.42 44.56 -46.25
CA ALA D 385 -6.68 44.30 -45.55
C ALA D 385 -7.40 45.59 -45.22
N ALA D 386 -6.64 46.61 -44.80
CA ALA D 386 -7.22 47.90 -44.48
C ALA D 386 -8.06 48.46 -45.62
N LYS D 387 -7.61 48.26 -46.87
CA LYS D 387 -8.36 48.75 -48.03
C LYS D 387 -9.60 47.91 -48.34
N GLU D 388 -9.68 46.68 -47.85
CA GLU D 388 -10.82 45.82 -48.17
C GLU D 388 -11.84 45.71 -47.04
N PHE D 389 -11.49 46.11 -45.81
CA PHE D 389 -12.41 46.00 -44.69
C PHE D 389 -12.45 47.29 -43.89
N GLU D 390 -13.62 47.58 -43.31
CA GLU D 390 -13.79 48.80 -42.53
C GLU D 390 -12.92 48.77 -41.28
N LYS D 391 -12.94 47.65 -40.54
CA LYS D 391 -12.21 47.52 -39.29
C LYS D 391 -11.30 46.30 -39.34
N VAL D 392 -9.99 46.54 -39.25
CA VAL D 392 -8.97 45.50 -39.22
C VAL D 392 -8.24 45.56 -37.89
N ALA D 393 -8.01 44.40 -37.27
CA ALA D 393 -7.24 44.36 -36.04
C ALA D 393 -5.92 43.61 -36.26
N VAL D 394 -4.87 44.00 -35.52
CA VAL D 394 -3.54 43.43 -35.69
C VAL D 394 -3.03 42.96 -34.33
N TYR D 395 -2.82 41.65 -34.20
CA TYR D 395 -2.23 41.05 -33.01
C TYR D 395 -0.77 40.74 -33.33
N MET D 396 0.13 41.17 -32.45
CA MET D 396 1.57 41.09 -32.73
C MET D 396 2.31 40.67 -31.49
N SER D 397 3.21 39.68 -31.64
CA SER D 397 4.16 39.33 -30.60
C SER D 397 5.55 39.32 -31.21
N SER D 398 6.52 39.80 -30.45
CA SER D 398 7.88 39.92 -30.95
C SER D 398 8.84 39.96 -29.77
N PHE D 399 9.82 39.07 -29.78
CA PHE D 399 10.64 38.77 -28.61
C PHE D 399 11.83 37.97 -29.09
N THR D 400 12.98 38.15 -28.44
CA THR D 400 14.10 37.25 -28.67
C THR D 400 13.89 35.98 -27.86
N PRO D 401 13.78 34.81 -28.50
CA PRO D 401 13.58 33.58 -27.74
C PRO D 401 14.73 33.31 -26.77
N LEU D 402 14.49 32.39 -25.84
CA LEU D 402 15.45 32.18 -24.75
C LEU D 402 16.69 31.44 -25.23
N MET D 403 16.53 30.38 -26.04
CA MET D 403 17.72 29.68 -26.52
C MET D 403 18.74 30.64 -27.14
N HIS D 404 18.26 31.74 -27.72
CA HIS D 404 19.19 32.72 -28.30
C HIS D 404 19.75 33.71 -27.28
N ASN D 405 19.14 33.82 -26.09
CA ASN D 405 19.81 34.53 -25.00
C ASN D 405 21.00 33.73 -24.44
N ILE D 406 21.13 32.45 -24.80
CA ILE D 406 22.25 31.60 -24.41
C ILE D 406 23.17 31.37 -25.61
N SER D 407 22.56 31.29 -26.80
CA SER D 407 23.31 31.03 -28.02
C SER D 407 24.23 32.19 -28.39
N GLY D 408 23.89 33.41 -27.98
CA GLY D 408 24.62 34.60 -28.34
C GLY D 408 24.00 35.41 -29.46
N SER D 409 23.20 34.77 -30.32
CA SER D 409 22.52 35.46 -31.42
C SER D 409 21.27 36.16 -30.89
N LYS D 410 21.51 37.17 -30.04
CA LYS D 410 20.41 37.92 -29.45
C LYS D 410 19.68 38.80 -30.46
N TYR D 411 20.22 38.97 -31.67
CA TYR D 411 19.54 39.73 -32.71
C TYR D 411 18.36 38.98 -33.33
N LYS D 412 18.22 37.69 -33.09
CA LYS D 412 17.20 36.87 -33.74
C LYS D 412 15.86 37.04 -33.03
N LYS D 413 15.19 38.15 -33.33
CA LYS D 413 13.83 38.38 -32.82
C LYS D 413 12.84 37.48 -33.53
N PHE D 414 11.96 36.83 -32.78
CA PHE D 414 10.86 36.09 -33.35
C PHE D 414 9.63 36.99 -33.45
N VAL D 415 9.04 37.06 -34.64
CA VAL D 415 7.87 37.90 -34.89
C VAL D 415 6.71 37.01 -35.31
N ALA D 416 5.56 37.19 -34.64
CA ALA D 416 4.33 36.52 -35.02
C ALA D 416 3.19 37.54 -35.07
N LYS D 417 2.48 37.62 -36.20
CA LYS D 417 1.44 38.63 -36.41
C LYS D 417 0.18 37.96 -36.96
N ILE D 418 -0.96 38.27 -36.37
CA ILE D 418 -2.24 37.82 -36.91
C ILE D 418 -3.07 39.04 -37.29
N VAL D 419 -3.53 39.07 -38.53
CA VAL D 419 -4.34 40.16 -39.07
C VAL D 419 -5.77 39.65 -39.19
N THR D 420 -6.73 40.35 -38.56
CA THR D 420 -8.13 39.90 -38.55
C THR D 420 -9.08 40.95 -39.11
N ASN D 421 -10.21 40.46 -39.61
CA ASN D 421 -11.39 41.29 -39.84
C ASN D 421 -12.04 41.49 -38.48
N HIS D 422 -11.93 42.69 -37.94
CA HIS D 422 -12.35 42.87 -36.56
C HIS D 422 -13.88 42.85 -36.39
N SER D 423 -14.64 42.95 -37.48
CA SER D 423 -16.10 42.98 -37.38
C SER D 423 -16.68 41.60 -37.08
N ASP D 424 -16.01 40.51 -37.48
CA ASP D 424 -16.43 39.17 -37.04
C ASP D 424 -15.31 38.31 -36.49
N GLY D 425 -14.05 38.71 -36.59
CA GLY D 425 -12.96 37.95 -36.03
C GLY D 425 -12.21 37.05 -37.01
N THR D 426 -12.65 36.99 -38.26
CA THR D 426 -12.01 36.10 -39.23
C THR D 426 -10.54 36.45 -39.37
N VAL D 427 -9.69 35.43 -39.26
CA VAL D 427 -8.27 35.64 -39.50
C VAL D 427 -8.07 35.81 -41.00
N LEU D 428 -7.50 36.94 -41.39
CA LEU D 428 -7.23 37.26 -42.78
C LEU D 428 -5.81 36.94 -43.22
N GLY D 429 -4.84 37.02 -42.30
CA GLY D 429 -3.46 36.72 -42.63
C GLY D 429 -2.66 36.45 -41.38
N VAL D 430 -1.63 35.60 -41.52
CA VAL D 430 -0.70 35.28 -40.44
C VAL D 430 0.72 35.36 -41.01
N HIS D 431 1.64 35.92 -40.24
CA HIS D 431 2.95 36.29 -40.76
C HIS D 431 4.01 36.03 -39.69
N LEU D 432 5.03 35.25 -40.03
CA LEU D 432 5.96 34.72 -39.04
C LEU D 432 7.40 34.89 -39.51
N LEU D 433 8.29 35.11 -38.54
CA LEU D 433 9.72 35.26 -38.80
C LEU D 433 10.47 34.59 -37.66
N GLY D 434 11.31 33.62 -37.99
CA GLY D 434 12.07 32.91 -36.97
C GLY D 434 12.23 31.45 -37.32
N ASP D 435 13.12 30.79 -36.58
CA ASP D 435 13.39 29.38 -36.81
C ASP D 435 12.09 28.60 -36.79
N GLY D 436 11.90 27.75 -37.80
CA GLY D 436 10.72 26.93 -37.84
C GLY D 436 9.48 27.57 -38.44
N ALA D 437 9.54 28.85 -38.81
CA ALA D 437 8.36 29.53 -39.35
C ALA D 437 7.78 28.83 -40.59
N PRO D 438 8.56 28.40 -41.58
CA PRO D 438 7.96 27.67 -42.72
C PRO D 438 7.18 26.43 -42.30
N GLU D 439 7.66 25.72 -41.28
CA GLU D 439 6.98 24.52 -40.80
C GLU D 439 5.71 24.87 -40.03
N ILE D 440 5.74 25.94 -39.24
CA ILE D 440 4.61 26.34 -38.41
C ILE D 440 3.42 26.75 -39.26
N ILE D 441 3.67 27.35 -40.41
CA ILE D 441 2.63 28.01 -41.17
C ILE D 441 1.76 27.05 -41.97
N GLN D 442 2.23 25.82 -42.23
CA GLN D 442 1.47 24.90 -43.06
C GLN D 442 0.07 24.65 -42.51
N ALA D 443 -0.02 24.26 -41.23
CA ALA D 443 -1.34 24.00 -40.67
C ALA D 443 -2.13 25.29 -40.50
N VAL D 444 -1.46 26.44 -40.49
CA VAL D 444 -2.20 27.70 -40.49
C VAL D 444 -2.95 27.86 -41.80
N GLY D 445 -2.37 27.36 -42.89
CA GLY D 445 -3.08 27.37 -44.18
C GLY D 445 -4.39 26.62 -44.14
N VAL D 446 -4.43 25.49 -43.42
CA VAL D 446 -5.69 24.78 -43.21
C VAL D 446 -6.64 25.62 -42.37
N CYS D 447 -6.13 26.23 -41.31
CA CYS D 447 -6.98 27.06 -40.45
C CYS D 447 -7.67 28.15 -41.26
N LEU D 448 -6.97 28.76 -42.21
CA LEU D 448 -7.57 29.88 -42.91
C LEU D 448 -8.62 29.42 -43.90
N ARG D 449 -8.42 28.26 -44.52
CA ARG D 449 -9.46 27.76 -45.41
C ARG D 449 -10.64 27.16 -44.66
N LEU D 450 -10.52 26.95 -43.35
CA LEU D 450 -11.67 26.67 -42.50
C LEU D 450 -12.25 27.93 -41.88
N ASN D 451 -11.79 29.11 -42.32
CA ASN D 451 -12.29 30.41 -41.86
C ASN D 451 -12.22 30.53 -40.34
N ALA D 452 -11.03 30.22 -39.80
CA ALA D 452 -10.77 30.39 -38.38
C ALA D 452 -10.84 31.86 -37.98
N LYS D 453 -11.29 32.08 -36.76
CA LYS D 453 -11.31 33.39 -36.13
C LYS D 453 -10.20 33.48 -35.09
N ILE D 454 -9.88 34.72 -34.70
CA ILE D 454 -8.84 34.92 -33.68
C ILE D 454 -9.18 34.11 -32.44
N SER D 455 -10.47 33.96 -32.15
CA SER D 455 -10.89 33.24 -30.96
C SER D 455 -10.62 31.73 -31.06
N ASP D 456 -10.64 31.18 -32.28
CA ASP D 456 -10.24 29.78 -32.43
C ASP D 456 -8.76 29.59 -32.10
N PHE D 457 -7.92 30.56 -32.49
CA PHE D 457 -6.51 30.49 -32.11
C PHE D 457 -6.32 30.66 -30.59
N TYR D 458 -7.03 31.62 -29.99
CA TYR D 458 -6.81 31.88 -28.57
C TYR D 458 -7.39 30.77 -27.69
N ASN D 459 -8.54 30.20 -28.08
CA ASN D 459 -9.14 29.12 -27.32
C ASN D 459 -8.30 27.84 -27.34
N THR D 460 -7.42 27.70 -28.31
CA THR D 460 -6.61 26.49 -28.42
C THR D 460 -5.47 26.55 -27.42
N ILE D 461 -5.17 25.41 -26.80
CA ILE D 461 -4.14 25.35 -25.77
C ILE D 461 -2.79 25.13 -26.42
N GLY D 462 -1.81 25.95 -26.03
CA GLY D 462 -0.52 25.93 -26.69
C GLY D 462 0.35 24.75 -26.31
N VAL D 463 1.26 24.42 -27.22
CA VAL D 463 2.34 23.47 -26.96
C VAL D 463 3.50 24.25 -26.36
N HIS D 464 3.99 23.81 -25.20
CA HIS D 464 5.00 24.57 -24.48
C HIS D 464 6.21 23.67 -24.22
N PRO D 465 7.44 24.17 -24.44
CA PRO D 465 7.78 25.47 -25.03
C PRO D 465 8.03 25.40 -26.52
N THR D 466 7.32 26.24 -27.28
CA THR D 466 7.53 26.42 -28.70
C THR D 466 7.48 27.90 -29.04
N SER D 467 7.87 28.23 -30.27
CA SER D 467 7.56 29.53 -30.83
C SER D 467 6.10 29.60 -31.26
N ALA D 468 5.56 28.48 -31.75
CA ALA D 468 4.21 28.48 -32.30
C ALA D 468 3.13 28.76 -31.26
N GLU D 469 3.39 28.45 -29.98
CA GLU D 469 2.35 28.74 -28.97
C GLU D 469 2.04 30.22 -28.87
N GLU D 470 2.86 31.09 -29.46
CA GLU D 470 2.63 32.52 -29.41
C GLU D 470 1.40 32.92 -30.21
N LEU D 471 1.07 32.18 -31.27
CA LEU D 471 -0.14 32.42 -32.05
C LEU D 471 -1.41 32.10 -31.28
N CYS D 472 -1.31 31.39 -30.16
CA CYS D 472 -2.48 30.96 -29.40
C CYS D 472 -2.58 31.66 -28.05
N SER D 473 -1.82 32.74 -27.83
CA SER D 473 -1.82 33.47 -26.58
C SER D 473 -2.17 34.95 -26.76
N MET D 474 -2.61 35.34 -27.94
CA MET D 474 -2.92 36.73 -28.25
C MET D 474 -4.44 36.93 -28.29
N ARG D 475 -4.96 37.75 -27.36
CA ARG D 475 -6.38 38.10 -27.34
C ARG D 475 -6.64 39.59 -27.47
N THR D 476 -5.66 40.44 -27.23
CA THR D 476 -5.84 41.88 -27.28
C THR D 476 -5.12 42.45 -28.50
N PRO D 477 -5.81 43.11 -29.43
CA PRO D 477 -5.11 43.68 -30.59
C PRO D 477 -4.05 44.69 -30.16
N SER D 478 -2.96 44.71 -30.92
CA SER D 478 -1.92 45.72 -30.72
C SER D 478 -2.31 47.07 -31.30
N TYR D 479 -3.07 47.08 -32.39
CA TYR D 479 -3.60 48.31 -32.98
C TYR D 479 -4.65 47.92 -34.01
N TYR D 480 -5.16 48.90 -34.73
CA TYR D 480 -6.30 48.72 -35.62
C TYR D 480 -6.16 49.61 -36.85
N TYR D 481 -6.87 49.25 -37.92
CA TYR D 481 -7.12 50.14 -39.05
C TYR D 481 -8.63 50.33 -39.13
N VAL D 482 -9.07 51.60 -39.06
CA VAL D 482 -10.47 51.96 -39.18
C VAL D 482 -10.61 52.84 -40.42
N LYS D 483 -11.38 52.36 -41.40
CA LYS D 483 -11.54 53.06 -42.67
C LYS D 483 -10.18 53.34 -43.31
N GLY D 484 -9.18 52.49 -43.04
CA GLY D 484 -7.88 52.59 -43.66
C GLY D 484 -6.81 53.28 -42.85
N GLU D 485 -7.14 53.77 -41.65
CA GLU D 485 -6.24 54.59 -40.85
C GLU D 485 -5.85 53.85 -39.58
N LYS D 486 -4.55 53.81 -39.31
CA LYS D 486 -4.00 53.04 -38.20
C LYS D 486 -4.10 53.81 -36.89
N MET D 487 -4.42 53.10 -35.80
CA MET D 487 -4.56 53.72 -34.48
C MET D 487 -4.51 52.65 -33.40
N GLU D 488 -4.18 53.08 -32.18
CA GLU D 488 -3.94 52.11 -31.11
C GLU D 488 -5.23 51.62 -30.44
N LYS D 489 -6.26 52.47 -30.38
CA LYS D 489 -7.57 52.10 -29.85
C LYS D 489 -8.66 52.51 -30.83
N LEU D 490 -9.82 51.86 -30.75
CA LEU D 490 -10.87 52.05 -31.75
C LEU D 490 -11.57 53.42 -31.67
#